data_5ERD
#
_entry.id   5ERD
#
_cell.length_a   90.968
_cell.length_b   114.476
_cell.length_c   226.127
_cell.angle_alpha   90.00
_cell.angle_beta   90.00
_cell.angle_gamma   90.00
#
_symmetry.space_group_name_H-M   'P 21 21 21'
#
loop_
_entity.id
_entity.type
_entity.pdbx_description
1 polymer Desmoglein-2
2 branched beta-D-mannopyranose-(1-4)-2-acetamido-2-deoxy-beta-D-glucopyranose-(1-4)-2-acetamido-2-deoxy-beta-D-glucopyranose
3 branched beta-D-mannopyranose-(1-4)-2-acetamido-2-deoxy-beta-D-glucopyranose-(1-4)-[alpha-L-fucopyranose-(1-6)]2-acetamido-2-deoxy-beta-D-glucopyranose
4 branched 2-acetamido-2-deoxy-beta-D-glucopyranose-(1-4)-2-acetamido-2-deoxy-beta-D-glucopyranose
5 non-polymer 2-acetamido-2-deoxy-beta-D-glucopyranose
6 non-polymer alpha-D-mannopyranose
7 non-polymer 'CALCIUM ION'
8 non-polymer 1,2-ETHANEDIOL
9 water water
#
_entity_poly.entity_id   1
_entity_poly.type   'polypeptide(L)'
_entity_poly.pdbx_seq_one_letter_code
;AWITAPVALREGEDLSKKNPIAKIHSDLAEERGLKITYKYTGKGITEPPFGIFVFNKDTGELNVTSILDREETPFFLLTG
YALDARGNNVEKPLELRIKVLDINDNEPVFTQDVFVGSVEELSAAHTLVMKINATDADEPNTLNSKISYRIVSLEPAYPP
VFYLNKDTGEIYTTSVTLDREEHSSYTLTVEARDGNGEVTDKPVKQAQVQIRILDVNDNIPVVENKVLEGMVEENQVNVE
VTRIKVFDADEIGSDNWLANFTFASGNEGGYFHIETDAQTNEGIVTLIKEVDYEEMKNLDFSVIVANKAAFHKSIRSKYK
PTPIPIKVKVKNVKEGIHFKSSVISIYVSESMDRSSKGQIIGNFQAFDEDTGLPAHARYVKLEDRDNWISVDSVTSEIKL
AKLPDFESRYVQNGTYTVKIVAISEDYPRKTITGTVLINVEDINDNCPTLIEPVQTICHDAEYVNVTAEDLDGHPNSGPF
SFSVIDKPPGMAEKWKIARQESTSVLLQQSEKKLGRSEIQFLISDNQGFSCPEKQVLTLTVCECLHGSGCREAHHHHHH
;
_entity_poly.pdbx_strand_id   A,B
#
loop_
_chem_comp.id
_chem_comp.type
_chem_comp.name
_chem_comp.formula
BMA D-saccharide, beta linking beta-D-mannopyranose 'C6 H12 O6'
CA non-polymer 'CALCIUM ION' 'Ca 2'
EDO non-polymer 1,2-ETHANEDIOL 'C2 H6 O2'
FUC L-saccharide, alpha linking alpha-L-fucopyranose 'C6 H12 O5'
MAN D-saccharide, alpha linking alpha-D-mannopyranose 'C6 H12 O6'
NAG D-saccharide, beta linking 2-acetamido-2-deoxy-beta-D-glucopyranose 'C8 H15 N O6'
#
# COMPACT_ATOMS: atom_id res chain seq x y z
N ALA A 1 25.41 -10.01 -23.26
CA ALA A 1 23.97 -10.39 -23.26
C ALA A 1 23.12 -9.31 -22.60
N TRP A 2 21.82 -9.55 -22.54
CA TRP A 2 20.91 -8.61 -21.92
C TRP A 2 21.09 -8.61 -20.40
N ILE A 3 21.02 -7.43 -19.81
CA ILE A 3 21.04 -7.28 -18.36
C ILE A 3 19.61 -7.25 -17.80
N THR A 4 19.29 -8.22 -16.95
CA THR A 4 17.96 -8.28 -16.37
C THR A 4 17.77 -7.10 -15.42
N ALA A 5 16.65 -6.41 -15.58
CA ALA A 5 16.37 -5.22 -14.79
C ALA A 5 16.32 -5.57 -13.30
N PRO A 6 17.13 -4.90 -12.48
CA PRO A 6 17.11 -5.17 -11.03
C PRO A 6 15.87 -4.64 -10.34
N VAL A 7 15.54 -5.22 -9.19
CA VAL A 7 14.31 -4.91 -8.48
C VAL A 7 14.60 -4.07 -7.25
N ALA A 8 13.76 -3.08 -6.99
CA ALA A 8 13.94 -2.19 -5.84
C ALA A 8 12.86 -2.45 -4.80
N LEU A 9 13.28 -2.58 -3.54
CA LEU A 9 12.37 -2.83 -2.43
C LEU A 9 12.74 -1.95 -1.24
N ARG A 10 11.74 -1.40 -0.57
CA ARG A 10 11.99 -0.49 0.55
C ARG A 10 12.17 -1.26 1.85
N GLU A 11 13.13 -0.82 2.65
CA GLU A 11 13.42 -1.43 3.95
C GLU A 11 12.31 -1.14 4.95
N GLY A 12 12.19 -2.01 5.95
CA GLY A 12 11.36 -1.75 7.10
C GLY A 12 9.88 -1.59 6.80
N GLU A 13 9.39 -2.32 5.82
CA GLU A 13 7.95 -2.33 5.53
C GLU A 13 7.54 -3.70 5.01
N ASP A 14 6.25 -3.99 5.11
CA ASP A 14 5.69 -5.23 4.54
C ASP A 14 5.57 -5.07 3.04
N LEU A 15 6.21 -6.00 2.32
CA LEU A 15 6.28 -5.93 0.86
C LEU A 15 5.40 -6.99 0.21
N SER A 16 4.50 -7.59 0.98
CA SER A 16 3.63 -8.64 0.47
C SER A 16 2.75 -8.12 -0.68
N LYS A 17 2.50 -6.83 -0.67
CA LYS A 17 1.67 -6.19 -1.68
C LYS A 17 2.39 -6.05 -3.03
N LYS A 18 3.63 -6.50 -3.12
CA LYS A 18 4.41 -6.35 -4.35
C LYS A 18 4.80 -7.71 -4.93
N ASN A 19 4.34 -8.77 -4.30
CA ASN A 19 4.64 -10.11 -4.79
C ASN A 19 3.80 -10.45 -6.02
N PRO A 20 4.37 -11.21 -6.97
CA PRO A 20 5.76 -11.65 -7.04
C PRO A 20 6.65 -10.51 -7.49
N ILE A 21 7.83 -10.39 -6.88
CA ILE A 21 8.75 -9.30 -7.19
C ILE A 21 9.52 -9.53 -8.48
N ALA A 22 9.58 -10.78 -8.93
CA ALA A 22 10.24 -11.12 -10.18
C ALA A 22 9.77 -12.46 -10.71
N LYS A 23 10.08 -12.74 -11.98
CA LYS A 23 9.76 -14.03 -12.59
C LYS A 23 10.66 -14.31 -13.77
N ILE A 24 11.35 -15.44 -13.73
CA ILE A 24 12.19 -15.86 -14.85
C ILE A 24 11.44 -16.93 -15.62
N HIS A 25 11.79 -17.10 -16.89
CA HIS A 25 11.08 -18.05 -17.74
C HIS A 25 11.81 -18.27 -19.06
N SER A 26 11.85 -19.51 -19.50
CA SER A 26 12.44 -19.85 -20.79
C SER A 26 11.35 -20.19 -21.79
N ASP A 27 11.56 -19.83 -23.06
CA ASP A 27 10.60 -20.13 -24.12
C ASP A 27 10.82 -21.54 -24.66
N LEU A 28 11.72 -22.29 -24.03
CA LEU A 28 12.01 -23.66 -24.43
C LEU A 28 10.99 -24.66 -23.89
N ALA A 29 10.14 -24.20 -22.98
CA ALA A 29 9.13 -25.08 -22.39
C ALA A 29 7.99 -25.29 -23.36
N GLU A 30 7.44 -24.20 -23.88
CA GLU A 30 6.26 -24.26 -24.73
C GLU A 30 6.62 -24.55 -26.18
N GLU A 31 7.71 -23.95 -26.64
CA GLU A 31 8.12 -24.06 -28.03
C GLU A 31 8.81 -25.39 -28.32
N ARG A 32 9.67 -25.82 -27.40
CA ARG A 32 10.42 -27.06 -27.60
C ARG A 32 9.77 -28.23 -26.85
N GLY A 33 8.75 -27.93 -26.02
CA GLY A 33 7.97 -28.96 -25.35
C GLY A 33 8.73 -29.77 -24.33
N LEU A 34 9.36 -29.09 -23.38
CA LEU A 34 10.14 -29.74 -22.33
C LEU A 34 9.72 -29.22 -20.96
N LYS A 35 9.52 -30.15 -20.03
CA LYS A 35 9.23 -29.78 -18.65
C LYS A 35 10.51 -29.26 -18.00
N ILE A 36 10.52 -27.96 -17.67
CA ILE A 36 11.69 -27.33 -17.05
C ILE A 36 11.34 -26.85 -15.66
N THR A 37 12.25 -27.12 -14.72
CA THR A 37 12.11 -26.67 -13.34
C THR A 37 13.08 -25.52 -13.08
N TYR A 38 12.54 -24.43 -12.52
CA TYR A 38 13.34 -23.26 -12.18
C TYR A 38 13.82 -23.31 -10.74
N LYS A 39 14.93 -22.67 -10.47
CA LYS A 39 15.44 -22.55 -9.11
C LYS A 39 16.39 -21.37 -9.01
N TYR A 40 16.36 -20.71 -7.86
CA TYR A 40 17.24 -19.58 -7.57
C TYR A 40 18.33 -19.96 -6.56
N THR A 41 19.42 -19.21 -6.57
CA THR A 41 20.48 -19.38 -5.58
C THR A 41 21.05 -18.03 -5.19
N GLY A 42 21.60 -17.93 -3.99
CA GLY A 42 22.26 -16.70 -3.55
C GLY A 42 21.84 -16.27 -2.16
N LYS A 43 22.38 -15.14 -1.74
CA LYS A 43 22.06 -14.58 -0.43
C LYS A 43 20.55 -14.40 -0.28
N GLY A 44 19.99 -14.98 0.78
CA GLY A 44 18.56 -14.90 1.03
C GLY A 44 17.85 -16.21 0.72
N ILE A 45 18.55 -17.11 0.05
CA ILE A 45 18.01 -18.41 -0.32
C ILE A 45 18.94 -19.54 0.11
N THR A 46 20.11 -19.61 -0.51
CA THR A 46 21.10 -20.65 -0.19
C THR A 46 22.15 -20.17 0.80
N GLU A 47 22.16 -18.88 1.10
CA GLU A 47 23.13 -18.26 2.01
C GLU A 47 22.44 -17.33 3.00
N PRO A 48 23.09 -17.04 4.14
CA PRO A 48 22.44 -16.26 5.19
C PRO A 48 22.27 -14.78 4.79
N PRO A 49 21.18 -14.13 5.24
CA PRO A 49 20.14 -14.69 6.12
C PRO A 49 19.14 -15.54 5.36
N PHE A 50 18.82 -16.71 5.89
CA PHE A 50 17.94 -17.63 5.21
C PHE A 50 16.49 -17.22 5.38
N GLY A 51 15.64 -17.71 4.48
CA GLY A 51 14.20 -17.50 4.57
C GLY A 51 13.76 -16.08 4.24
N ILE A 52 14.44 -15.47 3.28
CA ILE A 52 14.04 -14.15 2.78
C ILE A 52 13.23 -14.28 1.49
N PHE A 53 13.69 -15.16 0.60
CA PHE A 53 13.07 -15.35 -0.71
C PHE A 53 12.69 -16.81 -0.94
N VAL A 54 11.52 -17.01 -1.54
CA VAL A 54 11.10 -18.36 -1.92
C VAL A 54 10.68 -18.33 -3.38
N PHE A 55 10.78 -19.47 -4.05
CA PHE A 55 10.48 -19.54 -5.48
C PHE A 55 9.65 -20.78 -5.85
N ASN A 56 8.86 -20.63 -6.91
CA ASN A 56 8.05 -21.71 -7.46
C ASN A 56 8.79 -22.43 -8.58
N LYS A 57 9.03 -23.73 -8.40
CA LYS A 57 9.81 -24.50 -9.34
C LYS A 57 9.19 -24.54 -10.73
N ASP A 58 7.87 -24.43 -10.78
CA ASP A 58 7.12 -24.60 -12.04
C ASP A 58 6.97 -23.29 -12.79
N THR A 59 6.51 -22.25 -12.10
CA THR A 59 6.26 -20.95 -12.72
C THR A 59 7.51 -20.09 -12.81
N GLY A 60 8.38 -20.20 -11.80
CA GLY A 60 9.62 -19.43 -11.77
C GLY A 60 9.45 -18.05 -11.13
N GLU A 61 8.39 -17.89 -10.35
CA GLU A 61 8.08 -16.62 -9.74
C GLU A 61 8.85 -16.46 -8.45
N LEU A 62 9.13 -15.21 -8.07
CA LEU A 62 9.80 -14.89 -6.81
C LEU A 62 8.80 -14.29 -5.79
N ASN A 63 9.23 -14.23 -4.55
CA ASN A 63 8.34 -14.06 -3.41
C ASN A 63 9.15 -13.37 -2.31
N VAL A 64 8.64 -12.31 -1.69
CA VAL A 64 9.27 -11.79 -0.47
C VAL A 64 8.57 -12.37 0.75
N THR A 65 9.34 -12.76 1.75
CA THR A 65 8.80 -13.48 2.89
C THR A 65 8.80 -12.63 4.14
N SER A 66 9.88 -11.89 4.34
CA SER A 66 10.07 -11.10 5.56
C SER A 66 10.37 -9.66 5.24
N ILE A 67 10.53 -8.86 6.28
CA ILE A 67 10.89 -7.45 6.15
C ILE A 67 12.39 -7.26 5.98
N LEU A 68 12.77 -6.52 4.96
CA LEU A 68 14.18 -6.32 4.65
C LEU A 68 14.79 -5.25 5.55
N ASP A 69 16.11 -5.32 5.74
CA ASP A 69 16.81 -4.34 6.55
C ASP A 69 18.18 -4.07 5.92
N ARG A 70 18.36 -2.89 5.34
CA ARG A 70 19.57 -2.61 4.58
C ARG A 70 20.79 -2.46 5.48
N GLU A 71 20.56 -2.21 6.77
CA GLU A 71 21.66 -2.14 7.72
C GLU A 71 22.32 -3.53 7.85
N GLU A 72 21.58 -4.58 7.48
CA GLU A 72 22.09 -5.96 7.52
C GLU A 72 22.39 -6.52 6.13
N THR A 73 21.64 -6.07 5.14
CA THR A 73 21.80 -6.55 3.77
C THR A 73 21.58 -5.41 2.77
N PRO A 74 22.65 -4.87 2.20
CA PRO A 74 22.48 -3.71 1.32
C PRO A 74 21.86 -4.10 -0.04
N PHE A 75 22.10 -5.34 -0.45
CA PHE A 75 21.60 -5.83 -1.73
C PHE A 75 21.62 -7.35 -1.74
N PHE A 76 20.84 -7.93 -2.65
CA PHE A 76 20.81 -9.38 -2.85
C PHE A 76 21.14 -9.69 -4.29
N LEU A 77 22.32 -10.25 -4.52
CA LEU A 77 22.73 -10.68 -5.84
C LEU A 77 22.47 -12.18 -6.01
N LEU A 78 21.21 -12.51 -6.28
CA LEU A 78 20.83 -13.90 -6.49
C LEU A 78 20.69 -14.20 -7.98
N THR A 79 20.79 -15.47 -8.34
CA THR A 79 20.78 -15.89 -9.73
C THR A 79 19.75 -16.98 -10.00
N GLY A 80 19.11 -16.90 -11.16
CA GLY A 80 18.06 -17.83 -11.55
C GLY A 80 18.54 -18.86 -12.55
N TYR A 81 17.97 -20.06 -12.46
CA TYR A 81 18.34 -21.17 -13.34
C TYR A 81 17.12 -21.73 -14.05
N ALA A 82 17.36 -22.34 -15.20
CA ALA A 82 16.34 -23.13 -15.90
C ALA A 82 16.92 -24.49 -16.19
N LEU A 83 16.38 -25.51 -15.52
CA LEU A 83 16.92 -26.86 -15.60
C LEU A 83 15.94 -27.84 -16.23
N ASP A 84 16.48 -28.88 -16.85
CA ASP A 84 15.66 -29.96 -17.38
C ASP A 84 15.29 -30.94 -16.26
N ALA A 85 14.56 -31.99 -16.61
CA ALA A 85 14.16 -32.96 -15.59
C ALA A 85 15.35 -33.65 -14.92
N ARG A 86 16.53 -33.66 -15.54
CA ARG A 86 17.70 -34.39 -15.04
C ARG A 86 18.45 -33.63 -13.86
N GLY A 87 18.64 -32.37 -14.20
CA GLY A 87 19.25 -31.33 -13.41
C GLY A 87 20.31 -30.48 -14.08
N ASN A 88 20.36 -30.45 -15.41
CA ASN A 88 21.33 -29.63 -16.13
C ASN A 88 20.71 -28.35 -16.68
N ASN A 89 21.56 -27.35 -16.95
CA ASN A 89 21.09 -26.07 -17.45
C ASN A 89 20.68 -26.12 -18.92
N VAL A 90 19.54 -25.52 -19.24
CA VAL A 90 19.09 -25.37 -20.63
C VAL A 90 19.27 -23.93 -21.08
N GLU A 91 19.31 -23.02 -20.10
CA GLU A 91 19.65 -21.61 -20.34
C GLU A 91 20.83 -21.21 -19.45
N LYS A 92 21.61 -20.25 -19.91
CA LYS A 92 22.71 -19.72 -19.10
C LYS A 92 22.12 -18.95 -17.92
N PRO A 93 22.53 -19.30 -16.69
CA PRO A 93 21.94 -18.65 -15.51
C PRO A 93 22.07 -17.13 -15.55
N LEU A 94 20.98 -16.44 -15.22
CA LEU A 94 20.98 -15.00 -15.21
C LEU A 94 21.17 -14.48 -13.80
N GLU A 95 21.75 -13.27 -13.66
CA GLU A 95 21.85 -12.61 -12.38
C GLU A 95 20.74 -11.59 -12.23
N LEU A 96 20.13 -11.56 -11.05
CA LEU A 96 19.08 -10.60 -10.75
C LEU A 96 19.40 -9.89 -9.44
N ARG A 97 19.76 -8.61 -9.53
CA ARG A 97 20.08 -7.86 -8.34
C ARG A 97 18.82 -7.31 -7.69
N ILE A 98 18.76 -7.40 -6.36
CA ILE A 98 17.68 -6.78 -5.61
C ILE A 98 18.24 -5.72 -4.69
N LYS A 99 18.00 -4.46 -5.01
CA LYS A 99 18.45 -3.33 -4.19
C LYS A 99 17.47 -3.03 -3.06
N VAL A 100 18.00 -2.88 -1.86
CA VAL A 100 17.19 -2.50 -0.71
C VAL A 100 17.33 -1.00 -0.47
N LEU A 101 16.19 -0.31 -0.50
CA LEU A 101 16.18 1.15 -0.37
C LEU A 101 16.26 1.53 1.09
N ASP A 102 17.05 2.58 1.36
CA ASP A 102 17.29 3.04 2.73
C ASP A 102 16.13 3.81 3.31
N ILE A 103 15.95 3.70 4.61
CA ILE A 103 15.05 4.58 5.34
C ILE A 103 15.76 5.01 6.64
N ASN A 104 15.39 6.18 7.16
CA ASN A 104 16.05 6.75 8.32
C ASN A 104 15.56 6.14 9.63
N ASP A 105 15.81 4.85 9.81
CA ASP A 105 15.18 4.08 10.87
C ASP A 105 16.09 3.78 12.07
N ASN A 106 17.12 4.59 12.25
CA ASN A 106 17.89 4.56 13.49
C ASN A 106 18.61 5.89 13.70
N GLU A 107 18.61 6.34 14.95
CA GLU A 107 19.06 7.67 15.29
C GLU A 107 20.58 7.71 15.49
N PRO A 108 21.19 8.91 15.44
CA PRO A 108 22.61 9.02 15.77
C PRO A 108 22.82 8.86 17.25
N VAL A 109 23.82 8.06 17.63
CA VAL A 109 24.12 7.76 19.02
C VAL A 109 25.58 8.08 19.35
N PHE A 110 25.80 8.66 20.52
CA PHE A 110 27.13 9.07 20.91
C PHE A 110 28.00 7.88 21.30
N THR A 111 29.30 8.00 21.07
CA THR A 111 30.24 6.94 21.44
C THR A 111 30.39 6.85 22.96
N GLN A 112 29.98 7.89 23.66
CA GLN A 112 30.09 7.91 25.11
C GLN A 112 28.94 8.70 25.72
N ASP A 113 28.46 8.27 26.88
CA ASP A 113 27.42 9.02 27.60
C ASP A 113 27.98 10.32 28.18
N VAL A 114 29.30 10.36 28.38
CA VAL A 114 29.96 11.54 28.94
C VAL A 114 31.36 11.77 28.33
N PHE A 115 31.61 13.01 27.91
CA PHE A 115 32.90 13.40 27.37
C PHE A 115 33.59 14.35 28.34
N VAL A 116 34.91 14.28 28.37
CA VAL A 116 35.70 15.13 29.27
C VAL A 116 36.90 15.71 28.55
N GLY A 117 37.09 17.01 28.76
CA GLY A 117 38.21 17.72 28.17
C GLY A 117 38.70 18.79 29.14
N SER A 118 39.77 19.47 28.75
CA SER A 118 40.30 20.55 29.56
C SER A 118 40.93 21.61 28.66
N VAL A 119 40.83 22.86 29.09
CA VAL A 119 41.43 23.97 28.38
C VAL A 119 41.96 24.95 29.41
N GLU A 120 43.09 25.57 29.09
CA GLU A 120 43.72 26.50 30.01
C GLU A 120 42.99 27.85 30.03
N GLU A 121 43.06 28.53 31.17
CA GLU A 121 42.50 29.86 31.32
C GLU A 121 43.17 30.82 30.34
N LEU A 122 42.47 31.91 30.03
CA LEU A 122 42.99 32.97 29.16
C LEU A 122 43.46 32.45 27.79
N SER A 123 42.84 31.38 27.32
CA SER A 123 43.20 30.80 26.04
C SER A 123 42.81 31.72 24.89
N ALA A 124 43.62 31.74 23.83
CA ALA A 124 43.30 32.50 22.63
C ALA A 124 41.99 32.02 22.05
N ALA A 125 41.34 32.86 21.24
CA ALA A 125 40.05 32.49 20.65
C ALA A 125 40.21 31.37 19.64
N HIS A 126 39.15 30.59 19.48
CA HIS A 126 39.13 29.44 18.57
C HIS A 126 40.26 28.46 18.84
N THR A 127 40.51 28.21 20.13
CA THR A 127 41.44 27.16 20.56
C THR A 127 40.64 25.88 20.74
N LEU A 128 41.10 24.81 20.09
CA LEU A 128 40.38 23.55 20.17
C LEU A 128 40.48 22.95 21.56
N VAL A 129 39.33 22.79 22.21
CA VAL A 129 39.25 22.18 23.52
C VAL A 129 39.22 20.64 23.45
N MET A 130 38.26 20.14 22.69
CA MET A 130 38.01 18.72 22.60
C MET A 130 37.13 18.44 21.39
N LYS A 131 36.62 17.22 21.27
CA LYS A 131 35.68 16.87 20.19
C LYS A 131 34.75 15.74 20.62
N ILE A 132 33.46 15.93 20.37
CA ILE A 132 32.48 14.91 20.66
C ILE A 132 32.21 14.13 19.39
N ASN A 133 31.69 12.91 19.53
CA ASN A 133 31.38 12.13 18.36
C ASN A 133 30.10 11.33 18.52
N ALA A 134 29.54 10.98 17.36
CA ALA A 134 28.36 10.11 17.24
C ALA A 134 28.40 9.33 15.92
N THR A 135 27.52 8.33 15.80
CA THR A 135 27.43 7.53 14.58
C THR A 135 26.00 7.27 14.17
N ASP A 136 25.80 7.14 12.85
CA ASP A 136 24.50 6.83 12.28
C ASP A 136 24.62 5.66 11.30
N ALA A 137 23.92 4.57 11.61
CA ALA A 137 24.09 3.32 10.87
C ALA A 137 23.44 3.34 9.47
N ASP A 138 22.69 4.39 9.16
CA ASP A 138 21.99 4.45 7.89
C ASP A 138 22.94 4.63 6.70
N GLU A 139 22.38 4.75 5.51
CA GLU A 139 23.17 4.80 4.29
C GLU A 139 24.16 5.97 4.32
N PRO A 140 25.45 5.67 4.13
CA PRO A 140 26.44 6.76 4.20
C PRO A 140 26.29 7.78 3.08
N ASN A 141 26.75 8.99 3.32
CA ASN A 141 26.69 10.06 2.34
C ASN A 141 25.25 10.33 1.92
N THR A 142 24.34 10.25 2.88
CA THR A 142 22.96 10.67 2.67
C THR A 142 22.48 11.42 3.90
N LEU A 143 21.41 12.19 3.76
CA LEU A 143 20.88 12.96 4.87
C LEU A 143 20.48 12.06 6.03
N ASN A 144 20.22 10.80 5.73
CA ASN A 144 19.89 9.81 6.76
C ASN A 144 21.06 9.55 7.72
N SER A 145 22.25 9.97 7.33
CA SER A 145 23.45 9.74 8.11
C SER A 145 24.20 11.04 8.41
N LYS A 146 23.72 12.17 7.91
CA LYS A 146 24.34 13.46 8.23
C LYS A 146 23.99 13.86 9.66
N ILE A 147 25.02 13.91 10.51
CA ILE A 147 24.83 14.28 11.89
C ILE A 147 25.06 15.78 12.06
N SER A 148 24.26 16.38 12.93
CA SER A 148 24.38 17.78 13.25
C SER A 148 24.44 17.95 14.76
N TYR A 149 25.63 18.32 15.24
CA TYR A 149 25.87 18.48 16.67
C TYR A 149 25.44 19.88 17.17
N ARG A 150 24.64 19.89 18.23
CA ARG A 150 24.13 21.14 18.77
C ARG A 150 24.24 21.16 20.28
N ILE A 151 24.35 22.37 20.85
CA ILE A 151 24.36 22.55 22.30
C ILE A 151 22.95 22.79 22.82
N VAL A 152 22.47 21.88 23.65
CA VAL A 152 21.14 21.98 24.22
C VAL A 152 21.14 23.03 25.32
N SER A 153 21.81 22.71 26.42
CA SER A 153 21.93 23.61 27.56
C SER A 153 23.39 23.75 27.95
N LEU A 154 23.67 24.72 28.82
CA LEU A 154 25.04 24.95 29.29
C LEU A 154 25.02 25.47 30.72
N GLU A 155 26.11 25.22 31.44
CA GLU A 155 26.28 25.73 32.81
C GLU A 155 27.63 26.42 33.03
N PRO A 156 27.60 27.66 33.55
CA PRO A 156 26.44 28.38 34.04
C PRO A 156 25.65 29.11 32.95
N ALA A 157 25.70 28.58 31.73
CA ALA A 157 24.92 29.09 30.60
C ALA A 157 25.47 30.37 30.00
N TYR A 158 25.49 31.43 30.81
CA TYR A 158 25.93 32.74 30.33
C TYR A 158 27.23 33.11 31.04
N PRO A 159 28.20 33.69 30.30
CA PRO A 159 28.16 33.99 28.88
C PRO A 159 28.61 32.77 28.09
N PRO A 160 28.52 32.83 26.75
CA PRO A 160 28.94 31.68 25.95
C PRO A 160 30.41 31.77 25.57
N VAL A 161 31.16 30.73 25.87
CA VAL A 161 32.58 30.74 25.60
C VAL A 161 32.99 29.49 24.83
N PHE A 162 31.99 28.77 24.33
CA PHE A 162 32.25 27.55 23.57
C PHE A 162 31.37 27.47 22.33
N TYR A 163 31.99 27.23 21.19
CA TYR A 163 31.29 27.04 19.92
C TYR A 163 31.43 25.59 19.45
N LEU A 164 30.28 24.95 19.23
CA LEU A 164 30.25 23.54 18.82
C LEU A 164 29.99 23.41 17.32
N ASN A 165 31.03 23.10 16.57
CA ASN A 165 30.89 22.86 15.14
C ASN A 165 29.93 21.71 14.89
N LYS A 166 28.77 22.02 14.34
CA LYS A 166 27.71 21.02 14.18
C LYS A 166 28.08 19.90 13.21
N ASP A 167 29.01 20.18 12.31
CA ASP A 167 29.38 19.20 11.29
C ASP A 167 30.49 18.27 11.77
N THR A 168 31.45 18.81 12.53
CA THR A 168 32.62 18.04 12.96
C THR A 168 32.52 17.55 14.40
N GLY A 169 31.75 18.26 15.21
CA GLY A 169 31.63 17.93 16.62
C GLY A 169 32.74 18.57 17.45
N GLU A 170 33.68 19.24 16.79
CA GLU A 170 34.77 19.91 17.49
C GLU A 170 34.25 21.07 18.35
N ILE A 171 34.80 21.20 19.55
CA ILE A 171 34.49 22.33 20.42
C ILE A 171 35.68 23.27 20.51
N TYR A 172 35.40 24.56 20.29
CA TYR A 172 36.42 25.59 20.28
C TYR A 172 36.13 26.65 21.34
N THR A 173 37.14 27.43 21.68
CA THR A 173 36.96 28.58 22.57
C THR A 173 36.57 29.78 21.73
N THR A 174 35.65 30.60 22.25
CA THR A 174 35.18 31.75 21.48
C THR A 174 36.09 32.95 21.69
N SER A 175 35.62 34.12 21.28
CA SER A 175 36.40 35.33 21.43
C SER A 175 36.26 35.88 22.83
N VAL A 176 35.32 35.34 23.61
CA VAL A 176 35.25 35.75 25.01
C VAL A 176 36.28 34.93 25.79
N THR A 177 37.06 35.61 26.62
CA THR A 177 38.16 34.96 27.30
C THR A 177 37.65 34.09 28.45
N LEU A 178 38.35 33.00 28.70
CA LEU A 178 38.07 32.14 29.85
C LEU A 178 38.81 32.62 31.11
N ASP A 179 38.09 32.67 32.23
CA ASP A 179 38.69 33.05 33.50
C ASP A 179 38.30 32.03 34.56
N ARG A 180 39.27 31.27 35.04
CA ARG A 180 39.02 30.20 36.02
C ARG A 180 38.44 30.74 37.32
N GLU A 181 38.83 31.95 37.69
CA GLU A 181 38.33 32.57 38.92
C GLU A 181 36.87 32.97 38.76
N GLU A 182 36.41 33.11 37.52
CA GLU A 182 34.99 33.35 37.24
C GLU A 182 34.22 32.04 37.23
N HIS A 183 34.72 31.07 36.46
CA HIS A 183 34.11 29.73 36.39
C HIS A 183 35.16 28.65 36.18
N SER A 184 35.24 27.73 37.13
CA SER A 184 36.29 26.72 37.14
C SER A 184 35.96 25.54 36.22
N SER A 185 34.72 25.08 36.27
CA SER A 185 34.32 23.90 35.51
C SER A 185 33.01 24.16 34.77
N TYR A 186 32.97 23.76 33.50
CA TYR A 186 31.77 23.86 32.67
C TYR A 186 31.21 22.46 32.43
N THR A 187 29.92 22.29 32.76
CA THR A 187 29.20 21.07 32.43
C THR A 187 28.15 21.35 31.36
N LEU A 188 28.16 20.55 30.30
CA LEU A 188 27.43 20.89 29.08
C LEU A 188 26.70 19.69 28.46
N THR A 189 25.41 19.87 28.19
CA THR A 189 24.58 18.87 27.51
C THR A 189 24.48 19.09 26.00
N VAL A 190 24.90 18.09 25.22
CA VAL A 190 24.94 18.21 23.77
C VAL A 190 23.82 17.40 23.13
N GLU A 191 23.78 17.38 21.81
CA GLU A 191 22.69 16.75 21.06
C GLU A 191 23.15 16.40 19.66
N ALA A 192 22.64 15.28 19.14
CA ALA A 192 22.95 14.85 17.76
C ALA A 192 21.67 14.57 16.97
N ARG A 193 21.51 15.23 15.83
CA ARG A 193 20.28 15.16 15.06
C ARG A 193 20.48 14.62 13.63
N ASP A 194 19.41 14.02 13.12
CA ASP A 194 19.38 13.33 11.84
C ASP A 194 18.83 14.22 10.74
N GLY A 195 19.13 13.87 9.49
CA GLY A 195 18.51 14.52 8.35
C GLY A 195 19.18 15.83 7.96
N ASN A 196 18.41 16.90 8.02
CA ASN A 196 18.88 18.22 7.61
C ASN A 196 19.40 19.01 8.81
N GLY A 197 19.35 18.40 9.99
CA GLY A 197 19.79 19.04 11.20
C GLY A 197 18.84 20.14 11.64
N GLU A 198 17.54 19.89 11.50
CA GLU A 198 16.53 20.86 11.89
C GLU A 198 16.01 20.56 13.29
N VAL A 199 16.02 21.58 14.13
CA VAL A 199 15.60 21.41 15.52
C VAL A 199 14.09 21.27 15.58
N THR A 200 13.64 20.10 16.03
CA THR A 200 12.20 19.80 16.14
C THR A 200 11.84 19.39 17.56
N ASP A 201 10.55 19.13 17.77
CA ASP A 201 10.07 18.72 19.09
C ASP A 201 10.31 17.23 19.33
N LYS A 202 11.06 16.62 18.41
CA LYS A 202 11.38 15.20 18.52
C LYS A 202 12.45 14.96 19.58
N PRO A 203 12.26 13.93 20.42
CA PRO A 203 13.28 13.64 21.44
C PRO A 203 14.46 12.86 20.85
N VAL A 204 15.61 13.52 20.73
CA VAL A 204 16.80 12.89 20.16
C VAL A 204 17.83 12.56 21.23
N LYS A 205 18.79 11.71 20.89
CA LYS A 205 19.81 11.28 21.84
C LYS A 205 20.69 12.46 22.24
N GLN A 206 21.06 12.49 23.51
CA GLN A 206 21.91 13.56 24.04
C GLN A 206 22.92 13.01 25.05
N ALA A 207 24.11 13.58 25.04
CA ALA A 207 25.16 13.23 26.00
C ALA A 207 25.59 14.48 26.77
N GLN A 208 26.56 14.32 27.68
CA GLN A 208 27.07 15.46 28.45
C GLN A 208 28.56 15.64 28.26
N VAL A 209 29.00 16.89 28.33
CA VAL A 209 30.42 17.24 28.27
C VAL A 209 30.85 17.99 29.54
N GLN A 210 32.02 17.63 30.06
CA GLN A 210 32.57 18.29 31.25
C GLN A 210 33.96 18.87 30.95
N ILE A 211 34.01 20.19 30.88
CA ILE A 211 35.26 20.90 30.64
C ILE A 211 35.80 21.50 31.93
N ARG A 212 37.02 21.13 32.29
CA ARG A 212 37.69 21.70 33.44
C ARG A 212 38.62 22.81 32.96
N ILE A 213 38.44 24.00 33.52
CA ILE A 213 39.32 25.14 33.22
C ILE A 213 40.58 25.12 34.07
N LEU A 214 41.74 25.07 33.43
CA LEU A 214 43.01 25.00 34.14
C LEU A 214 43.43 26.39 34.62
N ASP A 215 44.20 26.44 35.71
CA ASP A 215 44.55 27.71 36.35
C ASP A 215 45.88 28.30 35.86
N VAL A 216 45.96 29.63 35.82
CA VAL A 216 47.24 30.31 35.63
C VAL A 216 47.37 31.42 36.65
N ASN A 217 48.62 31.75 36.98
CA ASN A 217 48.88 32.76 38.00
C ASN A 217 48.69 34.15 37.46
N ASP A 218 47.43 34.58 37.42
CA ASP A 218 47.07 35.87 36.84
C ASP A 218 46.35 36.72 37.87
N ASN A 219 46.64 36.44 39.15
CA ASN A 219 46.09 37.24 40.24
C ASN A 219 47.13 37.47 41.35
N ILE A 220 47.37 38.76 41.62
CA ILE A 220 48.38 39.22 42.57
C ILE A 220 47.87 39.06 44.01
N PRO A 221 48.75 38.63 44.93
CA PRO A 221 48.33 38.48 46.33
C PRO A 221 47.98 39.81 46.99
N VAL A 222 47.14 39.76 48.03
CA VAL A 222 46.70 40.97 48.70
C VAL A 222 46.55 40.70 50.20
N VAL A 223 47.14 41.56 51.03
CA VAL A 223 47.08 41.40 52.48
C VAL A 223 45.72 41.83 53.02
N GLU A 224 45.14 40.99 53.87
CA GLU A 224 43.78 41.20 54.36
C GLU A 224 43.72 41.76 55.77
N ASN A 225 44.82 41.64 56.52
CA ASN A 225 44.85 42.16 57.88
CA ASN A 225 44.85 42.17 57.88
C ASN A 225 44.58 43.67 57.91
N LYS A 226 43.67 44.07 58.79
CA LYS A 226 43.36 45.50 58.95
C LYS A 226 44.49 46.19 59.67
N VAL A 227 44.80 45.67 60.86
CA VAL A 227 45.87 46.17 61.70
C VAL A 227 47.13 45.35 61.49
N LEU A 228 48.19 45.99 61.02
CA LEU A 228 49.47 45.31 60.88
C LEU A 228 50.53 45.87 61.83
N GLU A 229 50.60 45.28 63.03
CA GLU A 229 51.57 45.68 64.03
CA GLU A 229 51.58 45.69 64.03
C GLU A 229 52.06 44.47 64.81
N GLY A 230 53.37 44.29 64.85
CA GLY A 230 53.96 43.17 65.57
C GLY A 230 54.01 43.41 67.07
N MET A 231 54.16 42.34 67.84
CA MET A 231 54.18 42.45 69.29
C MET A 231 55.11 41.40 69.86
N VAL A 232 56.10 41.85 70.61
CA VAL A 232 57.04 40.97 71.31
C VAL A 232 57.37 41.53 72.66
N GLU A 233 57.87 40.67 73.54
CA GLU A 233 58.31 41.11 74.85
C GLU A 233 59.82 41.26 74.85
N GLU A 234 60.31 41.95 75.87
CA GLU A 234 61.74 42.08 76.09
C GLU A 234 62.31 40.73 76.51
N ASN A 235 63.55 40.48 76.09
CA ASN A 235 64.25 39.27 76.45
C ASN A 235 63.46 38.05 76.02
N GLN A 236 62.84 38.07 74.86
CA GLN A 236 62.17 36.85 74.40
C GLN A 236 62.87 36.35 73.15
N VAL A 237 62.70 35.07 72.84
CA VAL A 237 63.18 34.50 71.58
C VAL A 237 62.21 33.46 71.07
N ASN A 238 62.17 33.28 69.75
CA ASN A 238 61.30 32.29 69.12
C ASN A 238 59.84 32.50 69.51
N VAL A 239 59.33 33.70 69.24
CA VAL A 239 57.94 34.05 69.52
C VAL A 239 57.29 34.61 68.27
N GLU A 240 55.97 34.53 68.22
CA GLU A 240 55.21 35.01 67.07
C GLU A 240 55.08 36.53 67.09
N VAL A 241 55.67 37.19 66.11
CA VAL A 241 55.60 38.64 66.04
C VAL A 241 54.25 39.05 65.46
N THR A 242 53.94 38.54 64.28
CA THR A 242 52.63 38.76 63.68
C THR A 242 52.36 37.70 62.63
N ARG A 243 51.10 37.63 62.19
CA ARG A 243 50.69 36.74 61.11
C ARG A 243 50.09 37.57 59.98
N ILE A 244 50.78 37.60 58.84
CA ILE A 244 50.30 38.37 57.69
C ILE A 244 49.36 37.56 56.82
N LYS A 245 48.06 37.79 56.97
CA LYS A 245 47.04 37.06 56.21
C LYS A 245 46.95 37.59 54.80
N VAL A 246 47.08 36.72 53.83
CA VAL A 246 47.05 37.13 52.42
C VAL A 246 46.04 36.32 51.60
N PHE A 247 45.34 37.02 50.72
CA PHE A 247 44.33 36.43 49.85
C PHE A 247 44.86 36.33 48.43
N ASP A 248 44.50 35.26 47.74
CA ASP A 248 44.84 35.10 46.33
C ASP A 248 43.72 34.39 45.62
N ALA A 249 43.31 34.94 44.48
CA ALA A 249 42.14 34.44 43.77
C ALA A 249 42.42 33.10 43.07
N ASP A 250 43.68 32.89 42.69
CA ASP A 250 44.04 31.73 41.89
C ASP A 250 43.76 30.41 42.63
N GLU A 251 44.01 29.29 41.95
CA GLU A 251 43.61 27.98 42.45
C GLU A 251 44.21 27.68 43.82
N ILE A 252 43.33 27.59 44.81
CA ILE A 252 43.75 27.33 46.18
C ILE A 252 44.62 26.08 46.24
N GLY A 253 45.74 26.20 46.96
CA GLY A 253 46.68 25.13 47.14
C GLY A 253 47.87 25.19 46.19
N SER A 254 47.64 25.75 45.01
CA SER A 254 48.65 25.76 43.96
C SER A 254 49.72 26.79 44.22
N ASP A 255 50.86 26.63 43.55
CA ASP A 255 51.96 27.60 43.66
C ASP A 255 51.54 28.96 43.11
N ASN A 256 50.45 28.99 42.36
CA ASN A 256 49.88 30.24 41.87
C ASN A 256 49.11 30.95 42.96
N TRP A 257 48.84 30.24 44.05
CA TRP A 257 48.04 30.78 45.15
C TRP A 257 48.89 30.94 46.40
N LEU A 258 49.87 30.06 46.54
CA LEU A 258 50.73 30.05 47.71
C LEU A 258 51.49 31.36 47.87
N ALA A 259 51.30 32.02 49.00
CA ALA A 259 52.00 33.27 49.28
C ALA A 259 53.51 33.06 49.46
N ASN A 260 54.28 34.10 49.15
CA ASN A 260 55.74 34.02 49.22
C ASN A 260 56.31 35.40 49.61
N PHE A 261 57.33 35.41 50.45
CA PHE A 261 57.80 36.66 51.06
C PHE A 261 59.29 36.89 50.96
N THR A 262 59.65 38.16 50.96
CA THR A 262 61.05 38.61 50.95
C THR A 262 61.13 39.93 51.68
N PHE A 263 62.13 40.08 52.55
CA PHE A 263 62.34 41.32 53.28
C PHE A 263 62.88 42.38 52.32
N ALA A 264 62.25 43.55 52.32
CA ALA A 264 62.71 44.65 51.48
C ALA A 264 63.77 45.46 52.23
N SER A 265 63.44 45.84 53.46
CA SER A 265 64.36 46.56 54.31
C SER A 265 63.97 46.40 55.79
N GLY A 266 64.97 46.44 56.66
CA GLY A 266 64.73 46.51 58.10
C GLY A 266 65.18 45.27 58.85
N ASN A 267 65.61 44.25 58.12
CA ASN A 267 66.02 43.00 58.73
C ASN A 267 67.49 42.70 58.48
N GLU A 268 68.27 43.77 58.30
CA GLU A 268 69.70 43.62 58.07
C GLU A 268 70.38 43.14 59.35
N GLY A 269 69.70 43.33 60.48
CA GLY A 269 70.23 42.90 61.76
C GLY A 269 69.97 41.42 62.05
N GLY A 270 69.11 40.81 61.24
CA GLY A 270 68.83 39.39 61.40
C GLY A 270 68.03 39.09 62.65
N TYR A 271 67.05 39.95 62.93
CA TYR A 271 66.19 39.80 64.10
C TYR A 271 64.92 39.05 63.78
N PHE A 272 64.59 38.90 62.49
CA PHE A 272 63.34 38.27 62.08
C PHE A 272 63.53 37.16 61.04
N HIS A 273 62.63 36.18 61.10
CA HIS A 273 62.57 35.13 60.09
C HIS A 273 61.13 34.99 59.62
N ILE A 274 60.94 34.90 58.30
CA ILE A 274 59.59 34.74 57.74
C ILE A 274 59.42 33.47 56.92
N GLU A 275 58.26 32.83 57.06
CA GLU A 275 57.92 31.64 56.27
C GLU A 275 56.41 31.56 56.06
N THR A 276 56.00 31.03 54.92
CA THR A 276 54.58 30.93 54.59
C THR A 276 53.93 29.68 55.16
N ASP A 277 52.85 29.86 55.91
CA ASP A 277 52.03 28.74 56.36
C ASP A 277 51.08 28.31 55.24
N ALA A 278 51.40 27.20 54.60
CA ALA A 278 50.71 26.79 53.38
C ALA A 278 49.23 26.46 53.60
N GLN A 279 48.82 26.31 54.86
CA GLN A 279 47.43 25.91 55.14
C GLN A 279 46.52 27.12 55.31
N THR A 280 47.02 28.17 55.94
CA THR A 280 46.23 29.39 56.13
C THR A 280 46.72 30.49 55.19
N ASN A 281 47.81 30.21 54.50
CA ASN A 281 48.45 31.21 53.64
C ASN A 281 48.78 32.46 54.42
N GLU A 282 49.35 32.27 55.61
CA GLU A 282 49.81 33.37 56.43
C GLU A 282 51.33 33.44 56.35
N GLY A 283 51.86 34.67 56.31
CA GLY A 283 53.28 34.89 56.45
C GLY A 283 53.60 34.91 57.93
N ILE A 284 54.32 33.89 58.39
CA ILE A 284 54.66 33.77 59.80
C ILE A 284 56.04 34.38 60.09
N VAL A 285 56.05 35.54 60.74
CA VAL A 285 57.29 36.17 61.15
C VAL A 285 57.52 35.96 62.64
N THR A 286 58.76 35.60 62.98
CA THR A 286 59.11 35.30 64.37
C THR A 286 60.45 35.89 64.76
N LEU A 287 60.62 36.15 66.06
CA LEU A 287 61.89 36.64 66.59
C LEU A 287 62.95 35.55 66.64
N ILE A 288 64.13 35.84 66.15
CA ILE A 288 65.26 34.93 66.27
C ILE A 288 66.41 35.59 67.03
N LYS A 289 66.08 36.62 67.81
CA LYS A 289 67.05 37.39 68.57
C LYS A 289 66.38 38.14 69.72
N GLU A 290 66.99 38.13 70.90
CA GLU A 290 66.47 38.91 72.02
C GLU A 290 66.61 40.40 71.79
N VAL A 291 65.67 41.17 72.31
CA VAL A 291 65.70 42.62 72.21
C VAL A 291 65.60 43.24 73.61
N ASP A 292 66.30 44.35 73.79
CA ASP A 292 66.29 45.10 75.04
C ASP A 292 65.41 46.34 74.89
N TYR A 293 64.38 46.45 75.72
CA TYR A 293 63.44 47.55 75.61
C TYR A 293 64.11 48.89 75.85
N GLU A 294 65.13 48.89 76.69
CA GLU A 294 65.75 50.12 77.13
C GLU A 294 66.70 50.69 76.07
N GLU A 295 67.24 49.81 75.23
CA GLU A 295 68.15 50.22 74.17
C GLU A 295 67.37 50.93 73.08
N MET A 296 66.09 50.57 72.98
CA MET A 296 65.14 51.30 72.16
C MET A 296 65.51 51.22 70.68
N LYS A 297 65.88 50.02 70.23
CA LYS A 297 66.14 49.81 68.80
C LYS A 297 64.83 49.81 68.04
N ASN A 298 64.83 50.42 66.85
CA ASN A 298 63.67 50.40 65.99
C ASN A 298 63.70 49.15 65.12
N LEU A 299 62.74 48.25 65.35
CA LEU A 299 62.74 46.96 64.69
C LEU A 299 61.72 46.89 63.56
N ASP A 300 61.13 48.04 63.23
CA ASP A 300 60.20 48.13 62.11
C ASP A 300 60.88 47.61 60.85
N PHE A 301 60.08 47.06 59.94
CA PHE A 301 60.62 46.47 58.72
C PHE A 301 59.55 46.39 57.63
N SER A 302 60.00 46.14 56.42
CA SER A 302 59.13 46.09 55.27
C SER A 302 59.36 44.79 54.51
N VAL A 303 58.32 44.33 53.84
CA VAL A 303 58.33 43.04 53.18
C VAL A 303 57.56 43.12 51.86
N ILE A 304 57.93 42.26 50.91
CA ILE A 304 57.28 42.20 49.61
C ILE A 304 56.58 40.86 49.41
N VAL A 305 55.34 40.91 48.94
CA VAL A 305 54.55 39.70 48.71
C VAL A 305 54.48 39.29 47.24
N ALA A 306 54.48 38.00 47.00
CA ALA A 306 54.38 37.48 45.64
C ALA A 306 53.86 36.04 45.69
N ASN A 307 53.91 35.34 44.56
CA ASN A 307 53.49 33.96 44.49
C ASN A 307 54.70 33.05 44.31
N LYS A 308 54.62 31.84 44.87
CA LYS A 308 55.71 30.88 44.78
C LYS A 308 56.08 30.64 43.31
N ALA A 309 55.07 30.53 42.47
CA ALA A 309 55.28 30.46 41.03
C ALA A 309 55.25 31.86 40.44
N ALA A 310 55.95 32.05 39.33
CA ALA A 310 56.00 33.37 38.70
C ALA A 310 54.61 33.78 38.24
N PHE A 311 54.42 35.08 38.03
CA PHE A 311 53.16 35.59 37.53
C PHE A 311 53.05 35.34 36.04
N HIS A 312 51.81 35.17 35.56
CA HIS A 312 51.55 34.96 34.12
C HIS A 312 51.97 36.18 33.32
N LYS A 313 52.45 35.98 32.10
CA LYS A 313 52.91 37.12 31.29
C LYS A 313 51.79 38.13 31.10
N SER A 314 50.56 37.67 31.22
CA SER A 314 49.37 38.51 31.07
C SER A 314 49.35 39.66 32.07
N ILE A 315 49.96 39.46 33.23
CA ILE A 315 49.84 40.41 34.33
C ILE A 315 51.19 41.07 34.70
N ARG A 316 52.29 40.64 34.10
CA ARG A 316 53.60 41.20 34.46
C ARG A 316 53.76 42.67 34.08
N SER A 317 54.47 43.40 34.92
CA SER A 317 54.71 44.84 34.75
C SER A 317 53.43 45.68 34.92
N LYS A 318 52.30 45.00 35.13
CA LYS A 318 51.11 45.62 35.68
C LYS A 318 51.21 45.49 37.21
N TYR A 319 52.16 44.63 37.61
CA TYR A 319 52.51 44.44 39.01
C TYR A 319 53.78 45.21 39.37
N LYS A 320 53.64 46.12 40.34
CA LYS A 320 54.77 46.83 40.90
C LYS A 320 55.03 46.34 42.34
N PRO A 321 56.22 45.77 42.59
CA PRO A 321 56.45 45.30 43.95
C PRO A 321 56.54 46.45 44.94
N THR A 322 55.49 46.64 45.73
CA THR A 322 55.45 47.73 46.70
C THR A 322 55.69 47.19 48.12
N PRO A 323 56.81 47.56 48.75
CA PRO A 323 57.09 47.06 50.11
C PRO A 323 56.00 47.42 51.12
N ILE A 324 55.60 46.45 51.94
CA ILE A 324 54.57 46.66 52.94
C ILE A 324 55.18 46.89 54.31
N PRO A 325 54.96 48.08 54.90
CA PRO A 325 55.60 48.36 56.19
C PRO A 325 54.88 47.71 57.34
N ILE A 326 55.65 47.23 58.32
CA ILE A 326 55.12 46.60 59.52
C ILE A 326 55.84 47.16 60.75
N LYS A 327 55.10 47.93 61.56
CA LYS A 327 55.63 48.44 62.82
C LYS A 327 55.61 47.33 63.87
N VAL A 328 56.60 47.33 64.74
CA VAL A 328 56.71 46.36 65.83
C VAL A 328 56.89 47.07 67.15
N LYS A 329 56.03 46.73 68.12
CA LYS A 329 56.06 47.35 69.43
C LYS A 329 56.65 46.37 70.41
N VAL A 330 57.37 46.89 71.40
CA VAL A 330 58.03 46.05 72.40
C VAL A 330 57.47 46.30 73.79
N LYS A 331 57.35 45.21 74.56
CA LYS A 331 56.81 45.27 75.91
C LYS A 331 57.96 45.39 76.92
N ASN A 332 57.83 46.31 77.86
CA ASN A 332 58.79 46.41 78.95
C ASN A 332 58.45 45.40 80.05
N VAL A 333 59.47 44.94 80.76
CA VAL A 333 59.29 44.02 81.88
C VAL A 333 60.18 44.43 83.05
N LYS A 334 59.65 44.35 84.27
CA LYS A 334 60.45 44.63 85.46
C LYS A 334 61.61 43.65 85.50
N GLU A 335 62.84 44.20 85.42
CA GLU A 335 64.05 43.38 85.36
C GLU A 335 64.89 43.50 86.61
N GLY A 336 64.74 44.61 87.34
CA GLY A 336 65.52 44.85 88.53
C GLY A 336 66.85 45.46 88.16
N ILE A 337 67.77 45.48 89.12
CA ILE A 337 69.02 46.22 88.97
C ILE A 337 70.00 45.57 88.00
N HIS A 338 70.88 46.38 87.44
CA HIS A 338 71.91 45.90 86.53
C HIS A 338 73.06 46.91 86.48
N PHE A 339 74.12 46.55 85.75
CA PHE A 339 75.20 47.48 85.48
C PHE A 339 75.13 47.99 84.04
N LYS A 340 75.50 49.25 83.84
CA LYS A 340 75.47 49.83 82.51
C LYS A 340 76.51 49.17 81.62
N SER A 341 77.46 48.49 82.23
CA SER A 341 78.41 47.67 81.50
C SER A 341 78.93 46.57 82.39
N SER A 342 78.89 45.34 81.87
CA SER A 342 79.31 44.17 82.62
C SER A 342 80.79 44.28 83.03
N VAL A 343 81.62 44.79 82.13
CA VAL A 343 83.04 44.97 82.38
C VAL A 343 83.39 46.45 82.29
N ILE A 344 84.25 46.92 83.20
CA ILE A 344 84.77 48.28 83.13
C ILE A 344 86.29 48.26 83.26
N SER A 345 86.94 49.17 82.54
CA SER A 345 88.39 49.28 82.55
C SER A 345 88.80 50.60 83.17
N ILE A 346 89.55 50.51 84.26
CA ILE A 346 90.16 51.70 84.87
C ILE A 346 91.68 51.58 84.80
N TYR A 347 92.32 52.62 84.27
CA TYR A 347 93.75 52.57 83.99
C TYR A 347 94.54 53.25 85.09
N VAL A 348 95.46 52.49 85.68
CA VAL A 348 96.33 53.00 86.74
C VAL A 348 97.81 52.86 86.36
N SER A 349 98.64 53.51 87.15
CA SER A 349 100.07 53.55 86.85
C SER A 349 100.84 52.96 88.02
N GLU A 350 102.03 52.44 87.71
CA GLU A 350 102.92 51.87 88.71
C GLU A 350 103.68 52.98 89.45
N SER A 351 103.76 54.16 88.85
CA SER A 351 104.48 55.30 89.43
C SER A 351 103.66 56.03 90.50
N MET A 352 104.35 56.56 91.50
CA MET A 352 103.67 57.27 92.58
C MET A 352 103.23 58.66 92.16
N ASP A 353 103.77 59.13 91.05
CA ASP A 353 103.56 60.51 90.61
C ASP A 353 102.12 60.80 90.22
N ARG A 354 101.35 59.75 89.95
CA ARG A 354 99.93 59.89 89.65
C ARG A 354 99.09 58.98 90.55
N SER A 355 99.55 57.75 90.74
CA SER A 355 98.82 56.77 91.54
C SER A 355 99.30 56.78 93.01
N SER A 356 98.35 56.65 93.93
CA SER A 356 98.66 56.67 95.35
C SER A 356 97.76 55.72 96.13
N LYS A 357 98.31 55.15 97.20
CA LYS A 357 97.56 54.26 98.06
C LYS A 357 96.43 55.01 98.74
N GLY A 358 95.20 54.79 98.27
CA GLY A 358 94.03 55.32 98.94
C GLY A 358 93.32 56.40 98.13
N GLN A 359 93.67 56.52 96.85
CA GLN A 359 92.97 57.46 95.97
C GLN A 359 91.76 56.80 95.30
N ILE A 360 90.70 57.58 95.12
CA ILE A 360 89.54 57.10 94.39
C ILE A 360 89.96 56.93 92.95
N ILE A 361 89.47 55.88 92.30
CA ILE A 361 89.86 55.60 90.92
C ILE A 361 88.67 55.16 90.08
N GLY A 362 87.47 55.27 90.65
CA GLY A 362 86.25 54.93 89.93
C GLY A 362 85.17 54.34 90.84
N ASN A 363 84.04 54.01 90.21
CA ASN A 363 82.91 53.43 90.92
C ASN A 363 82.30 52.33 90.10
N PHE A 364 81.36 51.59 90.71
CA PHE A 364 80.59 50.58 89.99
C PHE A 364 79.12 50.74 90.36
N GLN A 365 78.54 51.88 89.96
CA GLN A 365 77.18 52.22 90.35
C GLN A 365 76.17 51.28 89.71
N ALA A 366 75.28 50.74 90.55
CA ALA A 366 74.22 49.86 90.09
C ALA A 366 72.93 50.65 89.86
N PHE A 367 72.35 50.45 88.67
CA PHE A 367 71.12 51.14 88.29
C PHE A 367 69.96 50.17 88.20
N ASP A 368 68.75 50.68 88.46
CA ASP A 368 67.53 49.93 88.18
C ASP A 368 67.23 50.00 86.69
N GLU A 369 67.39 48.89 86.00
CA GLU A 369 67.37 48.85 84.54
C GLU A 369 66.09 49.41 83.96
N ASP A 370 65.00 49.27 84.70
CA ASP A 370 63.68 49.69 84.20
C ASP A 370 63.54 51.21 84.17
N THR A 371 63.99 51.85 85.25
CA THR A 371 63.90 53.31 85.37
C THR A 371 65.23 53.99 85.02
N GLY A 372 66.31 53.21 85.01
CA GLY A 372 67.61 53.73 84.62
C GLY A 372 68.25 54.64 85.67
N LEU A 373 67.57 54.78 86.81
CA LEU A 373 68.09 55.57 87.92
C LEU A 373 68.97 54.73 88.83
N PRO A 374 69.88 55.39 89.57
CA PRO A 374 70.71 54.63 90.52
C PRO A 374 69.86 54.07 91.64
N ALA A 375 70.09 52.79 91.98
CA ALA A 375 69.30 52.12 93.00
C ALA A 375 70.09 51.93 94.28
N HIS A 376 69.40 52.00 95.42
CA HIS A 376 70.03 51.75 96.71
C HIS A 376 70.41 50.26 96.76
N ALA A 377 71.69 49.99 97.04
CA ALA A 377 72.20 48.62 97.02
C ALA A 377 73.39 48.44 97.97
N ARG A 378 73.74 47.18 98.21
CA ARG A 378 74.86 46.83 99.06
C ARG A 378 75.96 46.15 98.24
N TYR A 379 76.99 46.91 97.91
CA TYR A 379 78.11 46.40 97.12
C TYR A 379 79.12 45.64 98.00
N VAL A 380 79.76 44.62 97.43
CA VAL A 380 80.73 43.80 98.16
C VAL A 380 81.86 43.32 97.25
N LYS A 381 83.08 43.36 97.78
CA LYS A 381 84.28 43.00 97.03
C LYS A 381 84.33 41.48 96.75
N LEU A 382 85.17 41.09 95.80
CA LEU A 382 85.27 39.68 95.40
C LEU A 382 86.60 39.33 94.73
N GLU A 383 87.20 38.23 95.15
CA GLU A 383 88.39 37.68 94.49
C GLU A 383 89.51 38.69 94.25
N ASP A 384 89.90 39.38 95.31
CA ASP A 384 91.06 40.27 95.26
C ASP A 384 92.26 39.51 95.82
N ARG A 385 92.96 38.83 94.92
CA ARG A 385 94.01 37.87 95.30
C ARG A 385 95.10 38.50 96.17
N ASP A 386 95.51 39.72 95.82
CA ASP A 386 96.61 40.38 96.51
C ASP A 386 96.14 41.65 97.20
N ASN A 387 94.82 41.77 97.39
CA ASN A 387 94.24 42.89 98.12
C ASN A 387 94.69 44.25 97.58
N TRP A 388 94.49 44.48 96.29
CA TRP A 388 94.89 45.73 95.66
C TRP A 388 93.89 46.86 95.85
N ILE A 389 92.63 46.52 96.13
CA ILE A 389 91.55 47.51 96.07
C ILE A 389 90.58 47.41 97.25
N SER A 390 89.90 48.53 97.50
CA SER A 390 88.86 48.61 98.51
C SER A 390 87.55 49.13 97.90
N VAL A 391 86.45 48.40 98.13
CA VAL A 391 85.13 48.79 97.65
C VAL A 391 84.23 49.26 98.78
N ASP A 392 83.64 50.44 98.63
CA ASP A 392 82.71 50.93 99.65
C ASP A 392 81.40 50.22 99.50
N SER A 393 80.84 49.74 100.62
CA SER A 393 79.65 48.89 100.61
C SER A 393 78.38 49.62 100.17
N VAL A 394 78.36 50.95 100.32
CA VAL A 394 77.17 51.73 100.03
C VAL A 394 77.26 52.53 98.73
N THR A 395 78.32 53.31 98.58
CA THR A 395 78.42 54.21 97.43
C THR A 395 79.14 53.56 96.25
N SER A 396 79.80 52.43 96.52
CA SER A 396 80.44 51.62 95.48
C SER A 396 81.70 52.25 94.93
N GLU A 397 82.19 53.30 95.57
CA GLU A 397 83.39 53.97 95.09
C GLU A 397 84.59 53.07 95.40
N ILE A 398 85.50 52.99 94.42
CA ILE A 398 86.66 52.12 94.52
C ILE A 398 87.93 52.95 94.70
N LYS A 399 88.80 52.49 95.61
CA LYS A 399 90.07 53.15 95.86
C LYS A 399 91.17 52.12 96.07
N LEU A 400 92.40 52.54 95.79
CA LEU A 400 93.55 51.66 95.89
C LEU A 400 93.91 51.36 97.33
N ALA A 401 94.44 50.15 97.55
CA ALA A 401 94.87 49.70 98.87
C ALA A 401 96.39 49.52 98.89
N LYS A 402 96.98 49.42 97.70
CA LYS A 402 98.41 49.30 97.54
C LYS A 402 98.86 50.11 96.33
N LEU A 403 100.17 50.24 96.15
CA LEU A 403 100.71 50.75 94.91
C LEU A 403 100.77 49.57 93.94
N PRO A 404 100.18 49.72 92.74
CA PRO A 404 100.19 48.60 91.80
C PRO A 404 101.59 48.27 91.28
N ASP A 405 101.87 46.99 91.16
CA ASP A 405 103.16 46.51 90.67
C ASP A 405 102.96 45.73 89.36
N PHE A 406 103.34 46.34 88.25
CA PHE A 406 103.17 45.71 86.94
C PHE A 406 103.84 44.33 86.87
N GLU A 407 104.91 44.17 87.62
CA GLU A 407 105.70 42.93 87.58
C GLU A 407 105.12 41.81 88.45
N SER A 408 103.99 42.07 89.08
CA SER A 408 103.36 41.08 89.95
C SER A 408 102.92 39.84 89.18
N ARG A 409 102.95 38.70 89.88
CA ARG A 409 102.54 37.44 89.28
C ARG A 409 101.03 37.42 89.01
N TYR A 410 100.30 38.28 89.72
CA TYR A 410 98.86 38.36 89.57
C TYR A 410 98.45 39.18 88.34
N VAL A 411 99.42 39.84 87.72
CA VAL A 411 99.16 40.63 86.51
C VAL A 411 99.43 39.79 85.26
N GLN A 412 98.49 39.84 84.32
CA GLN A 412 98.54 39.04 83.12
C GLN A 412 98.02 39.86 81.93
N ASN A 413 98.71 39.75 80.78
CA ASN A 413 98.52 40.66 79.64
C ASN A 413 98.44 42.09 80.10
N GLY A 414 99.18 42.41 81.15
CA GLY A 414 99.29 43.77 81.66
C GLY A 414 98.09 44.25 82.46
N THR A 415 97.29 43.30 82.94
CA THR A 415 96.03 43.61 83.60
C THR A 415 95.83 42.80 84.87
N TYR A 416 95.18 43.43 85.84
CA TYR A 416 94.89 42.79 87.13
C TYR A 416 93.39 42.81 87.34
N THR A 417 92.79 41.63 87.35
CA THR A 417 91.33 41.50 87.31
C THR A 417 90.71 41.30 88.69
N VAL A 418 89.53 41.86 88.90
CA VAL A 418 88.82 41.74 90.17
C VAL A 418 87.31 41.75 89.97
N LYS A 419 86.62 40.79 90.59
CA LYS A 419 85.16 40.69 90.50
C LYS A 419 84.52 41.43 91.65
N ILE A 420 83.30 41.91 91.45
CA ILE A 420 82.53 42.53 92.54
C ILE A 420 81.05 42.24 92.33
N VAL A 421 80.27 42.30 93.42
CA VAL A 421 78.83 42.04 93.36
C VAL A 421 78.03 43.16 94.02
N ALA A 422 76.78 43.31 93.61
CA ALA A 422 75.88 44.28 94.20
C ALA A 422 74.53 43.64 94.50
N ILE A 423 74.00 43.92 95.69
CA ILE A 423 72.69 43.40 96.11
C ILE A 423 71.70 44.52 96.39
N SER A 424 70.48 44.38 95.88
CA SER A 424 69.47 45.42 96.04
C SER A 424 68.79 45.31 97.40
N GLU A 425 68.15 46.39 97.81
CA GLU A 425 67.28 46.37 98.97
C GLU A 425 65.91 45.91 98.53
N ASP A 426 65.07 45.55 99.50
CA ASP A 426 63.69 45.11 99.26
C ASP A 426 63.61 43.80 98.47
N TYR A 427 62.41 43.22 98.46
CA TYR A 427 62.18 41.96 97.79
C TYR A 427 61.70 42.19 96.35
N PRO A 428 62.12 41.33 95.41
CA PRO A 428 63.09 40.25 95.61
C PRO A 428 64.52 40.79 95.56
N ARG A 429 65.33 40.45 96.56
CA ARG A 429 66.74 40.83 96.58
C ARG A 429 67.47 40.18 95.42
N LYS A 430 67.96 41.00 94.49
CA LYS A 430 68.67 40.51 93.31
C LYS A 430 70.16 40.78 93.44
N THR A 431 70.96 39.83 92.96
CA THR A 431 72.41 39.95 92.98
C THR A 431 73.02 39.96 91.58
N ILE A 432 73.78 41.00 91.29
CA ILE A 432 74.46 41.11 90.00
C ILE A 432 75.97 41.21 90.20
N THR A 433 76.73 40.65 89.26
CA THR A 433 78.18 40.68 89.30
C THR A 433 78.76 41.64 88.29
N GLY A 434 79.84 42.30 88.68
CA GLY A 434 80.58 43.18 87.78
C GLY A 434 82.03 42.75 87.70
N THR A 435 82.76 43.32 86.75
CA THR A 435 84.17 43.03 86.58
C THR A 435 84.95 44.33 86.32
N VAL A 436 86.07 44.49 87.00
CA VAL A 436 86.94 45.65 86.78
C VAL A 436 88.25 45.17 86.17
N LEU A 437 88.64 45.82 85.08
CA LEU A 437 89.90 45.54 84.42
C LEU A 437 90.90 46.65 84.75
N ILE A 438 91.82 46.34 85.66
CA ILE A 438 92.85 47.30 86.08
C ILE A 438 94.09 47.17 85.21
N ASN A 439 94.22 48.07 84.23
CA ASN A 439 95.38 48.08 83.35
C ASN A 439 96.52 48.91 83.95
N VAL A 440 97.57 48.21 84.34
CA VAL A 440 98.70 48.83 85.01
C VAL A 440 99.74 49.28 84.00
N GLU A 441 100.16 50.54 84.10
CA GLU A 441 101.21 51.08 83.23
C GLU A 441 102.58 50.52 83.61
N ASP A 442 103.27 49.94 82.64
CA ASP A 442 104.60 49.39 82.89
C ASP A 442 105.64 50.49 82.82
N ILE A 443 106.26 50.77 83.96
CA ILE A 443 107.34 51.76 84.01
C ILE A 443 108.65 51.05 84.21
N ASN A 444 109.74 51.66 83.74
CA ASN A 444 111.05 51.03 83.75
C ASN A 444 111.70 51.10 85.12
N ASP A 445 111.28 50.20 86.01
CA ASP A 445 111.77 50.14 87.38
C ASP A 445 112.46 48.81 87.65
N ASN A 446 112.87 48.20 86.54
CA ASN A 446 113.70 46.99 86.52
C ASN A 446 114.72 47.07 85.36
N CYS A 447 115.90 46.67 85.87
CA CYS A 447 117.20 46.61 85.22
C CYS A 447 117.74 45.18 85.10
N PRO A 448 118.46 44.90 84.04
CA PRO A 448 118.95 43.56 83.72
C PRO A 448 120.03 43.10 84.69
N THR A 449 119.69 42.08 85.48
CA THR A 449 120.61 41.48 86.43
C THR A 449 120.96 40.04 86.02
N LEU A 450 122.14 39.57 86.40
CA LEU A 450 122.52 38.19 86.11
C LEU A 450 121.82 37.21 87.05
N ILE A 451 121.49 36.03 86.54
CA ILE A 451 120.84 35.01 87.36
C ILE A 451 121.88 34.08 88.01
N GLU A 452 122.98 33.83 87.30
CA GLU A 452 124.10 33.08 87.88
C GLU A 452 125.40 33.85 87.72
N PRO A 453 125.65 34.82 88.62
CA PRO A 453 126.87 35.62 88.55
C PRO A 453 128.12 34.85 88.96
N VAL A 454 127.96 33.94 89.92
CA VAL A 454 129.04 33.08 90.36
C VAL A 454 128.80 31.65 89.86
N GLN A 455 129.74 31.15 89.07
CA GLN A 455 129.68 29.78 88.57
C GLN A 455 131.05 29.32 88.14
N THR A 456 131.21 28.01 87.95
CA THR A 456 132.52 27.42 87.69
C THR A 456 132.43 26.37 86.59
N ILE A 457 133.26 26.53 85.56
CA ILE A 457 133.22 25.64 84.40
C ILE A 457 134.42 24.71 84.33
N CYS A 458 134.39 23.84 83.33
CA CYS A 458 135.47 22.88 83.09
C CYS A 458 136.50 23.44 82.13
N HIS A 459 137.66 22.81 82.07
CA HIS A 459 138.71 23.26 81.18
C HIS A 459 138.40 22.88 79.73
N ASP A 460 137.66 21.79 79.53
CA ASP A 460 137.30 21.34 78.20
C ASP A 460 136.12 22.17 77.67
N ALA A 461 135.59 23.04 78.53
CA ALA A 461 134.45 23.89 78.16
C ALA A 461 134.76 24.65 76.89
N GLU A 462 133.74 24.85 76.08
CA GLU A 462 133.91 25.46 74.77
C GLU A 462 133.59 26.97 74.84
N TYR A 463 132.59 27.29 75.64
CA TYR A 463 132.20 28.67 75.87
C TYR A 463 131.49 28.77 77.21
N VAL A 464 131.16 30.00 77.59
CA VAL A 464 130.43 30.26 78.82
C VAL A 464 129.19 31.07 78.48
N ASN A 465 128.07 30.73 79.12
CA ASN A 465 126.79 31.40 78.82
C ASN A 465 126.35 32.35 79.93
N VAL A 466 126.52 33.64 79.66
CA VAL A 466 126.09 34.68 80.59
C VAL A 466 124.68 35.11 80.22
N THR A 467 123.82 35.25 81.21
CA THR A 467 122.41 35.54 80.98
C THR A 467 121.87 36.54 81.99
N ALA A 468 121.01 37.45 81.53
CA ALA A 468 120.47 38.51 82.37
C ALA A 468 118.96 38.39 82.51
N GLU A 469 118.38 39.21 83.38
CA GLU A 469 116.94 39.18 83.62
C GLU A 469 116.38 40.57 83.97
N ASP A 470 115.59 41.12 83.06
CA ASP A 470 114.89 42.37 83.31
C ASP A 470 113.39 42.08 83.34
N LEU A 471 112.78 42.20 84.52
CA LEU A 471 111.39 41.76 84.76
C LEU A 471 110.37 42.67 84.07
N ASP A 472 110.88 43.74 83.51
CA ASP A 472 110.08 44.77 82.85
C ASP A 472 109.44 44.16 81.54
N GLY A 473 108.25 44.58 81.11
CA GLY A 473 107.63 44.13 79.88
C GLY A 473 108.06 44.99 78.71
N HIS A 474 107.78 44.55 77.49
CA HIS A 474 108.17 45.32 76.31
C HIS A 474 107.51 46.70 76.37
N PRO A 475 108.25 47.76 75.95
CA PRO A 475 109.62 47.79 75.44
C PRO A 475 110.66 48.02 76.53
N ASN A 476 110.25 47.97 77.80
CA ASN A 476 111.11 48.30 78.94
C ASN A 476 112.05 47.17 79.40
N SER A 477 112.14 46.15 78.55
CA SER A 477 113.16 45.12 78.69
C SER A 477 113.83 44.87 77.35
N GLY A 478 113.04 44.45 76.36
CA GLY A 478 113.50 44.30 75.00
C GLY A 478 114.82 43.55 74.92
N PRO A 479 115.60 43.81 73.86
CA PRO A 479 116.92 43.21 73.74
C PRO A 479 117.92 43.95 74.62
N PHE A 480 118.79 43.21 75.31
CA PHE A 480 119.85 43.81 76.10
C PHE A 480 121.08 44.08 75.24
N SER A 481 121.90 45.02 75.67
CA SER A 481 123.20 45.23 75.05
C SER A 481 124.27 44.92 76.10
N PHE A 482 125.07 43.90 75.80
CA PHE A 482 126.14 43.48 76.71
C PHE A 482 127.44 44.17 76.35
N SER A 483 128.22 44.48 77.38
CA SER A 483 129.51 45.15 77.20
C SER A 483 130.50 44.75 78.29
N VAL A 484 131.53 43.99 77.91
CA VAL A 484 132.57 43.55 78.84
C VAL A 484 133.60 44.66 78.98
N ILE A 485 133.91 45.05 80.22
CA ILE A 485 134.79 46.20 80.45
C ILE A 485 136.23 45.80 80.77
N ASP A 486 137.16 46.70 80.47
CA ASP A 486 138.59 46.41 80.64
C ASP A 486 139.05 46.74 82.07
N LYS A 487 138.67 45.88 83.02
CA LYS A 487 138.97 46.12 84.43
C LYS A 487 139.12 44.79 85.18
N PRO A 488 140.37 44.41 85.53
CA PRO A 488 141.62 45.13 85.29
C PRO A 488 141.98 45.24 83.82
N PRO A 489 142.90 46.13 83.46
CA PRO A 489 143.30 46.33 82.06
C PRO A 489 143.85 45.08 81.40
N GLY A 490 143.54 44.91 80.12
CA GLY A 490 143.94 43.72 79.38
C GLY A 490 142.86 42.65 79.35
N MET A 491 142.02 42.64 80.39
CA MET A 491 141.01 41.60 80.55
C MET A 491 139.93 41.66 79.46
N ALA A 492 139.71 42.85 78.91
CA ALA A 492 138.72 43.03 77.85
C ALA A 492 139.07 42.22 76.61
N GLU A 493 140.36 41.92 76.44
CA GLU A 493 140.82 41.11 75.31
C GLU A 493 140.87 39.63 75.70
N LYS A 494 140.99 39.37 77.00
CA LYS A 494 141.06 38.00 77.49
C LYS A 494 139.71 37.30 77.42
N TRP A 495 138.63 38.08 77.60
CA TRP A 495 137.27 37.56 77.57
C TRP A 495 136.42 38.21 76.46
N LYS A 496 136.28 37.50 75.35
CA LYS A 496 135.57 38.02 74.18
C LYS A 496 134.10 37.61 74.18
N ILE A 497 133.26 38.44 73.56
CA ILE A 497 131.87 38.06 73.28
C ILE A 497 131.74 37.43 71.90
N ALA A 498 131.22 36.20 71.85
CA ALA A 498 131.10 35.48 70.59
C ALA A 498 129.73 35.70 69.97
N ARG A 499 128.68 35.29 70.67
CA ARG A 499 127.32 35.44 70.19
C ARG A 499 126.47 36.05 71.29
N GLN A 500 125.53 36.93 70.92
CA GLN A 500 124.57 37.49 71.87
C GLN A 500 123.13 37.32 71.40
N GLU A 501 122.22 37.29 72.36
CA GLU A 501 120.80 37.11 72.11
C GLU A 501 120.04 38.22 72.82
N SER A 502 118.73 38.04 73.02
CA SER A 502 117.92 39.13 73.54
C SER A 502 118.13 39.30 75.04
N THR A 503 118.42 38.22 75.75
CA THR A 503 118.56 38.27 77.20
C THR A 503 119.74 37.42 77.68
N SER A 504 120.73 37.26 76.83
CA SER A 504 121.87 36.41 77.18
C SER A 504 122.98 36.61 76.18
N VAL A 505 124.13 36.00 76.44
CA VAL A 505 125.29 36.13 75.56
C VAL A 505 126.26 34.98 75.79
N LEU A 506 126.99 34.61 74.74
CA LEU A 506 128.04 33.60 74.82
C LEU A 506 129.41 34.24 74.90
N LEU A 507 130.24 33.73 75.81
CA LEU A 507 131.54 34.33 76.12
C LEU A 507 132.70 33.32 76.05
N GLN A 508 133.75 33.70 75.34
CA GLN A 508 134.91 32.84 75.14
C GLN A 508 136.21 33.49 75.60
N GLN A 509 136.94 32.80 76.47
CA GLN A 509 138.24 33.28 76.90
C GLN A 509 139.27 32.79 75.89
N SER A 510 140.14 33.68 75.45
CA SER A 510 141.07 33.39 74.36
C SER A 510 142.28 32.56 74.80
N GLU A 511 143.01 33.05 75.78
CA GLU A 511 144.24 32.40 76.21
C GLU A 511 143.94 31.03 76.82
N LYS A 512 142.82 30.96 77.53
CA LYS A 512 142.38 29.73 78.20
C LYS A 512 143.27 29.34 79.38
N LYS A 513 143.47 30.28 80.31
CA LYS A 513 144.17 29.97 81.55
C LYS A 513 143.19 29.35 82.52
N LEU A 514 143.73 28.63 83.50
CA LEU A 514 142.92 27.93 84.49
C LEU A 514 142.96 28.67 85.83
N GLY A 515 141.86 29.33 86.17
CA GLY A 515 141.77 30.07 87.42
C GLY A 515 140.52 30.95 87.47
N ARG A 516 140.29 31.61 88.60
CA ARG A 516 139.10 32.45 88.73
C ARG A 516 139.36 33.85 88.20
N SER A 517 138.30 34.44 87.64
CA SER A 517 138.35 35.81 87.16
C SER A 517 137.09 36.52 87.62
N GLU A 518 137.20 37.83 87.91
CA GLU A 518 136.04 38.67 88.11
C GLU A 518 135.80 39.50 86.84
N ILE A 519 134.71 39.18 86.15
CA ILE A 519 134.38 39.81 84.88
C ILE A 519 133.17 40.73 85.02
N GLN A 520 133.43 42.04 84.96
CA GLN A 520 132.36 43.01 85.06
C GLN A 520 131.74 43.26 83.70
N PHE A 521 130.41 43.34 83.70
CA PHE A 521 129.66 43.70 82.50
C PHE A 521 128.96 45.04 82.71
N LEU A 522 128.50 45.66 81.63
CA LEU A 522 127.44 46.64 81.73
C LEU A 522 126.31 46.21 80.84
N ILE A 523 125.32 45.57 81.46
CA ILE A 523 124.14 45.10 80.75
C ILE A 523 123.07 46.19 80.82
N SER A 524 122.67 46.70 79.65
CA SER A 524 121.72 47.81 79.60
C SER A 524 120.35 47.44 78.97
N ASP A 525 119.33 48.09 79.52
CA ASP A 525 117.92 47.92 79.12
C ASP A 525 117.78 48.29 77.65
N ASN A 526 116.62 48.00 77.10
CA ASN A 526 116.25 48.45 75.76
C ASN A 526 116.06 49.99 75.79
N GLN A 527 115.75 50.51 76.97
CA GLN A 527 115.67 51.95 77.17
C GLN A 527 117.06 52.56 77.45
N GLY A 528 118.03 51.68 77.67
CA GLY A 528 119.39 52.10 77.97
C GLY A 528 119.69 52.02 79.47
N PHE A 529 118.65 51.85 80.28
CA PHE A 529 118.79 51.81 81.73
C PHE A 529 119.71 50.67 82.14
N SER A 530 120.27 50.75 83.34
CA SER A 530 121.16 49.71 83.84
C SER A 530 121.22 49.76 85.35
N CYS A 531 121.58 48.64 85.96
CA CYS A 531 121.58 48.54 87.43
C CYS A 531 122.59 49.48 88.08
N PRO A 532 122.21 50.10 89.21
CA PRO A 532 123.21 50.83 89.99
C PRO A 532 124.31 49.89 90.46
N GLU A 533 123.93 48.67 90.86
CA GLU A 533 124.89 47.64 91.26
C GLU A 533 125.76 47.27 90.06
N LYS A 534 127.02 46.96 90.31
CA LYS A 534 127.92 46.54 89.25
C LYS A 534 127.64 45.07 88.94
N GLN A 535 127.45 44.77 87.66
CA GLN A 535 127.18 43.39 87.23
C GLN A 535 128.49 42.65 87.00
N VAL A 536 128.91 41.91 88.02
CA VAL A 536 130.19 41.21 87.96
C VAL A 536 129.96 39.70 87.91
N LEU A 537 130.80 39.03 87.12
CA LEU A 537 130.73 37.59 86.96
C LEU A 537 132.00 36.93 87.48
N THR A 538 131.85 36.16 88.54
CA THR A 538 132.98 35.45 89.15
C THR A 538 133.05 34.04 88.58
N LEU A 539 133.93 33.88 87.60
CA LEU A 539 134.06 32.60 86.88
C LEU A 539 135.37 31.91 87.25
N THR A 540 135.25 30.68 87.76
CA THR A 540 136.40 29.85 88.10
C THR A 540 136.53 28.68 87.13
N VAL A 541 137.61 28.67 86.36
CA VAL A 541 137.91 27.57 85.44
C VAL A 541 138.66 26.45 86.17
N CYS A 542 138.06 25.26 86.21
CA CYS A 542 138.64 24.13 86.93
C CYS A 542 139.08 23.02 85.97
N GLU A 543 140.08 22.24 86.37
CA GLU A 543 140.56 21.11 85.58
C GLU A 543 139.64 19.92 85.80
N CYS A 544 138.86 19.59 84.76
CA CYS A 544 137.91 18.49 84.82
C CYS A 544 138.46 17.24 84.15
N LEU A 545 138.77 16.24 84.96
CA LEU A 545 138.96 14.89 84.42
C LEU A 545 137.60 14.37 84.01
N HIS A 546 137.54 13.61 82.92
CA HIS A 546 136.26 13.25 82.33
C HIS A 546 135.35 12.55 83.34
N GLY A 547 134.07 12.87 83.30
CA GLY A 547 133.10 12.31 84.22
C GLY A 547 133.07 13.05 85.55
N SER A 548 134.22 13.15 86.20
CA SER A 548 134.32 13.84 87.49
C SER A 548 134.12 15.35 87.34
N GLY A 549 133.92 16.01 88.47
CA GLY A 549 133.66 17.44 88.50
C GLY A 549 134.92 18.30 88.49
N CYS A 550 135.85 18.05 89.41
CA CYS A 550 137.07 18.87 89.51
C CYS A 550 138.17 18.10 90.23
N ARG A 551 139.42 18.45 89.93
CA ARG A 551 140.55 17.75 90.54
C ARG A 551 140.75 18.17 92.00
N GLU A 552 141.32 17.25 92.77
CA GLU A 552 141.40 17.41 94.23
C GLU A 552 142.82 17.19 94.77
N ALA A 553 143.34 18.22 95.45
CA ALA A 553 144.59 18.12 96.21
C ALA A 553 145.83 17.89 95.32
N HIS A 554 145.90 16.72 94.69
CA HIS A 554 147.06 16.25 93.93
C HIS A 554 148.39 16.87 94.37
N ALA B 1 15.32 -18.81 -25.43
CA ALA B 1 16.03 -17.86 -24.52
C ALA B 1 15.16 -17.49 -23.33
N TRP B 2 15.68 -16.64 -22.47
CA TRP B 2 14.89 -16.15 -21.35
C TRP B 2 13.78 -15.20 -21.82
N ILE B 3 12.58 -15.42 -21.32
CA ILE B 3 11.46 -14.54 -21.59
C ILE B 3 11.45 -13.43 -20.57
N THR B 4 11.54 -12.19 -21.04
CA THR B 4 11.54 -11.04 -20.16
C THR B 4 10.23 -10.92 -19.42
N ALA B 5 10.32 -10.73 -18.11
CA ALA B 5 9.13 -10.56 -17.31
C ALA B 5 8.35 -9.36 -17.81
N PRO B 6 7.08 -9.55 -18.16
CA PRO B 6 6.31 -8.40 -18.64
C PRO B 6 6.03 -7.38 -17.53
N VAL B 7 5.66 -6.17 -17.94
CA VAL B 7 5.34 -5.09 -17.02
C VAL B 7 3.86 -4.77 -17.12
N ALA B 8 3.23 -4.55 -15.97
CA ALA B 8 1.78 -4.35 -15.92
C ALA B 8 1.45 -2.92 -15.51
N LEU B 9 0.43 -2.36 -16.16
CA LEU B 9 -0.01 -0.99 -15.89
C LEU B 9 -1.53 -0.89 -15.86
N ARG B 10 -2.06 -0.12 -14.92
CA ARG B 10 -3.50 0.01 -14.76
C ARG B 10 -4.07 0.99 -15.78
N GLU B 11 -5.25 0.68 -16.32
CA GLU B 11 -5.91 1.58 -17.25
C GLU B 11 -6.63 2.70 -16.50
N GLY B 12 -7.07 3.71 -17.26
CA GLY B 12 -7.90 4.79 -16.73
C GLY B 12 -7.26 5.49 -15.55
N GLU B 13 -5.94 5.58 -15.59
CA GLU B 13 -5.17 6.12 -14.48
C GLU B 13 -3.94 6.82 -15.04
N ASP B 14 -3.49 7.84 -14.33
CA ASP B 14 -2.25 8.51 -14.70
C ASP B 14 -1.07 7.68 -14.21
N LEU B 15 -0.16 7.37 -15.12
CA LEU B 15 0.97 6.48 -14.83
C LEU B 15 2.29 7.23 -14.77
N SER B 16 2.23 8.55 -14.71
CA SER B 16 3.43 9.37 -14.80
C SER B 16 4.43 9.04 -13.68
N LYS B 17 3.90 8.73 -12.49
CA LYS B 17 4.76 8.48 -11.35
C LYS B 17 5.48 7.15 -11.48
N LYS B 18 5.04 6.30 -12.41
CA LYS B 18 5.61 4.96 -12.57
C LYS B 18 6.70 4.94 -13.62
N ASN B 19 6.83 6.02 -14.37
CA ASN B 19 7.87 6.10 -15.39
C ASN B 19 9.23 6.16 -14.72
N PRO B 20 10.28 5.71 -15.41
CA PRO B 20 10.20 4.93 -16.65
C PRO B 20 9.67 3.53 -16.31
N ILE B 21 8.75 3.04 -17.11
CA ILE B 21 8.03 1.82 -16.77
C ILE B 21 8.88 0.61 -17.00
N ALA B 22 9.93 0.75 -17.80
CA ALA B 22 10.79 -0.39 -18.11
C ALA B 22 12.14 0.08 -18.63
N LYS B 23 13.08 -0.86 -18.74
CA LYS B 23 14.43 -0.55 -19.22
C LYS B 23 15.14 -1.81 -19.71
N ILE B 24 15.70 -1.72 -20.92
CA ILE B 24 16.53 -2.78 -21.47
C ILE B 24 17.94 -2.29 -21.44
N HIS B 25 18.90 -3.21 -21.49
CA HIS B 25 20.31 -2.85 -21.43
C HIS B 25 21.17 -4.02 -21.82
N SER B 26 22.33 -3.73 -22.42
CA SER B 26 23.30 -4.76 -22.77
C SER B 26 24.59 -4.54 -21.97
N ASP B 27 25.27 -5.63 -21.63
CA ASP B 27 26.53 -5.56 -20.90
C ASP B 27 27.70 -5.45 -21.86
N LEU B 28 27.41 -5.43 -23.17
CA LEU B 28 28.45 -5.30 -24.18
C LEU B 28 28.99 -3.87 -24.25
N ALA B 29 28.24 -2.94 -23.68
CA ALA B 29 28.63 -1.53 -23.68
C ALA B 29 29.75 -1.31 -22.69
N GLU B 30 29.58 -1.84 -21.49
CA GLU B 30 30.52 -1.63 -20.40
C GLU B 30 31.79 -2.43 -20.59
N GLU B 31 31.62 -3.68 -21.01
CA GLU B 31 32.73 -4.62 -21.12
C GLU B 31 33.60 -4.36 -22.35
N ARG B 32 32.96 -4.01 -23.46
CA ARG B 32 33.68 -3.84 -24.73
C ARG B 32 33.98 -2.39 -25.07
N GLY B 33 33.38 -1.46 -24.33
CA GLY B 33 33.61 -0.05 -24.57
C GLY B 33 33.15 0.37 -25.95
N LEU B 34 31.90 0.04 -26.26
CA LEU B 34 31.31 0.34 -27.55
C LEU B 34 30.05 1.18 -27.36
N LYS B 35 29.88 2.19 -28.22
CA LYS B 35 28.66 3.00 -28.20
C LYS B 35 27.50 2.19 -28.79
N ILE B 36 26.48 1.96 -27.97
CA ILE B 36 25.29 1.25 -28.39
C ILE B 36 24.05 2.14 -28.29
N THR B 37 23.17 2.03 -29.28
CA THR B 37 21.90 2.73 -29.27
C THR B 37 20.76 1.71 -29.23
N TYR B 38 19.82 1.92 -28.31
CA TYR B 38 18.64 1.06 -28.21
C TYR B 38 17.47 1.66 -28.97
N LYS B 39 16.49 0.82 -29.32
CA LYS B 39 15.25 1.31 -29.91
C LYS B 39 14.17 0.26 -29.80
N TYR B 40 12.93 0.70 -29.67
CA TYR B 40 11.77 -0.20 -29.60
C TYR B 40 10.88 -0.08 -30.84
N THR B 41 10.09 -1.13 -31.09
CA THR B 41 9.12 -1.13 -32.17
C THR B 41 7.88 -1.90 -31.77
N GLY B 42 6.73 -1.54 -32.33
CA GLY B 42 5.50 -2.27 -32.08
C GLY B 42 4.32 -1.36 -31.82
N LYS B 43 3.17 -1.99 -31.56
CA LYS B 43 1.95 -1.27 -31.24
C LYS B 43 2.20 -0.26 -30.12
N GLY B 44 1.95 1.01 -30.40
CA GLY B 44 2.17 2.07 -29.43
C GLY B 44 3.33 2.96 -29.82
N ILE B 45 4.12 2.52 -30.80
CA ILE B 45 5.29 3.27 -31.24
C ILE B 45 5.33 3.35 -32.75
N THR B 46 5.54 2.21 -33.41
CA THR B 46 5.63 2.14 -34.87
C THR B 46 4.33 1.67 -35.51
N GLU B 47 3.36 1.28 -34.70
CA GLU B 47 2.06 0.84 -35.19
C GLU B 47 0.92 1.50 -34.39
N PRO B 48 -0.25 1.63 -35.02
CA PRO B 48 -1.34 2.37 -34.36
C PRO B 48 -1.92 1.57 -33.21
N PRO B 49 -2.35 2.24 -32.13
CA PRO B 49 -2.35 3.69 -31.90
C PRO B 49 -0.96 4.23 -31.67
N PHE B 50 -0.65 5.38 -32.26
CA PHE B 50 0.70 5.93 -32.18
C PHE B 50 0.91 6.83 -30.95
N GLY B 51 2.18 7.06 -30.63
CA GLY B 51 2.55 8.04 -29.63
C GLY B 51 2.08 7.70 -28.22
N ILE B 52 2.07 6.42 -27.89
CA ILE B 52 1.68 5.97 -26.56
C ILE B 52 2.93 5.66 -25.74
N PHE B 53 3.96 5.21 -26.44
CA PHE B 53 5.26 4.95 -25.82
C PHE B 53 6.37 5.74 -26.51
N VAL B 54 7.34 6.18 -25.71
CA VAL B 54 8.54 6.79 -26.26
C VAL B 54 9.74 6.22 -25.52
N PHE B 55 10.90 6.22 -26.17
CA PHE B 55 12.10 5.59 -25.62
C PHE B 55 13.35 6.42 -25.80
N ASN B 56 14.27 6.32 -24.85
CA ASN B 56 15.56 7.00 -24.93
C ASN B 56 16.58 6.13 -25.64
N LYS B 57 17.01 6.55 -26.82
CA LYS B 57 17.91 5.76 -27.66
C LYS B 57 19.21 5.36 -26.94
N ASP B 58 19.64 6.17 -25.98
CA ASP B 58 20.95 6.00 -25.36
C ASP B 58 20.92 5.15 -24.09
N THR B 59 19.92 5.38 -23.24
CA THR B 59 19.83 4.63 -21.99
C THR B 59 19.04 3.32 -22.14
N GLY B 60 18.05 3.33 -23.02
CA GLY B 60 17.21 2.15 -23.24
C GLY B 60 16.01 2.14 -22.33
N GLU B 61 15.65 3.30 -21.77
CA GLU B 61 14.52 3.40 -20.88
C GLU B 61 13.22 3.58 -21.66
N LEU B 62 12.12 3.10 -21.09
CA LEU B 62 10.80 3.21 -21.72
C LEU B 62 9.90 4.12 -20.92
N ASN B 63 8.95 4.75 -21.59
CA ASN B 63 7.96 5.58 -20.89
C ASN B 63 6.57 5.42 -21.50
N VAL B 64 5.55 5.55 -20.65
CA VAL B 64 4.16 5.69 -21.09
C VAL B 64 3.81 7.18 -21.13
N THR B 65 3.04 7.60 -22.13
CA THR B 65 2.79 9.02 -22.34
C THR B 65 1.36 9.43 -22.02
N SER B 66 0.39 8.59 -22.35
CA SER B 66 -1.01 8.94 -22.17
C SER B 66 -1.72 7.93 -21.29
N ILE B 67 -2.99 8.20 -21.02
CA ILE B 67 -3.80 7.32 -20.18
C ILE B 67 -4.28 6.14 -21.01
N LEU B 68 -4.19 4.95 -20.43
CA LEU B 68 -4.53 3.72 -21.14
C LEU B 68 -5.98 3.29 -20.92
N ASP B 69 -6.52 2.57 -21.90
CA ASP B 69 -7.86 2.03 -21.78
C ASP B 69 -7.86 0.62 -22.37
N ARG B 70 -7.99 -0.39 -21.51
CA ARG B 70 -7.78 -1.76 -21.95
C ARG B 70 -8.91 -2.25 -22.84
N GLU B 71 -10.07 -1.59 -22.76
CA GLU B 71 -11.18 -1.89 -23.65
C GLU B 71 -10.82 -1.57 -25.11
N GLU B 72 -9.77 -0.78 -25.29
CA GLU B 72 -9.29 -0.41 -26.61
C GLU B 72 -7.98 -1.14 -26.96
N THR B 73 -7.14 -1.34 -25.95
CA THR B 73 -5.85 -2.01 -26.15
C THR B 73 -5.56 -2.90 -24.94
N PRO B 74 -5.77 -4.22 -25.09
CA PRO B 74 -5.62 -5.08 -23.92
C PRO B 74 -4.15 -5.22 -23.48
N PHE B 75 -3.23 -5.15 -24.45
CA PHE B 75 -1.81 -5.29 -24.16
C PHE B 75 -0.99 -4.80 -25.33
N PHE B 76 0.30 -4.55 -25.07
CA PHE B 76 1.20 -4.06 -26.09
C PHE B 76 2.39 -4.97 -26.25
N LEU B 77 2.46 -5.67 -27.37
CA LEU B 77 3.53 -6.62 -27.63
C LEU B 77 4.61 -5.96 -28.49
N LEU B 78 5.48 -5.20 -27.83
CA LEU B 78 6.56 -4.52 -28.53
C LEU B 78 7.88 -5.24 -28.32
N THR B 79 8.85 -4.96 -29.18
CA THR B 79 10.12 -5.64 -29.17
C THR B 79 11.28 -4.63 -29.11
N GLY B 80 12.29 -4.95 -28.30
CA GLY B 80 13.43 -4.08 -28.10
C GLY B 80 14.65 -4.55 -28.86
N TYR B 81 15.48 -3.60 -29.27
CA TYR B 81 16.70 -3.90 -30.01
C TYR B 81 17.87 -3.27 -29.32
N ALA B 82 19.05 -3.82 -29.59
CA ALA B 82 20.32 -3.20 -29.22
C ALA B 82 21.18 -3.10 -30.48
N LEU B 83 21.43 -1.88 -30.92
CA LEU B 83 22.15 -1.65 -32.17
C LEU B 83 23.47 -0.90 -31.96
N ASP B 84 24.44 -1.17 -32.84
CA ASP B 84 25.67 -0.38 -32.87
C ASP B 84 25.47 0.88 -33.72
N ALA B 85 26.53 1.64 -33.91
CA ALA B 85 26.44 2.88 -34.68
C ALA B 85 26.12 2.62 -36.16
N ARG B 86 26.44 1.43 -36.62
CA ARG B 86 26.27 1.10 -38.03
C ARG B 86 24.80 0.86 -38.36
N GLY B 87 24.08 0.23 -37.44
CA GLY B 87 22.66 -0.07 -37.63
C GLY B 87 22.35 -1.55 -37.58
N ASN B 88 23.32 -2.35 -37.16
CA ASN B 88 23.13 -3.80 -37.04
C ASN B 88 22.95 -4.22 -35.58
N ASN B 89 22.43 -5.43 -35.38
CA ASN B 89 22.17 -5.95 -34.03
C ASN B 89 23.42 -6.45 -33.31
N VAL B 90 23.53 -6.12 -32.03
CA VAL B 90 24.59 -6.67 -31.17
C VAL B 90 24.01 -7.70 -30.21
N GLU B 91 22.71 -7.63 -30.00
CA GLU B 91 21.96 -8.61 -29.22
C GLU B 91 20.74 -9.10 -30.02
N LYS B 92 20.26 -10.28 -29.69
CA LYS B 92 19.01 -10.77 -30.26
C LYS B 92 17.87 -9.88 -29.76
N PRO B 93 16.99 -9.43 -30.66
CA PRO B 93 15.88 -8.60 -30.19
C PRO B 93 14.99 -9.36 -29.22
N LEU B 94 14.67 -8.74 -28.10
CA LEU B 94 13.82 -9.37 -27.09
C LEU B 94 12.38 -8.89 -27.20
N GLU B 95 11.44 -9.75 -26.84
CA GLU B 95 10.04 -9.38 -26.77
C GLU B 95 9.74 -8.85 -25.38
N LEU B 96 9.04 -7.73 -25.31
CA LEU B 96 8.61 -7.18 -24.04
C LEU B 96 7.13 -6.84 -24.06
N ARG B 97 6.33 -7.69 -23.42
CA ARG B 97 4.89 -7.49 -23.34
C ARG B 97 4.55 -6.48 -22.24
N ILE B 98 3.65 -5.56 -22.55
CA ILE B 98 3.13 -4.62 -21.57
C ILE B 98 1.63 -4.86 -21.40
N LYS B 99 1.27 -5.50 -20.29
CA LYS B 99 -0.10 -5.87 -20.01
C LYS B 99 -0.84 -4.69 -19.37
N VAL B 100 -2.08 -4.44 -19.82
CA VAL B 100 -2.92 -3.42 -19.21
C VAL B 100 -3.92 -4.06 -18.26
N LEU B 101 -3.92 -3.61 -17.00
CA LEU B 101 -4.79 -4.16 -15.98
C LEU B 101 -6.17 -3.54 -16.06
N ASP B 102 -7.18 -4.37 -15.87
CA ASP B 102 -8.56 -3.94 -16.01
C ASP B 102 -9.05 -3.14 -14.81
N ILE B 103 -10.08 -2.34 -15.04
CA ILE B 103 -10.86 -1.74 -13.96
C ILE B 103 -12.34 -1.74 -14.36
N ASN B 104 -13.20 -1.81 -13.37
CA ASN B 104 -14.63 -1.86 -13.61
C ASN B 104 -15.15 -0.47 -13.94
N ASP B 105 -14.74 0.04 -15.11
CA ASP B 105 -15.04 1.41 -15.50
C ASP B 105 -16.11 1.49 -16.61
N ASN B 106 -16.91 0.44 -16.73
CA ASN B 106 -18.13 0.52 -17.53
C ASN B 106 -19.14 -0.54 -17.08
N GLU B 107 -20.39 -0.11 -17.03
CA GLU B 107 -21.45 -0.90 -16.41
C GLU B 107 -22.10 -1.86 -17.40
N PRO B 108 -22.76 -2.91 -16.89
CA PRO B 108 -23.50 -3.79 -17.78
C PRO B 108 -24.72 -3.09 -18.36
N VAL B 109 -24.97 -3.32 -19.65
CA VAL B 109 -26.09 -2.72 -20.35
C VAL B 109 -26.82 -3.75 -21.22
N PHE B 110 -28.14 -3.69 -21.24
CA PHE B 110 -28.95 -4.66 -21.98
C PHE B 110 -28.85 -4.48 -23.49
N THR B 111 -29.10 -5.55 -24.23
CA THR B 111 -29.05 -5.51 -25.69
C THR B 111 -30.26 -4.82 -26.30
N GLN B 112 -31.29 -4.65 -25.48
CA GLN B 112 -32.49 -3.96 -25.92
C GLN B 112 -33.27 -3.42 -24.73
N ASP B 113 -33.99 -2.32 -24.93
CA ASP B 113 -34.69 -1.65 -23.86
C ASP B 113 -35.84 -2.50 -23.37
N VAL B 114 -36.37 -3.33 -24.27
CA VAL B 114 -37.51 -4.21 -23.96
C VAL B 114 -37.35 -5.59 -24.57
N PHE B 115 -37.71 -6.62 -23.78
CA PHE B 115 -37.76 -8.00 -24.25
C PHE B 115 -39.20 -8.50 -24.23
N VAL B 116 -39.53 -9.36 -25.19
CA VAL B 116 -40.84 -9.99 -25.22
C VAL B 116 -40.68 -11.50 -25.34
N GLY B 117 -41.47 -12.23 -24.56
CA GLY B 117 -41.46 -13.69 -24.59
C GLY B 117 -42.86 -14.24 -24.32
N SER B 118 -42.98 -15.55 -24.42
CA SER B 118 -44.27 -16.20 -24.28
C SER B 118 -44.13 -17.52 -23.58
N VAL B 119 -45.12 -17.83 -22.76
CA VAL B 119 -45.20 -19.13 -22.12
C VAL B 119 -46.65 -19.63 -22.16
N GLU B 120 -46.82 -20.92 -22.45
CA GLU B 120 -48.13 -21.54 -22.54
C GLU B 120 -48.78 -21.63 -21.15
N GLU B 121 -50.09 -21.48 -21.09
CA GLU B 121 -50.82 -21.57 -19.83
C GLU B 121 -50.54 -22.90 -19.16
N LEU B 122 -50.67 -22.92 -17.83
CA LEU B 122 -50.43 -24.10 -17.00
C LEU B 122 -49.28 -24.99 -17.49
N SER B 123 -48.19 -24.36 -17.92
CA SER B 123 -46.96 -25.08 -18.24
C SER B 123 -46.31 -25.65 -16.98
N ALA B 124 -45.69 -26.82 -17.12
CA ALA B 124 -44.97 -27.43 -16.01
C ALA B 124 -43.90 -26.49 -15.46
N ALA B 125 -43.47 -26.75 -14.23
CA ALA B 125 -42.48 -25.91 -13.57
C ALA B 125 -41.12 -25.98 -14.26
N HIS B 126 -40.36 -24.90 -14.10
CA HIS B 126 -39.05 -24.76 -14.72
C HIS B 126 -39.12 -24.94 -16.23
N THR B 127 -40.13 -24.33 -16.84
CA THR B 127 -40.24 -24.29 -18.29
C THR B 127 -39.64 -22.99 -18.81
N LEU B 128 -38.70 -23.11 -19.74
CA LEU B 128 -37.97 -21.94 -20.21
C LEU B 128 -38.91 -21.03 -20.97
N VAL B 129 -39.10 -19.82 -20.44
CA VAL B 129 -39.95 -18.83 -21.07
C VAL B 129 -39.19 -18.10 -22.16
N MET B 130 -38.08 -17.49 -21.78
CA MET B 130 -37.24 -16.73 -22.69
C MET B 130 -35.88 -16.52 -22.09
N LYS B 131 -35.10 -15.60 -22.69
CA LYS B 131 -33.79 -15.26 -22.16
C LYS B 131 -33.50 -13.78 -22.39
N ILE B 132 -33.10 -13.06 -21.36
CA ILE B 132 -32.67 -11.66 -21.50
C ILE B 132 -31.14 -11.64 -21.54
N ASN B 133 -30.54 -10.61 -22.14
CA ASN B 133 -29.08 -10.53 -22.25
C ASN B 133 -28.57 -9.13 -21.94
N ALA B 134 -27.32 -9.10 -21.48
CA ALA B 134 -26.61 -7.87 -21.13
C ALA B 134 -25.13 -8.06 -21.46
N THR B 135 -24.41 -6.97 -21.65
CA THR B 135 -23.00 -7.04 -22.03
C THR B 135 -22.14 -6.23 -21.08
N ASP B 136 -20.91 -6.70 -20.87
CA ASP B 136 -19.95 -5.98 -20.06
C ASP B 136 -18.60 -5.99 -20.78
N ALA B 137 -18.14 -4.80 -21.16
CA ALA B 137 -16.94 -4.65 -22.00
C ALA B 137 -15.65 -4.91 -21.24
N ASP B 138 -15.77 -5.02 -19.90
CA ASP B 138 -14.60 -5.24 -19.03
C ASP B 138 -13.94 -6.60 -19.34
N GLU B 139 -12.86 -6.90 -18.63
CA GLU B 139 -12.07 -8.12 -18.85
C GLU B 139 -12.94 -9.37 -18.69
N PRO B 140 -12.91 -10.28 -19.68
CA PRO B 140 -13.68 -11.52 -19.53
C PRO B 140 -13.19 -12.39 -18.38
N ASN B 141 -14.07 -13.22 -17.84
CA ASN B 141 -13.71 -14.14 -16.76
C ASN B 141 -13.19 -13.42 -15.51
N THR B 142 -13.78 -12.25 -15.23
CA THR B 142 -13.49 -11.50 -14.02
C THR B 142 -14.78 -10.97 -13.42
N LEU B 143 -14.76 -10.66 -12.14
CA LEU B 143 -15.93 -10.10 -11.48
C LEU B 143 -16.35 -8.80 -12.14
N ASN B 144 -15.41 -8.13 -12.80
CA ASN B 144 -15.71 -6.88 -13.50
C ASN B 144 -16.66 -7.09 -14.66
N SER B 145 -16.79 -8.34 -15.10
CA SER B 145 -17.65 -8.67 -16.25
C SER B 145 -18.70 -9.73 -15.92
N LYS B 146 -18.70 -10.26 -14.70
CA LYS B 146 -19.75 -11.18 -14.29
C LYS B 146 -21.03 -10.40 -14.03
N ILE B 147 -22.06 -10.71 -14.80
CA ILE B 147 -23.32 -10.01 -14.75
C ILE B 147 -24.28 -10.73 -13.80
N SER B 148 -25.13 -9.96 -13.13
CA SER B 148 -26.14 -10.51 -12.23
C SER B 148 -27.52 -9.94 -12.55
N TYR B 149 -28.38 -10.77 -13.17
CA TYR B 149 -29.74 -10.39 -13.52
C TYR B 149 -30.71 -10.59 -12.34
N ARG B 150 -31.49 -9.55 -12.02
CA ARG B 150 -32.48 -9.64 -10.94
C ARG B 150 -33.81 -8.97 -11.31
N ILE B 151 -34.88 -9.43 -10.65
CA ILE B 151 -36.20 -8.86 -10.85
C ILE B 151 -36.43 -7.72 -9.87
N VAL B 152 -36.59 -6.51 -10.40
CA VAL B 152 -36.84 -5.35 -9.57
C VAL B 152 -38.29 -5.35 -9.11
N SER B 153 -39.19 -5.21 -10.07
CA SER B 153 -40.62 -5.11 -9.78
C SER B 153 -41.43 -5.95 -10.77
N LEU B 154 -42.35 -6.75 -10.23
CA LEU B 154 -43.22 -7.59 -11.04
C LEU B 154 -44.68 -7.15 -10.85
N GLU B 155 -45.48 -7.28 -11.90
CA GLU B 155 -46.90 -6.93 -11.82
C GLU B 155 -47.75 -7.99 -12.51
N PRO B 156 -48.61 -8.70 -11.75
CA PRO B 156 -48.81 -8.58 -10.29
C PRO B 156 -47.65 -9.20 -9.52
N ALA B 157 -47.08 -8.40 -8.61
CA ALA B 157 -45.93 -8.81 -7.79
C ALA B 157 -46.12 -10.18 -7.15
N TYR B 158 -47.37 -10.51 -6.89
CA TYR B 158 -47.71 -11.71 -6.15
C TYR B 158 -48.80 -12.53 -6.86
N PRO B 159 -48.65 -13.87 -6.85
CA PRO B 159 -47.54 -14.64 -6.28
C PRO B 159 -46.34 -14.66 -7.22
N PRO B 160 -45.19 -15.17 -6.75
CA PRO B 160 -44.03 -15.25 -7.62
C PRO B 160 -44.13 -16.47 -8.50
N VAL B 161 -44.34 -16.24 -9.79
CA VAL B 161 -44.59 -17.32 -10.73
C VAL B 161 -43.52 -17.31 -11.81
N PHE B 162 -42.45 -16.54 -11.58
CA PHE B 162 -41.33 -16.46 -12.51
C PHE B 162 -40.01 -16.46 -11.74
N TYR B 163 -39.10 -17.32 -12.18
CA TYR B 163 -37.75 -17.37 -11.62
C TYR B 163 -36.73 -16.98 -12.69
N LEU B 164 -35.95 -15.95 -12.38
CA LEU B 164 -34.93 -15.45 -13.29
C LEU B 164 -33.53 -15.82 -12.78
N ASN B 165 -32.89 -16.76 -13.48
CA ASN B 165 -31.53 -17.15 -13.18
C ASN B 165 -30.57 -15.97 -13.36
N LYS B 166 -29.95 -15.54 -12.25
CA LYS B 166 -29.14 -14.33 -12.26
C LYS B 166 -27.88 -14.47 -13.11
N ASP B 167 -27.42 -15.70 -13.30
CA ASP B 167 -26.17 -15.94 -14.03
C ASP B 167 -26.36 -16.03 -15.52
N THR B 168 -27.49 -16.59 -15.94
CA THR B 168 -27.76 -16.85 -17.35
C THR B 168 -28.77 -15.86 -17.93
N GLY B 169 -29.61 -15.30 -17.08
CA GLY B 169 -30.65 -14.40 -17.52
C GLY B 169 -31.91 -15.11 -17.99
N GLU B 170 -31.85 -16.44 -18.10
CA GLU B 170 -33.00 -17.22 -18.50
C GLU B 170 -34.15 -17.09 -17.51
N ILE B 171 -35.38 -16.97 -18.04
CA ILE B 171 -36.57 -16.90 -17.19
C ILE B 171 -37.34 -18.21 -17.26
N TYR B 172 -37.73 -18.71 -16.10
CA TYR B 172 -38.42 -19.98 -15.98
C TYR B 172 -39.75 -19.82 -15.24
N THR B 173 -40.59 -20.84 -15.33
CA THR B 173 -41.84 -20.91 -14.58
C THR B 173 -41.63 -21.68 -13.28
N THR B 174 -42.31 -21.27 -12.22
CA THR B 174 -42.16 -21.90 -10.92
C THR B 174 -43.22 -22.97 -10.71
N SER B 175 -43.30 -23.50 -9.49
CA SER B 175 -44.25 -24.56 -9.17
C SER B 175 -45.67 -23.98 -9.04
N VAL B 176 -45.76 -22.67 -8.87
CA VAL B 176 -47.05 -22.01 -8.89
C VAL B 176 -47.54 -21.97 -10.33
N THR B 177 -48.69 -22.59 -10.58
CA THR B 177 -49.21 -22.75 -11.94
C THR B 177 -49.88 -21.49 -12.45
N LEU B 178 -49.65 -21.21 -13.74
CA LEU B 178 -50.20 -20.02 -14.37
C LEU B 178 -51.58 -20.27 -14.93
N ASP B 179 -52.48 -19.32 -14.70
CA ASP B 179 -53.84 -19.40 -15.22
C ASP B 179 -54.13 -18.14 -16.02
N ARG B 180 -54.18 -18.27 -17.34
CA ARG B 180 -54.40 -17.11 -18.21
C ARG B 180 -55.75 -16.44 -17.94
N GLU B 181 -56.71 -17.21 -17.44
CA GLU B 181 -57.99 -16.65 -17.08
C GLU B 181 -57.86 -15.74 -15.86
N GLU B 182 -56.82 -15.97 -15.06
CA GLU B 182 -56.52 -15.09 -13.93
C GLU B 182 -55.70 -13.90 -14.39
N HIS B 183 -54.58 -14.19 -15.07
CA HIS B 183 -53.68 -13.14 -15.58
C HIS B 183 -53.11 -13.52 -16.94
N SER B 184 -53.34 -12.67 -17.93
CA SER B 184 -52.96 -12.97 -19.30
C SER B 184 -51.56 -12.53 -19.65
N SER B 185 -51.18 -11.36 -19.17
CA SER B 185 -49.87 -10.78 -19.47
C SER B 185 -49.20 -10.26 -18.22
N TYR B 186 -47.92 -10.62 -18.07
CA TYR B 186 -47.08 -10.09 -17.00
C TYR B 186 -46.09 -9.07 -17.59
N THR B 187 -46.15 -7.86 -17.05
CA THR B 187 -45.16 -6.84 -17.38
C THR B 187 -44.16 -6.74 -16.22
N LEU B 188 -42.87 -6.79 -16.56
CA LEU B 188 -41.84 -7.11 -15.59
C LEU B 188 -40.54 -6.31 -15.78
N THR B 189 -40.12 -5.57 -14.74
CA THR B 189 -38.91 -4.74 -14.78
C THR B 189 -37.69 -5.41 -14.14
N VAL B 190 -36.64 -5.61 -14.94
CA VAL B 190 -35.44 -6.32 -14.47
C VAL B 190 -34.26 -5.37 -14.36
N GLU B 191 -33.13 -5.90 -13.90
CA GLU B 191 -31.94 -5.12 -13.61
C GLU B 191 -30.68 -5.98 -13.72
N ALA B 192 -29.57 -5.36 -14.14
CA ALA B 192 -28.28 -6.05 -14.31
C ALA B 192 -27.15 -5.37 -13.51
N ARG B 193 -26.44 -6.17 -12.71
CA ARG B 193 -25.42 -5.62 -11.81
C ARG B 193 -24.02 -6.17 -12.05
N ASP B 194 -23.03 -5.35 -11.68
CA ASP B 194 -21.62 -5.63 -11.90
C ASP B 194 -21.01 -6.27 -10.66
N GLY B 195 -19.85 -6.91 -10.84
CA GLY B 195 -19.06 -7.37 -9.71
C GLY B 195 -19.45 -8.74 -9.21
N ASN B 196 -19.85 -8.80 -7.95
CA ASN B 196 -20.20 -10.06 -7.29
C ASN B 196 -21.72 -10.21 -7.11
N GLY B 197 -22.48 -9.33 -7.75
CA GLY B 197 -23.93 -9.38 -7.69
C GLY B 197 -24.47 -8.92 -6.35
N GLU B 198 -23.90 -7.85 -5.82
CA GLU B 198 -24.33 -7.30 -4.53
C GLU B 198 -25.31 -6.16 -4.75
N VAL B 199 -26.48 -6.25 -4.14
CA VAL B 199 -27.51 -5.24 -4.33
C VAL B 199 -27.21 -4.01 -3.49
N THR B 200 -26.93 -2.90 -4.17
CA THR B 200 -26.59 -1.65 -3.52
C THR B 200 -27.51 -0.54 -3.98
N ASP B 201 -27.30 0.66 -3.44
CA ASP B 201 -28.11 1.83 -3.80
C ASP B 201 -27.60 2.46 -5.11
N LYS B 202 -26.61 1.83 -5.72
CA LYS B 202 -26.01 2.34 -6.95
C LYS B 202 -27.01 2.27 -8.10
N PRO B 203 -27.09 3.32 -8.91
CA PRO B 203 -28.00 3.26 -10.06
C PRO B 203 -27.40 2.44 -11.21
N VAL B 204 -27.97 1.25 -11.43
CA VAL B 204 -27.54 0.39 -12.53
C VAL B 204 -28.59 0.39 -13.64
N LYS B 205 -28.18 0.03 -14.84
CA LYS B 205 -29.08 0.02 -15.99
C LYS B 205 -30.16 -1.04 -15.80
N GLN B 206 -31.39 -0.69 -16.17
CA GLN B 206 -32.52 -1.60 -16.03
C GLN B 206 -33.34 -1.63 -17.32
N ALA B 207 -33.93 -2.78 -17.60
CA ALA B 207 -34.86 -2.94 -18.74
C ALA B 207 -36.19 -3.52 -18.28
N GLN B 208 -37.15 -3.56 -19.20
CA GLN B 208 -38.46 -4.14 -18.90
C GLN B 208 -38.81 -5.27 -19.86
N VAL B 209 -39.40 -6.33 -19.32
CA VAL B 209 -39.80 -7.48 -20.10
C VAL B 209 -41.32 -7.64 -20.05
N GLN B 210 -41.91 -8.01 -21.18
CA GLN B 210 -43.34 -8.25 -21.27
C GLN B 210 -43.59 -9.69 -21.65
N ILE B 211 -44.31 -10.39 -20.77
CA ILE B 211 -44.61 -11.82 -20.91
C ILE B 211 -46.09 -12.05 -21.22
N ARG B 212 -46.38 -12.71 -22.34
CA ARG B 212 -47.76 -13.09 -22.65
C ARG B 212 -48.00 -14.55 -22.29
N ILE B 213 -49.04 -14.79 -21.49
CA ILE B 213 -49.50 -16.13 -21.21
C ILE B 213 -50.44 -16.58 -22.32
N LEU B 214 -50.01 -17.57 -23.09
CA LEU B 214 -50.80 -18.05 -24.21
C LEU B 214 -51.94 -18.95 -23.73
N ASP B 215 -53.06 -18.92 -24.43
CA ASP B 215 -54.27 -19.59 -23.95
C ASP B 215 -54.32 -21.05 -24.36
N VAL B 216 -54.97 -21.86 -23.52
CA VAL B 216 -55.25 -23.25 -23.86
C VAL B 216 -56.70 -23.54 -23.49
N ASN B 217 -57.33 -24.46 -24.24
CA ASN B 217 -58.74 -24.76 -24.06
C ASN B 217 -58.94 -25.64 -22.84
N ASP B 218 -58.96 -25.01 -21.67
CA ASP B 218 -59.12 -25.70 -20.41
C ASP B 218 -60.38 -25.23 -19.71
N ASN B 219 -61.34 -24.77 -20.51
CA ASN B 219 -62.63 -24.32 -20.00
C ASN B 219 -63.74 -24.72 -20.97
N ILE B 220 -64.70 -25.47 -20.41
CA ILE B 220 -65.80 -26.04 -21.17
C ILE B 220 -66.91 -25.00 -21.37
N PRO B 221 -67.49 -24.93 -22.58
CA PRO B 221 -68.58 -23.98 -22.85
C PRO B 221 -69.84 -24.26 -22.01
N VAL B 222 -70.69 -23.26 -21.85
CA VAL B 222 -71.92 -23.40 -21.07
C VAL B 222 -73.06 -22.61 -21.69
N VAL B 223 -74.20 -23.26 -21.88
CA VAL B 223 -75.38 -22.65 -22.48
C VAL B 223 -76.23 -21.96 -21.40
N GLU B 224 -76.98 -20.93 -21.80
CA GLU B 224 -77.88 -20.22 -20.88
C GLU B 224 -78.86 -21.16 -20.20
N ASN B 225 -79.53 -20.66 -19.17
CA ASN B 225 -80.40 -21.50 -18.35
C ASN B 225 -81.87 -21.46 -18.75
N LYS B 226 -82.17 -20.88 -19.92
CA LYS B 226 -83.55 -20.82 -20.42
C LYS B 226 -83.81 -21.97 -21.39
N VAL B 227 -85.07 -22.13 -21.81
CA VAL B 227 -85.50 -23.34 -22.52
C VAL B 227 -85.43 -23.25 -24.04
N LEU B 228 -85.19 -22.05 -24.55
CA LEU B 228 -85.01 -21.81 -25.99
C LEU B 228 -86.00 -22.60 -26.89
N GLU B 229 -87.24 -22.12 -26.92
CA GLU B 229 -88.23 -22.61 -27.88
C GLU B 229 -88.16 -21.76 -29.15
N GLY B 230 -88.51 -22.37 -30.28
CA GLY B 230 -88.47 -21.71 -31.57
C GLY B 230 -89.78 -21.82 -32.33
N MET B 231 -89.92 -21.03 -33.39
CA MET B 231 -91.15 -21.03 -34.17
C MET B 231 -90.92 -20.59 -35.61
N VAL B 232 -91.18 -21.51 -36.53
CA VAL B 232 -91.06 -21.23 -37.95
C VAL B 232 -92.41 -21.41 -38.66
N GLU B 233 -92.54 -20.79 -39.83
CA GLU B 233 -93.78 -20.90 -40.59
C GLU B 233 -93.69 -21.96 -41.67
N GLU B 234 -94.85 -22.38 -42.11
CA GLU B 234 -94.98 -23.38 -43.16
C GLU B 234 -94.45 -22.84 -44.49
N ASN B 235 -93.85 -23.71 -45.29
CA ASN B 235 -93.36 -23.32 -46.62
C ASN B 235 -92.36 -22.18 -46.59
N GLN B 236 -91.51 -22.17 -45.56
CA GLN B 236 -90.42 -21.21 -45.43
C GLN B 236 -89.08 -21.90 -45.54
N VAL B 237 -88.07 -21.19 -46.02
CA VAL B 237 -86.72 -21.74 -46.12
C VAL B 237 -85.71 -20.64 -45.80
N ASN B 238 -84.55 -21.05 -45.28
CA ASN B 238 -83.49 -20.11 -44.93
C ASN B 238 -84.00 -19.03 -43.99
N VAL B 239 -84.48 -19.45 -42.82
CA VAL B 239 -84.97 -18.53 -41.80
C VAL B 239 -84.35 -18.85 -40.45
N GLU B 240 -84.18 -17.83 -39.62
CA GLU B 240 -83.55 -18.00 -38.33
C GLU B 240 -84.56 -18.51 -37.31
N VAL B 241 -84.28 -19.70 -36.79
CA VAL B 241 -85.14 -20.33 -35.81
C VAL B 241 -84.88 -19.81 -34.40
N THR B 242 -83.61 -19.92 -33.95
CA THR B 242 -83.23 -19.51 -32.59
C THR B 242 -81.70 -19.25 -32.52
N ARG B 243 -81.27 -18.49 -31.51
CA ARG B 243 -79.85 -18.26 -31.27
C ARG B 243 -79.43 -18.83 -29.92
N ILE B 244 -78.64 -19.89 -29.96
CA ILE B 244 -78.12 -20.50 -28.74
C ILE B 244 -76.92 -19.73 -28.22
N LYS B 245 -77.12 -18.94 -27.17
CA LYS B 245 -76.03 -18.20 -26.55
C LYS B 245 -75.24 -19.11 -25.62
N VAL B 246 -73.91 -19.06 -25.75
CA VAL B 246 -73.03 -19.90 -24.96
C VAL B 246 -71.83 -19.12 -24.43
N PHE B 247 -71.49 -19.34 -23.17
CA PHE B 247 -70.38 -18.66 -22.52
C PHE B 247 -69.14 -19.54 -22.46
N ASP B 248 -67.96 -18.92 -22.63
CA ASP B 248 -66.70 -19.66 -22.55
C ASP B 248 -65.60 -18.80 -21.94
N ALA B 249 -64.91 -19.37 -20.96
CA ALA B 249 -63.93 -18.63 -20.16
C ALA B 249 -62.64 -18.33 -20.90
N ASP B 250 -62.29 -19.18 -21.86
CA ASP B 250 -61.05 -19.06 -22.60
C ASP B 250 -60.96 -17.76 -23.42
N GLU B 251 -59.83 -17.59 -24.10
CA GLU B 251 -59.48 -16.32 -24.73
C GLU B 251 -60.48 -15.96 -25.80
N ILE B 252 -61.14 -14.83 -25.63
CA ILE B 252 -62.17 -14.41 -26.57
C ILE B 252 -61.60 -14.28 -27.96
N GLY B 253 -62.32 -14.83 -28.94
CA GLY B 253 -61.90 -14.81 -30.34
C GLY B 253 -61.20 -16.08 -30.77
N SER B 254 -60.57 -16.76 -29.83
CA SER B 254 -59.79 -17.95 -30.14
C SER B 254 -60.69 -19.17 -30.34
N ASP B 255 -60.14 -20.20 -30.97
CA ASP B 255 -60.87 -21.43 -31.20
C ASP B 255 -61.08 -22.21 -29.90
N ASN B 256 -60.36 -21.82 -28.86
CA ASN B 256 -60.56 -22.40 -27.55
C ASN B 256 -61.81 -21.83 -26.91
N TRP B 257 -62.33 -20.74 -27.47
CA TRP B 257 -63.45 -19.99 -26.90
C TRP B 257 -64.66 -20.10 -27.78
N LEU B 258 -64.41 -20.17 -29.08
CA LEU B 258 -65.47 -20.23 -30.09
C LEU B 258 -66.35 -21.44 -29.86
N ALA B 259 -67.66 -21.20 -29.76
CA ALA B 259 -68.63 -22.28 -29.59
C ALA B 259 -68.62 -23.20 -30.81
N ASN B 260 -68.87 -24.47 -30.57
CA ASN B 260 -68.92 -25.42 -31.65
C ASN B 260 -70.13 -26.36 -31.50
N PHE B 261 -70.67 -26.84 -32.64
CA PHE B 261 -71.93 -27.60 -32.63
C PHE B 261 -71.98 -28.86 -33.48
N THR B 262 -72.54 -29.91 -32.87
CA THR B 262 -72.84 -31.17 -33.55
C THR B 262 -74.26 -31.59 -33.18
N PHE B 263 -75.05 -31.97 -34.18
CA PHE B 263 -76.41 -32.44 -33.91
C PHE B 263 -76.43 -33.81 -33.24
N ALA B 264 -77.14 -33.90 -32.11
CA ALA B 264 -77.24 -35.16 -31.35
C ALA B 264 -78.39 -36.02 -31.87
N SER B 265 -79.55 -35.40 -32.02
CA SER B 265 -80.74 -36.08 -32.53
C SER B 265 -81.80 -35.09 -32.99
N GLY B 266 -82.45 -35.39 -34.11
CA GLY B 266 -83.56 -34.59 -34.58
C GLY B 266 -83.32 -33.93 -35.92
N ASN B 267 -82.16 -34.17 -36.52
CA ASN B 267 -81.83 -33.58 -37.82
C ASN B 267 -81.50 -34.65 -38.85
N GLU B 268 -82.18 -35.80 -38.74
CA GLU B 268 -81.94 -36.91 -39.65
C GLU B 268 -82.42 -36.54 -41.05
N GLY B 269 -83.40 -35.63 -41.12
CA GLY B 269 -83.96 -35.22 -42.38
C GLY B 269 -83.14 -34.16 -43.08
N GLY B 270 -82.16 -33.61 -42.36
CA GLY B 270 -81.35 -32.52 -42.89
C GLY B 270 -82.20 -31.27 -43.03
N TYR B 271 -82.97 -30.97 -42.00
CA TYR B 271 -83.86 -29.80 -42.00
C TYR B 271 -83.19 -28.57 -41.42
N PHE B 272 -82.15 -28.78 -40.62
CA PHE B 272 -81.47 -27.68 -39.92
C PHE B 272 -79.98 -27.58 -40.25
N HIS B 273 -79.49 -26.35 -40.27
CA HIS B 273 -78.09 -26.06 -40.45
C HIS B 273 -77.66 -25.09 -39.37
N ILE B 274 -76.52 -25.39 -38.73
CA ILE B 274 -76.01 -24.57 -37.65
C ILE B 274 -74.60 -24.05 -37.96
N GLU B 275 -74.35 -22.78 -37.61
CA GLU B 275 -73.03 -22.20 -37.72
C GLU B 275 -72.92 -21.13 -36.64
N THR B 276 -71.76 -21.05 -36.00
CA THR B 276 -71.58 -20.17 -34.85
C THR B 276 -71.17 -18.76 -35.29
N ASP B 277 -71.77 -17.76 -34.66
CA ASP B 277 -71.39 -16.36 -34.88
C ASP B 277 -70.20 -15.98 -33.98
N ALA B 278 -69.06 -15.74 -34.62
CA ALA B 278 -67.81 -15.56 -33.90
C ALA B 278 -67.79 -14.28 -33.06
N GLN B 279 -68.69 -13.35 -33.36
CA GLN B 279 -68.73 -12.07 -32.64
C GLN B 279 -69.57 -12.18 -31.38
N THR B 280 -70.64 -12.97 -31.43
CA THR B 280 -71.54 -13.12 -30.30
C THR B 280 -71.46 -14.50 -29.67
N ASN B 281 -70.72 -15.40 -30.34
CA ASN B 281 -70.59 -16.77 -29.86
C ASN B 281 -71.96 -17.41 -29.65
N GLU B 282 -72.85 -17.14 -30.60
CA GLU B 282 -74.20 -17.71 -30.59
C GLU B 282 -74.29 -18.82 -31.64
N GLY B 283 -75.03 -19.87 -31.31
CA GLY B 283 -75.33 -20.91 -32.28
C GLY B 283 -76.50 -20.47 -33.14
N ILE B 284 -76.25 -20.26 -34.42
CA ILE B 284 -77.30 -19.83 -35.35
C ILE B 284 -77.93 -21.02 -36.05
N VAL B 285 -79.09 -21.45 -35.57
CA VAL B 285 -79.84 -22.53 -36.22
C VAL B 285 -80.78 -21.95 -37.27
N THR B 286 -80.73 -22.52 -38.47
CA THR B 286 -81.57 -22.03 -39.58
C THR B 286 -82.22 -23.17 -40.35
N LEU B 287 -83.42 -22.92 -40.83
CA LEU B 287 -84.18 -23.89 -41.58
C LEU B 287 -83.70 -23.94 -43.02
N ILE B 288 -83.28 -25.13 -43.46
CA ILE B 288 -82.77 -25.30 -44.83
C ILE B 288 -83.69 -26.20 -45.66
N LYS B 289 -84.90 -26.41 -45.15
CA LYS B 289 -85.90 -27.24 -45.84
C LYS B 289 -87.30 -26.82 -45.44
N GLU B 290 -88.16 -26.61 -46.44
CA GLU B 290 -89.54 -26.24 -46.17
C GLU B 290 -90.24 -27.37 -45.43
N VAL B 291 -91.18 -27.01 -44.56
CA VAL B 291 -91.95 -28.00 -43.82
C VAL B 291 -93.44 -27.80 -44.09
N ASP B 292 -94.19 -28.90 -44.06
CA ASP B 292 -95.62 -28.89 -44.28
C ASP B 292 -96.36 -29.01 -42.95
N TYR B 293 -97.13 -27.99 -42.61
CA TYR B 293 -97.85 -27.99 -41.33
C TYR B 293 -98.86 -29.14 -41.23
N GLU B 294 -99.38 -29.55 -42.37
CA GLU B 294 -100.36 -30.62 -42.40
C GLU B 294 -99.73 -31.97 -42.12
N GLU B 295 -98.43 -32.07 -42.40
CA GLU B 295 -97.68 -33.29 -42.18
C GLU B 295 -96.89 -33.28 -40.86
N MET B 296 -96.31 -32.13 -40.54
CA MET B 296 -95.47 -31.98 -39.34
C MET B 296 -95.73 -30.65 -38.66
N LYS B 297 -96.01 -30.70 -37.35
CA LYS B 297 -96.27 -29.48 -36.57
C LYS B 297 -95.12 -29.14 -35.60
N ASN B 298 -94.42 -30.18 -35.12
CA ASN B 298 -93.26 -30.02 -34.24
C ASN B 298 -92.00 -30.57 -34.88
N LEU B 299 -90.91 -29.81 -34.77
CA LEU B 299 -89.62 -30.20 -35.31
C LEU B 299 -88.55 -30.30 -34.23
N ASP B 300 -88.94 -30.71 -33.03
CA ASP B 300 -88.04 -30.77 -31.88
C ASP B 300 -86.74 -31.51 -32.22
N PHE B 301 -85.64 -31.06 -31.60
CA PHE B 301 -84.34 -31.68 -31.79
C PHE B 301 -83.36 -31.31 -30.66
N SER B 302 -82.18 -31.91 -30.70
CA SER B 302 -81.16 -31.64 -29.70
C SER B 302 -79.76 -31.55 -30.30
N VAL B 303 -78.95 -30.69 -29.69
CA VAL B 303 -77.56 -30.48 -30.11
C VAL B 303 -76.68 -30.49 -28.86
N ILE B 304 -75.39 -30.81 -29.01
CA ILE B 304 -74.44 -30.69 -27.90
C ILE B 304 -73.34 -29.70 -28.27
N VAL B 305 -72.91 -28.92 -27.28
CA VAL B 305 -71.95 -27.83 -27.49
C VAL B 305 -70.53 -28.26 -27.12
N ALA B 306 -69.58 -27.75 -27.87
CA ALA B 306 -68.17 -27.97 -27.57
C ALA B 306 -67.38 -26.77 -28.07
N ASN B 307 -66.06 -26.88 -28.17
CA ASN B 307 -65.22 -25.82 -28.71
C ASN B 307 -64.70 -26.22 -30.08
N LYS B 308 -64.41 -25.24 -30.92
CA LYS B 308 -63.89 -25.49 -32.25
C LYS B 308 -62.54 -26.20 -32.14
N ALA B 309 -61.79 -25.82 -31.11
CA ALA B 309 -60.53 -26.48 -30.81
C ALA B 309 -60.77 -27.62 -29.83
N ALA B 310 -59.93 -28.66 -29.88
CA ALA B 310 -60.04 -29.77 -28.94
C ALA B 310 -59.74 -29.29 -27.53
N PHE B 311 -60.29 -30.01 -26.55
CA PHE B 311 -60.05 -29.69 -25.15
C PHE B 311 -58.65 -30.11 -24.75
N HIS B 312 -58.03 -29.33 -23.87
CA HIS B 312 -56.69 -29.66 -23.38
C HIS B 312 -56.73 -30.99 -22.64
N LYS B 313 -55.65 -31.76 -22.74
CA LYS B 313 -55.57 -33.07 -22.09
C LYS B 313 -55.88 -32.98 -20.60
N SER B 314 -55.63 -31.81 -20.02
CA SER B 314 -55.89 -31.56 -18.61
C SER B 314 -57.37 -31.65 -18.26
N ILE B 315 -58.21 -31.15 -19.16
CA ILE B 315 -59.65 -30.99 -18.89
C ILE B 315 -60.46 -32.09 -19.60
N ARG B 316 -59.81 -32.86 -20.48
CA ARG B 316 -60.47 -34.01 -21.10
C ARG B 316 -60.74 -35.05 -20.03
N SER B 317 -61.74 -35.90 -20.30
CA SER B 317 -62.20 -36.90 -19.33
C SER B 317 -62.94 -36.25 -18.17
N LYS B 318 -63.11 -34.92 -18.24
CA LYS B 318 -63.97 -34.19 -17.31
C LYS B 318 -65.21 -33.69 -18.08
N TYR B 319 -65.12 -33.70 -19.40
CA TYR B 319 -66.19 -33.19 -20.25
C TYR B 319 -67.22 -34.27 -20.60
N LYS B 320 -68.47 -33.99 -20.25
CA LYS B 320 -69.57 -34.92 -20.51
C LYS B 320 -70.66 -34.27 -21.38
N PRO B 321 -70.77 -34.70 -22.64
CA PRO B 321 -71.79 -34.12 -23.54
C PRO B 321 -73.21 -34.18 -22.98
N THR B 322 -73.81 -33.02 -22.79
CA THR B 322 -75.21 -32.94 -22.34
C THR B 322 -76.09 -32.37 -23.46
N PRO B 323 -76.97 -33.19 -24.06
CA PRO B 323 -77.86 -32.70 -25.13
C PRO B 323 -78.77 -31.57 -24.68
N ILE B 324 -78.89 -30.55 -25.53
CA ILE B 324 -79.73 -29.39 -25.24
C ILE B 324 -81.10 -29.51 -25.92
N PRO B 325 -82.18 -29.33 -25.14
CA PRO B 325 -83.51 -29.46 -25.74
C PRO B 325 -83.91 -28.21 -26.54
N ILE B 326 -84.39 -28.42 -27.75
CA ILE B 326 -84.86 -27.31 -28.60
C ILE B 326 -86.26 -27.63 -29.15
N LYS B 327 -87.28 -27.14 -28.47
CA LYS B 327 -88.66 -27.29 -28.94
C LYS B 327 -88.92 -26.26 -30.02
N VAL B 328 -89.35 -26.72 -31.18
CA VAL B 328 -89.74 -25.81 -32.28
C VAL B 328 -91.06 -26.28 -32.88
N LYS B 329 -92.02 -25.36 -32.94
CA LYS B 329 -93.36 -25.64 -33.44
C LYS B 329 -93.59 -24.93 -34.78
N VAL B 330 -94.38 -25.56 -35.64
CA VAL B 330 -94.65 -25.02 -36.97
C VAL B 330 -95.98 -24.27 -36.96
N LYS B 331 -95.99 -23.09 -37.57
CA LYS B 331 -97.19 -22.26 -37.64
C LYS B 331 -97.92 -22.50 -38.95
N ASN B 332 -99.24 -22.61 -38.85
CA ASN B 332 -100.08 -22.86 -40.02
C ASN B 332 -100.14 -21.62 -40.91
N VAL B 333 -100.32 -21.86 -42.21
CA VAL B 333 -100.47 -20.79 -43.20
C VAL B 333 -101.63 -21.09 -44.16
N LYS B 334 -102.44 -20.07 -44.47
CA LYS B 334 -103.48 -20.19 -45.47
C LYS B 334 -102.84 -20.54 -46.81
N GLU B 335 -103.09 -21.76 -47.28
CA GLU B 335 -102.44 -22.26 -48.48
C GLU B 335 -103.42 -22.37 -49.65
N GLY B 336 -104.70 -22.43 -49.33
CA GLY B 336 -105.71 -22.47 -50.36
C GLY B 336 -105.89 -23.85 -50.97
N ILE B 337 -106.59 -23.92 -52.10
CA ILE B 337 -106.94 -25.18 -52.71
C ILE B 337 -105.70 -25.88 -53.27
N HIS B 338 -105.79 -27.20 -53.41
CA HIS B 338 -104.72 -27.99 -53.98
C HIS B 338 -105.25 -29.38 -54.29
N PHE B 339 -104.52 -30.12 -55.11
CA PHE B 339 -104.88 -31.48 -55.47
C PHE B 339 -104.16 -32.50 -54.59
N LYS B 340 -104.83 -33.61 -54.27
CA LYS B 340 -104.20 -34.67 -53.49
C LYS B 340 -103.09 -35.31 -54.31
N SER B 341 -103.09 -35.06 -55.61
CA SER B 341 -102.01 -35.48 -56.47
C SER B 341 -102.00 -34.64 -57.76
N SER B 342 -100.81 -34.15 -58.11
CA SER B 342 -100.63 -33.35 -59.31
C SER B 342 -100.88 -34.20 -60.57
N VAL B 343 -100.66 -35.51 -60.47
CA VAL B 343 -100.83 -36.40 -61.61
C VAL B 343 -101.94 -37.40 -61.36
N ILE B 344 -102.70 -37.67 -62.42
CA ILE B 344 -103.77 -38.68 -62.43
C ILE B 344 -103.48 -39.67 -63.56
N SER B 345 -103.76 -40.94 -63.29
CA SER B 345 -103.67 -41.97 -64.30
C SER B 345 -105.05 -42.52 -64.61
N ILE B 346 -105.45 -42.43 -65.87
CA ILE B 346 -106.73 -42.99 -66.34
C ILE B 346 -106.49 -43.95 -67.49
N TYR B 347 -107.06 -45.15 -67.40
CA TYR B 347 -106.90 -46.15 -68.44
C TYR B 347 -108.19 -46.26 -69.26
N VAL B 348 -108.06 -46.06 -70.57
CA VAL B 348 -109.18 -46.19 -71.49
C VAL B 348 -108.83 -47.18 -72.59
N SER B 349 -109.81 -47.51 -73.42
CA SER B 349 -109.60 -48.50 -74.48
C SER B 349 -110.06 -47.97 -75.84
N GLU B 350 -109.42 -48.48 -76.89
CA GLU B 350 -109.71 -48.10 -78.26
C GLU B 350 -110.99 -48.79 -78.76
N SER B 351 -111.36 -49.89 -78.11
CA SER B 351 -112.56 -50.64 -78.47
C SER B 351 -113.84 -50.00 -77.93
N MET B 352 -114.91 -50.10 -78.71
CA MET B 352 -116.21 -49.56 -78.31
C MET B 352 -116.86 -50.39 -77.21
N ASP B 353 -116.36 -51.61 -77.03
CA ASP B 353 -116.98 -52.56 -76.11
C ASP B 353 -116.88 -52.11 -74.66
N ARG B 354 -115.89 -51.28 -74.34
CA ARG B 354 -115.71 -50.77 -72.97
C ARG B 354 -115.72 -49.24 -72.94
N SER B 355 -114.93 -48.62 -73.81
CA SER B 355 -114.86 -47.16 -73.85
C SER B 355 -115.93 -46.61 -74.78
N SER B 356 -116.63 -45.59 -74.31
CA SER B 356 -117.78 -45.04 -75.03
C SER B 356 -117.67 -43.52 -75.12
N LYS B 357 -118.11 -42.98 -76.25
CA LYS B 357 -118.05 -41.54 -76.45
C LYS B 357 -119.08 -40.85 -75.56
N GLY B 358 -118.61 -40.28 -74.46
CA GLY B 358 -119.47 -39.51 -73.57
C GLY B 358 -119.66 -40.15 -72.21
N GLN B 359 -118.86 -41.16 -71.88
CA GLN B 359 -118.91 -41.76 -70.54
C GLN B 359 -117.99 -41.03 -69.56
N ILE B 360 -118.42 -40.96 -68.29
CA ILE B 360 -117.59 -40.42 -67.24
C ILE B 360 -116.42 -41.38 -67.04
N ILE B 361 -115.23 -40.83 -66.81
CA ILE B 361 -114.03 -41.65 -66.68
C ILE B 361 -113.12 -41.18 -65.56
N GLY B 362 -113.60 -40.24 -64.75
CA GLY B 362 -112.84 -39.77 -63.61
C GLY B 362 -113.13 -38.33 -63.25
N ASN B 363 -112.46 -37.85 -62.21
CA ASN B 363 -112.63 -36.47 -61.76
C ASN B 363 -111.29 -35.89 -61.36
N PHE B 364 -111.26 -34.59 -61.09
CA PHE B 364 -110.07 -33.95 -60.56
C PHE B 364 -110.48 -33.01 -59.42
N GLN B 365 -110.99 -33.60 -58.34
CA GLN B 365 -111.54 -32.83 -57.24
C GLN B 365 -110.45 -32.04 -56.53
N ALA B 366 -110.72 -30.76 -56.36
CA ALA B 366 -109.83 -29.86 -55.66
C ALA B 366 -110.20 -29.81 -54.17
N PHE B 367 -109.21 -29.98 -53.32
CA PHE B 367 -109.43 -29.95 -51.88
C PHE B 367 -108.79 -28.71 -51.27
N ASP B 368 -109.41 -28.20 -50.21
CA ASP B 368 -108.83 -27.13 -49.41
C ASP B 368 -107.77 -27.69 -48.48
N GLU B 369 -106.50 -27.41 -48.78
CA GLU B 369 -105.37 -28.03 -48.09
C GLU B 369 -105.43 -27.84 -46.59
N ASP B 370 -106.00 -26.73 -46.15
CA ASP B 370 -106.01 -26.38 -44.74
C ASP B 370 -107.05 -27.20 -43.98
N THR B 371 -108.20 -27.44 -44.59
CA THR B 371 -109.29 -28.14 -43.93
C THR B 371 -109.34 -29.61 -44.30
N GLY B 372 -108.80 -29.95 -45.46
CA GLY B 372 -108.84 -31.32 -45.96
C GLY B 372 -110.12 -31.65 -46.70
N LEU B 373 -111.09 -30.73 -46.64
CA LEU B 373 -112.39 -30.90 -47.30
C LEU B 373 -112.30 -30.60 -48.80
N PRO B 374 -113.30 -31.06 -49.55
CA PRO B 374 -113.38 -30.66 -50.96
C PRO B 374 -113.79 -29.20 -51.10
N ALA B 375 -113.11 -28.47 -51.99
CA ALA B 375 -113.32 -27.03 -52.13
C ALA B 375 -114.02 -26.69 -53.43
N HIS B 376 -114.85 -25.65 -53.38
CA HIS B 376 -115.54 -25.18 -54.55
C HIS B 376 -114.55 -24.51 -55.49
N ALA B 377 -114.55 -24.92 -56.74
CA ALA B 377 -113.66 -24.35 -57.75
C ALA B 377 -114.28 -24.37 -59.13
N ARG B 378 -113.65 -23.65 -60.06
CA ARG B 378 -114.06 -23.68 -61.45
C ARG B 378 -112.97 -24.37 -62.26
N TYR B 379 -113.28 -25.56 -62.77
CA TYR B 379 -112.30 -26.36 -63.47
C TYR B 379 -112.37 -26.07 -64.97
N VAL B 380 -111.23 -26.18 -65.65
CA VAL B 380 -111.16 -25.87 -67.08
C VAL B 380 -110.10 -26.74 -67.77
N LYS B 381 -110.42 -27.18 -68.98
CA LYS B 381 -109.52 -28.04 -69.74
C LYS B 381 -108.31 -27.24 -70.19
N LEU B 382 -107.22 -27.94 -70.53
CA LEU B 382 -105.99 -27.28 -70.98
C LEU B 382 -105.11 -28.21 -71.81
N GLU B 383 -104.62 -27.71 -72.93
CA GLU B 383 -103.69 -28.45 -73.78
C GLU B 383 -104.26 -29.80 -74.22
N ASP B 384 -105.50 -29.79 -74.69
CA ASP B 384 -106.11 -30.96 -75.30
C ASP B 384 -106.00 -30.85 -76.82
N ARG B 385 -104.83 -31.24 -77.33
CA ARG B 385 -104.46 -30.95 -78.71
C ARG B 385 -105.47 -31.47 -79.73
N ASP B 386 -106.14 -32.57 -79.42
CA ASP B 386 -107.07 -33.20 -80.37
C ASP B 386 -108.50 -33.25 -79.81
N ASN B 387 -108.73 -32.52 -78.73
CA ASN B 387 -110.05 -32.44 -78.10
C ASN B 387 -110.66 -33.82 -77.80
N TRP B 388 -110.02 -34.55 -76.89
CA TRP B 388 -110.50 -35.86 -76.46
C TRP B 388 -111.42 -35.82 -75.23
N ILE B 389 -111.52 -34.65 -74.60
CA ILE B 389 -112.15 -34.58 -73.29
C ILE B 389 -113.10 -33.41 -73.13
N SER B 390 -114.10 -33.63 -72.28
CA SER B 390 -114.94 -32.57 -71.78
C SER B 390 -114.86 -32.56 -70.25
N VAL B 391 -114.47 -31.42 -69.68
CA VAL B 391 -114.42 -31.24 -68.23
C VAL B 391 -115.50 -30.27 -67.71
N ASP B 392 -116.34 -30.76 -66.80
CA ASP B 392 -117.38 -29.92 -66.24
C ASP B 392 -116.80 -28.85 -65.33
N SER B 393 -117.14 -27.60 -65.62
CA SER B 393 -116.56 -26.47 -64.89
C SER B 393 -116.89 -26.45 -63.41
N VAL B 394 -117.96 -27.13 -63.02
CA VAL B 394 -118.43 -27.07 -61.64
C VAL B 394 -117.99 -28.29 -60.83
N THR B 395 -118.17 -29.48 -61.40
CA THR B 395 -117.98 -30.71 -60.65
C THR B 395 -116.64 -31.37 -60.94
N SER B 396 -116.01 -30.94 -62.04
CA SER B 396 -114.70 -31.43 -62.44
C SER B 396 -114.75 -32.84 -63.02
N GLU B 397 -115.94 -33.32 -63.35
CA GLU B 397 -116.06 -34.66 -63.89
C GLU B 397 -115.52 -34.69 -65.32
N ILE B 398 -114.80 -35.77 -65.62
CA ILE B 398 -114.12 -35.92 -66.89
C ILE B 398 -114.78 -37.00 -67.75
N LYS B 399 -115.02 -36.68 -69.02
CA LYS B 399 -115.69 -37.64 -69.91
C LYS B 399 -115.17 -37.51 -71.34
N LEU B 400 -115.32 -38.60 -72.11
CA LEU B 400 -114.84 -38.63 -73.47
C LEU B 400 -115.63 -37.70 -74.38
N ALA B 401 -114.94 -37.20 -75.42
CA ALA B 401 -115.57 -36.41 -76.46
C ALA B 401 -115.40 -37.11 -77.81
N LYS B 402 -114.44 -38.03 -77.86
CA LYS B 402 -114.18 -38.82 -79.07
C LYS B 402 -113.74 -40.21 -78.65
N LEU B 403 -113.76 -41.15 -79.58
CA LEU B 403 -113.26 -42.49 -79.30
C LEU B 403 -111.75 -42.45 -79.40
N PRO B 404 -111.06 -42.89 -78.34
CA PRO B 404 -109.59 -42.86 -78.38
C PRO B 404 -108.97 -43.81 -79.40
N ASP B 405 -107.99 -43.30 -80.13
CA ASP B 405 -107.27 -44.09 -81.13
C ASP B 405 -105.80 -44.23 -80.69
N PHE B 406 -105.38 -45.46 -80.42
CA PHE B 406 -104.02 -45.75 -80.01
C PHE B 406 -103.01 -45.34 -81.07
N GLU B 407 -103.43 -45.42 -82.34
CA GLU B 407 -102.54 -45.13 -83.46
C GLU B 407 -102.43 -43.63 -83.76
N SER B 408 -103.13 -42.81 -82.98
CA SER B 408 -103.09 -41.36 -83.16
C SER B 408 -101.66 -40.84 -82.99
N ARG B 409 -101.29 -39.89 -83.82
CA ARG B 409 -99.97 -39.31 -83.74
C ARG B 409 -99.84 -38.54 -82.44
N TYR B 410 -100.98 -38.18 -81.85
CA TYR B 410 -100.99 -37.45 -80.58
C TYR B 410 -100.76 -38.36 -79.39
N VAL B 411 -100.81 -39.67 -79.60
CA VAL B 411 -100.51 -40.62 -78.54
C VAL B 411 -99.04 -40.96 -78.59
N GLN B 412 -98.42 -41.04 -77.41
CA GLN B 412 -97.00 -41.32 -77.27
C GLN B 412 -96.79 -42.36 -76.16
N ASN B 413 -96.02 -43.40 -76.46
CA ASN B 413 -95.71 -44.48 -75.49
C ASN B 413 -96.97 -45.09 -74.93
N GLY B 414 -98.05 -45.05 -75.71
CA GLY B 414 -99.31 -45.63 -75.29
C GLY B 414 -100.03 -44.76 -74.28
N THR B 415 -99.68 -43.48 -74.26
CA THR B 415 -100.30 -42.54 -73.33
C THR B 415 -100.65 -41.24 -74.02
N TYR B 416 -101.69 -40.61 -73.53
CA TYR B 416 -102.20 -39.37 -74.09
C TYR B 416 -102.36 -38.35 -72.96
N THR B 417 -101.61 -37.26 -73.03
CA THR B 417 -101.52 -36.32 -71.93
C THR B 417 -102.41 -35.08 -72.08
N VAL B 418 -103.06 -34.70 -70.98
CA VAL B 418 -103.95 -33.54 -70.96
C VAL B 418 -103.90 -32.85 -69.60
N LYS B 419 -103.75 -31.52 -69.61
CA LYS B 419 -103.72 -30.73 -68.39
C LYS B 419 -105.12 -30.27 -68.00
N ILE B 420 -105.30 -29.96 -66.72
CA ILE B 420 -106.53 -29.37 -66.23
C ILE B 420 -106.21 -28.29 -65.21
N VAL B 421 -107.01 -27.25 -65.15
CA VAL B 421 -106.78 -26.14 -64.23
C VAL B 421 -108.00 -25.88 -63.39
N ALA B 422 -107.78 -25.54 -62.12
CA ALA B 422 -108.85 -25.22 -61.19
C ALA B 422 -108.62 -23.84 -60.58
N ILE B 423 -109.68 -23.03 -60.57
CA ILE B 423 -109.60 -21.67 -60.05
C ILE B 423 -110.51 -21.52 -58.86
N SER B 424 -109.99 -20.92 -57.79
CA SER B 424 -110.74 -20.81 -56.55
C SER B 424 -111.68 -19.62 -56.58
N GLU B 425 -112.66 -19.66 -55.67
CA GLU B 425 -113.54 -18.53 -55.44
C GLU B 425 -112.97 -17.69 -54.30
N ASP B 426 -113.54 -16.50 -54.11
CA ASP B 426 -113.05 -15.55 -53.10
C ASP B 426 -111.64 -15.04 -53.44
N TYR B 427 -111.21 -14.02 -52.71
CA TYR B 427 -109.93 -13.36 -52.96
C TYR B 427 -108.83 -14.04 -52.15
N PRO B 428 -107.67 -14.29 -52.78
CA PRO B 428 -107.23 -14.09 -54.17
C PRO B 428 -107.53 -15.29 -55.07
N ARG B 429 -107.72 -15.09 -56.37
CA ARG B 429 -107.88 -16.22 -57.27
C ARG B 429 -106.58 -17.02 -57.17
N LYS B 430 -106.69 -18.23 -56.61
CA LYS B 430 -105.62 -19.20 -56.67
C LYS B 430 -105.86 -20.10 -57.86
N THR B 431 -104.83 -20.31 -58.67
CA THR B 431 -104.93 -21.17 -59.83
C THR B 431 -103.97 -22.32 -59.71
N ILE B 432 -104.51 -23.53 -59.80
CA ILE B 432 -103.72 -24.74 -59.72
C ILE B 432 -103.92 -25.57 -60.99
N THR B 433 -102.86 -26.26 -61.38
CA THR B 433 -102.86 -27.12 -62.55
C THR B 433 -102.76 -28.60 -62.14
N GLY B 434 -103.48 -29.44 -62.87
CA GLY B 434 -103.40 -30.88 -62.71
C GLY B 434 -102.98 -31.53 -64.01
N THR B 435 -102.59 -32.80 -63.94
CA THR B 435 -102.21 -33.55 -65.13
C THR B 435 -102.91 -34.89 -65.15
N VAL B 436 -103.51 -35.23 -66.30
CA VAL B 436 -104.16 -36.52 -66.50
C VAL B 436 -103.46 -37.31 -67.59
N LEU B 437 -102.87 -38.44 -67.21
CA LEU B 437 -102.18 -39.31 -68.17
C LEU B 437 -103.11 -40.42 -68.61
N ILE B 438 -103.56 -40.36 -69.86
CA ILE B 438 -104.55 -41.30 -70.37
C ILE B 438 -103.86 -42.45 -71.10
N ASN B 439 -103.81 -43.62 -70.47
CA ASN B 439 -103.19 -44.79 -71.07
C ASN B 439 -104.20 -45.56 -71.90
N VAL B 440 -103.93 -45.67 -73.20
CA VAL B 440 -104.87 -46.32 -74.10
C VAL B 440 -104.50 -47.78 -74.39
N GLU B 441 -105.52 -48.65 -74.37
CA GLU B 441 -105.34 -50.05 -74.71
C GLU B 441 -105.22 -50.19 -76.22
N ASP B 442 -104.14 -50.82 -76.68
CA ASP B 442 -103.95 -51.04 -78.10
C ASP B 442 -104.66 -52.32 -78.54
N ILE B 443 -105.68 -52.15 -79.39
CA ILE B 443 -106.40 -53.29 -79.96
C ILE B 443 -106.01 -53.48 -81.41
N ASN B 444 -106.13 -54.71 -81.90
CA ASN B 444 -105.71 -55.03 -83.25
C ASN B 444 -106.78 -54.61 -84.26
N ASP B 445 -106.75 -53.35 -84.66
CA ASP B 445 -107.75 -52.78 -85.57
C ASP B 445 -107.09 -52.19 -86.81
N ASN B 446 -105.88 -52.63 -87.10
CA ASN B 446 -105.18 -52.24 -88.32
C ASN B 446 -104.54 -53.47 -88.95
N CYS B 447 -104.67 -53.60 -90.27
CA CYS B 447 -104.12 -54.75 -90.98
C CYS B 447 -102.91 -54.32 -91.79
N PRO B 448 -101.96 -55.25 -92.00
CA PRO B 448 -100.74 -54.91 -92.76
C PRO B 448 -101.04 -54.56 -94.22
N THR B 449 -100.95 -53.28 -94.54
CA THR B 449 -101.22 -52.80 -95.88
C THR B 449 -99.92 -52.41 -96.55
N LEU B 450 -99.86 -52.55 -97.87
CA LEU B 450 -98.69 -52.11 -98.63
C LEU B 450 -98.67 -50.60 -98.73
N ILE B 451 -97.47 -50.02 -98.67
CA ILE B 451 -97.32 -48.58 -98.73
C ILE B 451 -97.22 -48.10 -100.17
N GLU B 452 -96.56 -48.90 -101.01
CA GLU B 452 -96.46 -48.59 -102.45
C GLU B 452 -96.93 -49.78 -103.27
N PRO B 453 -98.23 -49.83 -103.57
CA PRO B 453 -98.81 -50.93 -104.38
C PRO B 453 -98.47 -50.78 -105.85
N VAL B 454 -98.45 -49.55 -106.35
CA VAL B 454 -98.07 -49.26 -107.72
C VAL B 454 -96.57 -48.99 -107.79
N GLN B 455 -95.88 -49.72 -108.66
CA GLN B 455 -94.44 -49.59 -108.81
C GLN B 455 -94.01 -49.77 -110.27
N THR B 456 -92.78 -49.35 -110.56
CA THR B 456 -92.18 -49.56 -111.87
C THR B 456 -90.69 -49.83 -111.72
N ILE B 457 -90.30 -51.09 -111.88
CA ILE B 457 -88.90 -51.48 -111.75
C ILE B 457 -88.29 -51.62 -113.13
N CYS B 458 -87.01 -51.99 -113.17
CA CYS B 458 -86.30 -52.16 -114.43
C CYS B 458 -86.11 -53.65 -114.74
N HIS B 459 -85.85 -53.95 -116.01
CA HIS B 459 -85.60 -55.32 -116.41
C HIS B 459 -84.22 -55.77 -115.91
N ASP B 460 -83.41 -54.81 -115.48
CA ASP B 460 -82.09 -55.10 -114.92
C ASP B 460 -82.24 -55.59 -113.49
N ALA B 461 -83.36 -55.24 -112.86
CA ALA B 461 -83.63 -55.66 -111.50
C ALA B 461 -83.80 -57.17 -111.45
N GLU B 462 -83.24 -57.79 -110.40
CA GLU B 462 -83.33 -59.23 -110.23
C GLU B 462 -84.38 -59.61 -109.17
N TYR B 463 -84.71 -58.65 -108.32
CA TYR B 463 -85.76 -58.83 -107.33
C TYR B 463 -86.63 -57.57 -107.26
N VAL B 464 -87.76 -57.66 -106.58
CA VAL B 464 -88.59 -56.49 -106.28
C VAL B 464 -88.97 -56.53 -104.82
N ASN B 465 -88.86 -55.38 -104.17
CA ASN B 465 -89.06 -55.30 -102.73
C ASN B 465 -90.45 -54.79 -102.37
N VAL B 466 -91.25 -55.67 -101.78
CA VAL B 466 -92.60 -55.29 -101.34
C VAL B 466 -92.64 -55.15 -99.82
N THR B 467 -93.28 -54.08 -99.35
CA THR B 467 -93.29 -53.75 -97.94
C THR B 467 -94.70 -53.51 -97.45
N ALA B 468 -94.97 -53.94 -96.24
CA ALA B 468 -96.29 -53.77 -95.62
C ALA B 468 -96.19 -52.79 -94.44
N GLU B 469 -97.35 -52.40 -93.92
CA GLU B 469 -97.42 -51.45 -92.81
C GLU B 469 -98.63 -51.76 -91.91
N ASP B 470 -98.35 -52.23 -90.70
CA ASP B 470 -99.37 -52.43 -89.69
C ASP B 470 -99.09 -51.47 -88.54
N LEU B 471 -99.92 -50.43 -88.44
CA LEU B 471 -99.66 -49.32 -87.53
C LEU B 471 -99.94 -49.63 -86.07
N ASP B 472 -100.36 -50.84 -85.77
CA ASP B 472 -100.62 -51.23 -84.39
C ASP B 472 -99.31 -51.45 -83.63
N GLY B 473 -99.36 -51.28 -82.31
CA GLY B 473 -98.23 -51.56 -81.45
C GLY B 473 -98.11 -53.04 -81.17
N HIS B 474 -96.98 -53.45 -80.59
CA HIS B 474 -96.76 -54.85 -80.24
C HIS B 474 -97.85 -55.35 -79.30
N PRO B 475 -98.31 -56.60 -79.49
CA PRO B 475 -97.94 -57.58 -80.51
C PRO B 475 -98.84 -57.55 -81.73
N ASN B 476 -99.71 -56.56 -81.81
CA ASN B 476 -100.76 -56.53 -82.83
C ASN B 476 -100.26 -56.08 -84.19
N SER B 477 -98.94 -56.04 -84.37
CA SER B 477 -98.34 -55.83 -85.68
C SER B 477 -97.33 -56.93 -85.93
N GLY B 478 -96.30 -56.96 -85.08
CA GLY B 478 -95.31 -58.04 -85.06
C GLY B 478 -94.79 -58.42 -86.43
N PRO B 479 -94.34 -59.68 -86.59
CA PRO B 479 -93.92 -60.19 -87.89
C PRO B 479 -95.12 -60.59 -88.78
N PHE B 480 -95.01 -60.32 -90.07
CA PHE B 480 -96.05 -60.72 -91.00
C PHE B 480 -95.69 -62.06 -91.61
N SER B 481 -96.70 -62.74 -92.14
CA SER B 481 -96.49 -63.95 -92.94
C SER B 481 -97.11 -63.72 -94.31
N PHE B 482 -96.26 -63.67 -95.33
CA PHE B 482 -96.68 -63.36 -96.68
C PHE B 482 -97.15 -64.62 -97.41
N SER B 483 -98.09 -64.44 -98.32
CA SER B 483 -98.58 -65.53 -99.13
C SER B 483 -98.98 -65.01 -100.53
N VAL B 484 -98.23 -65.43 -101.54
CA VAL B 484 -98.56 -65.13 -102.94
C VAL B 484 -99.55 -66.17 -103.42
N ILE B 485 -100.69 -65.74 -103.95
CA ILE B 485 -101.78 -66.66 -104.24
C ILE B 485 -101.94 -66.89 -105.75
N ASP B 486 -102.33 -68.11 -106.11
CA ASP B 486 -102.41 -68.52 -107.52
CA ASP B 486 -102.41 -68.52 -107.52
C ASP B 486 -103.68 -68.02 -108.19
N LYS B 487 -103.73 -66.71 -108.44
CA LYS B 487 -104.88 -66.05 -109.04
C LYS B 487 -104.46 -64.92 -109.98
N PRO B 488 -104.53 -65.15 -111.30
CA PRO B 488 -104.98 -66.38 -111.98
C PRO B 488 -103.99 -67.52 -111.79
N PRO B 489 -104.43 -68.77 -112.04
CA PRO B 489 -103.56 -69.93 -111.85
C PRO B 489 -102.24 -69.81 -112.61
N GLY B 490 -101.16 -70.32 -112.02
CA GLY B 490 -99.83 -70.22 -112.60
C GLY B 490 -98.96 -69.17 -111.92
N MET B 491 -99.60 -68.13 -111.38
CA MET B 491 -98.88 -67.03 -110.74
C MET B 491 -98.06 -67.50 -109.54
N ALA B 492 -98.58 -68.48 -108.81
CA ALA B 492 -97.95 -68.92 -107.58
C ALA B 492 -96.57 -69.51 -107.80
N GLU B 493 -96.35 -70.13 -108.96
CA GLU B 493 -95.10 -70.82 -109.21
C GLU B 493 -94.04 -69.88 -109.79
N LYS B 494 -94.47 -68.90 -110.57
CA LYS B 494 -93.51 -68.01 -111.21
C LYS B 494 -93.00 -66.91 -110.27
N TRP B 495 -93.89 -66.35 -109.45
CA TRP B 495 -93.51 -65.34 -108.47
C TRP B 495 -93.15 -66.00 -107.14
N LYS B 496 -91.87 -66.28 -106.94
CA LYS B 496 -91.41 -67.00 -105.77
C LYS B 496 -90.84 -66.08 -104.69
N ILE B 497 -91.06 -66.45 -103.44
CA ILE B 497 -90.46 -65.78 -102.30
C ILE B 497 -88.99 -66.10 -102.25
N ALA B 498 -88.14 -65.07 -102.35
CA ALA B 498 -86.71 -65.26 -102.27
C ALA B 498 -86.25 -65.31 -100.81
N ARG B 499 -86.49 -64.21 -100.10
CA ARG B 499 -86.31 -64.16 -98.66
C ARG B 499 -87.20 -63.06 -98.10
N GLN B 500 -87.73 -63.27 -96.90
CA GLN B 500 -88.65 -62.30 -96.29
C GLN B 500 -88.08 -61.72 -95.00
N GLU B 501 -88.12 -60.39 -94.90
CA GLU B 501 -87.70 -59.70 -93.68
C GLU B 501 -88.84 -59.79 -92.68
N SER B 502 -88.81 -58.92 -91.68
CA SER B 502 -89.83 -58.89 -90.65
C SER B 502 -91.15 -58.33 -91.18
N THR B 503 -91.08 -57.29 -92.00
CA THR B 503 -92.27 -56.59 -92.47
C THR B 503 -92.32 -56.46 -94.00
N SER B 504 -91.34 -57.05 -94.67
CA SER B 504 -91.25 -56.97 -96.12
C SER B 504 -90.72 -58.28 -96.69
N VAL B 505 -90.65 -58.35 -98.02
CA VAL B 505 -90.16 -59.53 -98.70
C VAL B 505 -89.89 -59.17 -100.16
N LEU B 506 -88.94 -59.87 -100.79
CA LEU B 506 -88.66 -59.63 -102.20
C LEU B 506 -88.93 -60.87 -103.05
N LEU B 507 -89.46 -60.63 -104.24
CA LEU B 507 -89.89 -61.68 -105.16
C LEU B 507 -89.07 -61.69 -106.44
N GLN B 508 -88.94 -62.87 -107.05
CA GLN B 508 -88.25 -63.00 -108.32
C GLN B 508 -89.08 -63.86 -109.27
N GLN B 509 -89.45 -63.27 -110.41
CA GLN B 509 -90.22 -63.99 -111.42
C GLN B 509 -89.29 -64.70 -112.40
N SER B 510 -89.64 -65.93 -112.76
CA SER B 510 -88.80 -66.74 -113.64
C SER B 510 -88.83 -66.24 -115.09
N GLU B 511 -90.02 -65.92 -115.59
CA GLU B 511 -90.20 -65.50 -116.98
C GLU B 511 -89.60 -64.10 -117.20
N LYS B 512 -89.99 -63.16 -116.34
CA LYS B 512 -89.39 -61.83 -116.33
C LYS B 512 -89.55 -61.12 -117.68
N LYS B 513 -90.78 -61.07 -118.16
CA LYS B 513 -91.07 -60.37 -119.41
C LYS B 513 -91.42 -58.91 -119.13
N LEU B 514 -91.35 -58.09 -120.16
CA LEU B 514 -91.63 -56.66 -120.05
C LEU B 514 -93.12 -56.35 -120.11
N GLY B 515 -93.69 -55.93 -118.99
CA GLY B 515 -95.09 -55.57 -118.94
C GLY B 515 -95.61 -55.42 -117.52
N ARG B 516 -96.86 -55.02 -117.38
CA ARG B 516 -97.48 -54.86 -116.07
C ARG B 516 -98.02 -56.20 -115.60
N SER B 517 -97.95 -56.45 -114.29
CA SER B 517 -98.42 -57.69 -113.70
C SER B 517 -99.38 -57.39 -112.55
N GLU B 518 -100.35 -58.27 -112.35
CA GLU B 518 -101.24 -58.19 -111.21
C GLU B 518 -100.89 -59.28 -110.21
N ILE B 519 -100.21 -58.89 -109.14
CA ILE B 519 -99.77 -59.84 -108.12
C ILE B 519 -100.57 -59.65 -106.84
N GLN B 520 -101.42 -60.63 -106.53
CA GLN B 520 -102.27 -60.58 -105.36
C GLN B 520 -101.57 -61.26 -104.17
N PHE B 521 -101.67 -60.62 -103.01
CA PHE B 521 -101.08 -61.12 -101.76
C PHE B 521 -102.12 -61.36 -100.69
N LEU B 522 -101.78 -62.20 -99.72
CA LEU B 522 -102.48 -62.19 -98.44
C LEU B 522 -101.45 -62.03 -97.34
N ILE B 523 -101.25 -60.78 -96.92
CA ILE B 523 -100.33 -60.48 -95.85
C ILE B 523 -101.06 -60.57 -94.52
N SER B 524 -100.59 -61.49 -93.69
CA SER B 524 -101.24 -61.79 -92.43
C SER B 524 -100.53 -61.12 -91.26
N ASP B 525 -101.31 -60.74 -90.26
CA ASP B 525 -100.82 -60.09 -89.06
C ASP B 525 -100.05 -61.08 -88.18
N ASN B 526 -99.39 -60.56 -87.15
CA ASN B 526 -98.75 -61.38 -86.15
C ASN B 526 -99.80 -62.12 -85.32
N GLN B 527 -101.00 -61.55 -85.29
CA GLN B 527 -102.14 -62.16 -84.60
C GLN B 527 -102.92 -63.07 -85.55
N GLY B 528 -102.55 -63.03 -86.82
CA GLY B 528 -103.21 -63.82 -87.84
C GLY B 528 -104.21 -63.02 -88.65
N PHE B 529 -104.43 -61.78 -88.23
CA PHE B 529 -105.37 -60.90 -88.92
C PHE B 529 -104.91 -60.57 -90.33
N SER B 530 -105.86 -60.25 -91.20
CA SER B 530 -105.58 -59.89 -92.59
C SER B 530 -106.55 -58.82 -93.03
N CYS B 531 -106.17 -58.06 -94.05
CA CYS B 531 -107.03 -56.98 -94.54
C CYS B 531 -108.33 -57.52 -95.15
N PRO B 532 -109.43 -56.78 -94.94
CA PRO B 532 -110.66 -57.13 -95.64
C PRO B 532 -110.51 -56.84 -97.13
N GLU B 533 -109.64 -55.88 -97.44
CA GLU B 533 -109.33 -55.53 -98.82
C GLU B 533 -108.38 -56.56 -99.42
N LYS B 534 -108.47 -56.76 -100.73
CA LYS B 534 -107.47 -57.56 -101.43
C LYS B 534 -106.19 -56.78 -101.44
N GLN B 535 -105.07 -57.46 -101.22
CA GLN B 535 -103.77 -56.82 -101.23
C GLN B 535 -102.99 -57.13 -102.51
N VAL B 536 -103.08 -56.22 -103.48
CA VAL B 536 -102.49 -56.42 -104.81
C VAL B 536 -101.37 -55.43 -105.13
N LEU B 537 -100.29 -55.96 -105.70
CA LEU B 537 -99.16 -55.17 -106.14
C LEU B 537 -99.16 -55.11 -107.66
N THR B 538 -99.22 -53.89 -108.20
CA THR B 538 -99.16 -53.69 -109.64
C THR B 538 -97.74 -53.35 -110.10
N LEU B 539 -96.99 -54.36 -110.51
CA LEU B 539 -95.59 -54.19 -110.90
C LEU B 539 -95.45 -54.05 -112.42
N THR B 540 -94.89 -52.91 -112.85
CA THR B 540 -94.63 -52.68 -114.28
C THR B 540 -93.13 -52.78 -114.55
N VAL B 541 -92.72 -53.85 -115.22
CA VAL B 541 -91.34 -54.00 -115.64
C VAL B 541 -91.11 -53.24 -116.95
N CYS B 542 -90.29 -52.20 -116.90
CA CYS B 542 -89.99 -51.40 -118.08
C CYS B 542 -88.54 -51.61 -118.51
N GLU B 543 -88.20 -51.10 -119.69
CA GLU B 543 -86.93 -51.40 -120.32
C GLU B 543 -85.74 -50.98 -119.48
N CYS B 544 -85.71 -49.69 -119.11
CA CYS B 544 -84.54 -49.12 -118.46
C CYS B 544 -83.41 -49.07 -119.48
N LEU B 545 -82.49 -48.11 -119.34
CA LEU B 545 -81.32 -48.07 -120.23
C LEU B 545 -80.08 -48.40 -119.39
N HIS B 546 -80.16 -49.57 -118.74
CA HIS B 546 -79.07 -50.09 -117.89
C HIS B 546 -78.56 -49.11 -116.84
N GLY B 547 -79.28 -48.01 -116.64
CA GLY B 547 -78.88 -46.98 -115.70
C GLY B 547 -79.95 -46.72 -114.66
N SER B 548 -81.05 -46.09 -115.10
CA SER B 548 -82.12 -45.68 -114.20
C SER B 548 -83.28 -45.06 -114.95
N GLY B 549 -84.46 -45.11 -114.35
CA GLY B 549 -85.68 -44.63 -114.99
C GLY B 549 -86.10 -45.51 -116.15
N CYS B 550 -87.26 -45.21 -116.72
CA CYS B 550 -87.70 -45.87 -117.94
C CYS B 550 -87.30 -44.99 -119.11
N ARG B 551 -86.75 -45.59 -120.16
CA ARG B 551 -86.12 -44.81 -121.22
C ARG B 551 -87.10 -44.10 -122.17
N GLU B 552 -88.20 -44.78 -122.52
CA GLU B 552 -88.97 -44.40 -123.70
C GLU B 552 -90.42 -43.90 -123.47
N ALA B 553 -90.58 -42.58 -123.56
CA ALA B 553 -91.87 -41.87 -123.73
C ALA B 553 -92.93 -42.11 -122.65
N HIS B 554 -93.92 -42.93 -122.98
CA HIS B 554 -95.18 -43.00 -122.22
C HIS B 554 -95.04 -43.44 -120.76
N HIS B 555 -93.90 -44.02 -120.40
CA HIS B 555 -93.67 -44.44 -119.02
C HIS B 555 -93.45 -43.24 -118.10
N HIS B 556 -93.33 -42.06 -118.70
CA HIS B 556 -93.29 -40.80 -117.96
C HIS B 556 -94.64 -40.10 -118.09
N HIS B 557 -95.22 -39.72 -116.95
CA HIS B 557 -96.53 -39.07 -116.93
C HIS B 557 -96.57 -37.87 -117.87
N HIS B 558 -95.54 -37.04 -117.80
CA HIS B 558 -95.40 -35.90 -118.71
C HIS B 558 -93.93 -35.72 -119.11
N HIS B 559 -93.08 -35.48 -118.12
CA HIS B 559 -91.63 -35.33 -118.28
C HIS B 559 -91.25 -33.92 -118.73
C1 NAG C . 3.98 -15.36 -3.53
C2 NAG C . 3.09 -16.22 -2.64
C3 NAG C . 1.71 -16.34 -3.27
C4 NAG C . 1.20 -15.04 -3.88
C5 NAG C . 2.26 -14.07 -4.40
C6 NAG C . 1.73 -12.65 -4.42
C7 NAG C . 4.18 -18.37 -3.24
C8 NAG C . 4.48 -19.75 -2.75
N2 NAG C . 3.60 -17.55 -2.35
O3 NAG C . 0.78 -16.78 -2.29
O4 NAG C . 0.40 -15.44 -4.99
O5 NAG C . 3.45 -14.08 -3.60
O6 NAG C . 1.35 -12.21 -3.12
O7 NAG C . 4.44 -18.01 -4.39
H1 NAG C . 4.01 -15.75 -4.43
H2 NAG C . 2.98 -15.75 -1.78
H3 NAG C . 1.76 -17.01 -3.97
H4 NAG C . 0.63 -14.59 -3.22
H5 NAG C . 2.50 -14.33 -5.31
H61 NAG C . 0.96 -12.61 -5.01
H62 NAG C . 2.43 -12.06 -4.76
H81 NAG C . 4.89 -20.27 -3.47
H82 NAG C . 5.10 -19.70 -2.00
H83 NAG C . 3.66 -20.19 -2.47
HN2 NAG C . 3.39 -17.91 -1.54
HO3 NAG C . 0.22 -17.37 -2.66
HO4 NAG C . 0.93 -15.71 -5.65
HO6 NAG C . 0.87 -11.46 -3.20
C1 NAG C . -1.00 -15.06 -4.83
C2 NAG C . -1.85 -15.76 -5.89
C3 NAG C . -3.30 -15.29 -5.75
C4 NAG C . -3.78 -15.42 -4.31
C5 NAG C . -2.74 -14.93 -3.28
C6 NAG C . -3.06 -15.33 -1.85
C7 NAG C . -1.15 -14.29 -7.74
C8 NAG C . -0.60 -14.24 -9.14
N2 NAG C . -1.33 -15.52 -7.22
O3 NAG C . -4.16 -16.02 -6.63
O4 NAG C . -4.94 -14.62 -4.15
O5 NAG C . -1.45 -15.47 -3.55
O6 NAG C . -3.43 -16.70 -1.78
O7 NAG C . -1.43 -13.28 -7.11
H1 NAG C . -1.09 -14.09 -4.92
H2 NAG C . -1.83 -16.73 -5.72
H3 NAG C . -3.34 -14.35 -6.01
H4 NAG C . -4.01 -16.36 -4.12
H5 NAG C . -2.70 -13.95 -3.32
H61 NAG C . -2.28 -15.18 -1.29
H62 NAG C . -3.80 -14.79 -1.53
H81 NAG C . 0.27 -14.67 -9.15
H82 NAG C . -1.21 -14.70 -9.75
H83 NAG C . -0.51 -13.30 -9.41
HN2 NAG C . -1.11 -16.24 -7.75
HO3 NAG C . -5.00 -15.92 -6.35
HO4 NAG C . -4.91 -13.94 -4.73
HO6 NAG C . -3.48 -16.96 -0.93
C1 BMA C . -5.87 -15.12 -3.19
C2 BMA C . -6.25 -13.97 -2.16
C3 BMA C . -7.11 -14.58 -1.01
C4 BMA C . -8.29 -15.43 -1.63
C5 BMA C . -7.76 -16.50 -2.68
C6 BMA C . -8.88 -17.30 -3.34
O2 BMA C . -7.08 -12.90 -2.87
O3 BMA C . -7.66 -13.54 -0.13
O4 BMA C . -9.00 -16.12 -0.54
O5 BMA C . -7.08 -15.76 -3.79
O6 BMA C . -8.61 -17.30 -4.83
H1 BMA C . -5.34 -15.92 -2.62
H2 BMA C . -5.32 -13.53 -1.76
H3 BMA C . -6.50 -15.23 -0.38
H4 BMA C . -8.96 -14.74 -2.17
H5 BMA C . -7.06 -17.20 -2.20
H61 BMA C . -9.84 -16.84 -3.08
H62 BMA C . -8.85 -18.32 -2.91
HO2 BMA C . -6.53 -12.11 -2.90
HO3 BMA C . -7.13 -13.59 0.69
HO4 BMA C . -9.86 -15.68 -0.48
C1 NAG D . 34.40 9.12 16.65
C2 NAG D . 35.74 8.83 17.29
C3 NAG D . 36.60 8.22 16.20
C4 NAG D . 35.83 7.06 15.53
C5 NAG D . 34.37 7.39 15.25
C6 NAG D . 33.46 6.21 14.95
C7 NAG D . 36.94 10.06 19.08
C8 NAG D . 37.54 11.36 19.50
N2 NAG D . 36.36 10.03 17.86
O3 NAG D . 37.85 7.79 16.75
O4 NAG D . 36.29 6.71 14.23
O5 NAG D . 33.81 8.00 16.39
O6 NAG D . 33.45 5.26 16.01
O7 NAG D . 36.99 9.07 19.80
H1 NAG D . 34.55 9.61 15.82
H2 NAG D . 35.61 8.18 18.00
H3 NAG D . 36.78 8.90 15.54
H4 NAG D . 35.88 6.27 16.10
H5 NAG D . 34.32 8.02 14.51
H61 NAG D . 32.56 6.53 14.82
H62 NAG D . 33.78 5.77 14.14
H81 NAG D . 37.93 11.28 20.39
H82 NAG D . 38.24 11.62 18.86
H83 NAG D . 36.85 12.05 19.52
HN2 NAG D . 36.36 10.79 17.37
HO3 NAG D . 38.49 8.34 16.48
HO4 NAG D . 36.73 7.40 13.88
HO6 NAG D . 33.07 5.62 16.72
C1 NAG D . 36.68 5.30 14.18
C2 NAG D . 35.66 4.23 14.79
C3 NAG D . 35.45 2.99 13.88
C4 NAG D . 36.62 2.66 12.93
C5 NAG D . 37.53 3.88 12.73
C6 NAG D . 38.29 3.90 11.41
C7 NAG D . 35.01 3.61 17.15
C8 NAG D . 35.60 3.35 18.51
N2 NAG D . 35.91 3.91 16.20
O3 NAG D . 34.23 3.04 13.14
O4 NAG D . 37.40 1.63 13.56
O5 NAG D . 36.79 5.08 12.82
O6 NAG D . 39.68 3.94 11.72
O7 NAG D . 33.79 3.53 16.96
H1 NAG D . 37.56 5.19 14.60
H2 NAG D . 36.52 3.77 14.79
H3 NAG D . 35.37 2.22 14.48
H4 NAG D . 36.28 2.35 12.07
H5 NAG D . 38.19 3.88 13.44
H61 NAG D . 38.08 3.10 10.89
H62 NAG D . 38.04 4.70 10.90
H81 NAG D . 36.07 4.15 18.80
H82 NAG D . 34.88 3.14 19.14
H83 NAG D . 36.22 2.61 18.45
HN2 NAG D . 36.78 3.93 16.46
HO3 NAG D . 33.90 2.23 13.05
HO4 NAG D . 37.28 1.68 14.44
HO6 NAG D . 39.86 4.68 12.18
C1 BMA D . 38.14 0.96 12.50
C2 BMA D . 39.35 0.24 13.11
C3 BMA D . 40.22 -0.25 11.90
C4 BMA D . 39.31 -1.00 10.81
C5 BMA D . 37.98 -0.24 10.43
C6 BMA D . 37.11 -1.05 9.46
O2 BMA D . 38.94 -0.95 13.92
O3 BMA D . 41.36 -1.11 12.38
O4 BMA D . 40.08 -1.17 9.59
O5 BMA D . 37.28 -0.03 11.74
O6 BMA D . 35.64 -1.01 9.86
H1 BMA D . 38.50 1.73 11.80
H2 BMA D . 39.91 0.95 13.73
H3 BMA D . 40.68 0.62 11.41
H4 BMA D . 39.03 -1.98 11.23
H5 BMA D . 38.23 0.73 9.96
H61 BMA D . 37.50 -2.08 9.45
H62 BMA D . 37.27 -0.62 8.46
HO2 BMA D . 39.13 -0.72 14.85
HO3 BMA D . 42.15 -0.55 12.32
HO4 BMA D . 40.41 -2.08 9.61
C1 NAG E . 122.49 30.75 76.67
C2 NAG E . 121.70 30.03 75.51
C3 NAG E . 120.20 30.39 75.52
C4 NAG E . 119.65 30.20 76.91
C5 NAG E . 120.38 31.20 77.76
C6 NAG E . 119.86 31.40 79.16
C7 NAG E . 122.53 31.60 73.80
C8 NAG E . 123.15 31.72 72.44
N2 NAG E . 122.28 30.35 74.22
O3 NAG E . 119.54 29.52 74.61
O4 NAG E . 118.23 30.14 77.11
O5 NAG E . 121.72 30.73 77.87
O6 NAG E . 119.25 30.21 79.63
O7 NAG E . 122.27 32.59 74.49
H1 NAG E . 122.67 31.68 76.41
H2 NAG E . 121.77 29.07 75.65
H3 NAG E . 120.07 31.32 75.24
H4 NAG E . 119.98 29.33 77.20
H5 NAG E . 120.38 32.07 77.30
H61 NAG E . 119.20 32.12 79.16
H62 NAG E . 120.60 31.63 79.75
H81 NAG E . 123.29 32.65 72.24
H82 NAG E . 122.55 31.32 71.78
H83 NAG E . 124.00 31.24 72.44
HN2 NAG E . 122.50 29.65 73.67
HO3 NAG E . 119.89 29.63 73.79
HO4 NAG E . 118.05 29.65 77.83
HO6 NAG E . 118.37 30.27 79.51
C1 NAG E . 117.23 30.35 76.08
C2 NAG E . 116.71 29.02 75.45
C3 NAG E . 115.22 29.10 75.12
C4 NAG E . 114.35 29.41 76.34
C5 NAG E . 115.02 30.41 77.26
C6 NAG E . 115.59 29.78 78.48
C7 NAG E . 117.93 27.54 73.86
C8 NAG E . 117.75 26.41 74.82
N2 NAG E . 117.46 28.74 74.23
O3 NAG E . 114.88 27.81 74.64
O4 NAG E . 113.14 30.05 75.95
O5 NAG E . 116.10 31.12 76.60
O6 NAG E . 116.62 30.63 78.95
O7 NAG E . 118.54 27.40 72.81
H1 NAG E . 117.63 30.87 75.36
H2 NAG E . 116.85 28.30 76.09
H3 NAG E . 115.07 29.77 74.42
H4 NAG E . 114.15 28.60 76.82
H5 NAG E . 114.36 31.07 77.53
H61 NAG E . 115.96 28.90 78.26
H62 NAG E . 114.90 29.70 79.17
H81 NAG E . 118.14 25.60 74.44
H82 NAG E . 116.80 26.27 74.98
H83 NAG E . 118.20 26.62 75.66
HN2 NAG E . 117.56 29.43 73.65
HO3 NAG E . 115.24 27.69 73.84
HO4 NAG E . 113.27 30.92 75.85
HO6 NAG E . 116.49 30.83 79.80
C1 BMA E . 111.97 29.26 75.55
C2 BMA E . 112.09 27.67 75.78
C3 BMA E . 110.94 27.01 75.13
C4 BMA E . 109.57 27.60 75.52
C5 BMA E . 109.58 29.16 75.44
C6 BMA E . 108.28 29.79 76.00
O2 BMA E . 112.02 27.22 77.16
O3 BMA E . 111.00 25.62 75.54
O4 BMA E . 108.51 27.06 74.59
O5 BMA E . 110.73 29.69 76.23
O6 BMA E . 108.58 31.26 76.38
H1 BMA E . 111.83 29.44 74.47
H2 BMA E . 113.02 27.33 75.31
H3 BMA E . 111.04 27.02 74.04
H4 BMA E . 109.36 27.32 76.56
H5 BMA E . 109.68 29.48 74.39
H61 BMA E . 107.49 29.72 75.24
H62 BMA E . 107.97 29.20 76.88
HO2 BMA E . 112.87 26.78 77.33
HO3 BMA E . 111.19 25.11 74.74
HO4 BMA E . 108.00 26.44 75.13
C1 FUC E . 119.94 29.27 80.51
C2 FUC E . 118.72 28.86 81.27
C3 FUC E . 117.76 28.05 80.34
C4 FUC E . 118.46 26.95 79.57
C5 FUC E . 119.71 27.48 78.93
C6 FUC E . 120.51 26.45 78.18
O2 FUC E . 118.07 30.02 81.75
O3 FUC E . 116.65 27.52 81.04
O4 FUC E . 118.75 25.90 80.39
O5 FUC E . 120.58 28.19 79.88
H1 FUC E . 120.68 29.78 81.15
H2 FUC E . 119.01 28.24 82.12
H3 FUC E . 117.37 28.76 79.60
H4 FUC E . 117.80 26.62 78.75
H5 FUC E . 119.36 28.24 78.20
H61 FUC E . 120.81 25.64 78.85
H62 FUC E . 121.40 26.92 77.75
H63 FUC E . 119.92 26.03 77.37
HO2 FUC E . 118.07 29.94 82.73
HO3 FUC E . 115.91 28.13 80.89
HO4 FUC E . 118.63 25.10 79.85
C1 NAG F . 10.45 9.37 -19.06
C2 NAG F . 10.10 10.75 -19.51
C3 NAG F . 10.97 11.77 -18.83
C4 NAG F . 10.84 11.63 -17.32
C5 NAG F . 10.97 10.18 -16.85
C6 NAG F . 10.42 10.01 -15.46
C7 NAG F . 10.75 11.51 -21.86
C8 NAG F . 12.14 11.91 -21.46
N2 NAG F . 9.94 10.95 -20.95
O3 NAG F . 10.49 13.04 -19.23
O4 NAG F . 11.91 12.31 -16.67
O5 NAG F . 10.22 9.25 -17.68
O6 NAG F . 11.00 8.87 -14.83
O7 NAG F . 10.38 11.63 -23.01
H1 NAG F . 11.40 9.21 -19.24
H2 NAG F . 9.20 10.91 -19.13
H3 NAG F . 11.90 11.66 -19.10
H4 NAG F . 9.98 11.99 -17.02
H5 NAG F . 11.91 9.91 -16.86
H61 NAG F . 10.63 10.80 -14.95
H62 NAG F . 9.45 9.90 -15.51
H81 NAG F . 12.62 11.11 -21.15
H82 NAG F . 12.60 12.30 -22.22
H83 NAG F . 12.08 12.56 -20.73
HN2 NAG F . 9.10 10.75 -21.27
HO3 NAG F . 11.08 13.66 -19.03
HO4 NAG F . 12.68 11.96 -16.92
HO6 NAG F . 10.92 8.95 -13.95
C1 NAG F . 11.74 13.53 -15.95
C2 NAG F . 13.16 14.08 -15.88
C3 NAG F . 13.16 15.60 -15.64
C4 NAG F . 11.85 16.12 -15.06
C5 NAG F . 10.61 15.61 -15.78
C6 NAG F . 10.00 16.62 -16.72
C7 NAG F . 13.83 13.49 -13.59
C8 NAG F . 14.81 12.69 -12.75
N2 NAG F . 13.98 13.37 -14.91
O3 NAG F . 13.44 16.28 -16.86
O4 NAG F . 11.76 15.84 -13.66
O5 NAG F . 10.91 14.45 -16.58
O6 NAG F . 10.92 16.96 -17.75
O7 NAG F . 12.97 14.19 -13.08
H1 NAG F . 11.41 13.36 -15.05
H2 NAG F . 13.56 13.93 -16.76
H3 NAG F . 13.88 15.81 -15.01
H4 NAG F . 11.85 17.10 -15.15
H5 NAG F . 9.93 15.36 -15.12
H61 NAG F . 9.77 17.43 -16.22
H62 NAG F . 9.19 16.25 -17.12
H81 NAG F . 15.72 12.98 -12.95
H82 NAG F . 14.71 11.74 -12.95
H83 NAG F . 14.62 12.84 -11.80
HN2 NAG F . 14.65 12.84 -15.22
HO3 NAG F . 14.31 16.25 -17.03
HO4 NAG F . 11.12 16.34 -13.30
HO6 NAG F . 10.54 17.55 -18.30
C1 NAG G . -27.45 -12.63 -25.86
C2 NAG G . -28.19 -11.90 -27.01
C3 NAG G . -28.40 -12.82 -28.24
C4 NAG G . -28.93 -14.21 -27.85
C5 NAG G . -28.42 -14.59 -26.47
C6 NAG G . -28.24 -16.07 -26.25
C7 NAG G . -30.67 -11.42 -26.94
C8 NAG G . -31.72 -10.98 -25.98
N2 NAG G . -29.44 -11.45 -26.43
O3 NAG G . -27.14 -12.99 -28.90
O4 NAG G . -30.35 -14.20 -27.79
O5 NAG G . -27.16 -13.94 -26.24
O6 NAG G . -27.03 -16.56 -26.79
O7 NAG G . -30.92 -11.70 -28.11
H1 NAG G . -28.02 -12.63 -25.07
H2 NAG G . -27.66 -11.12 -27.28
H3 NAG G . -29.03 -12.40 -28.85
H4 NAG G . -28.63 -14.86 -28.51
H5 NAG G . -29.06 -14.26 -25.81
H61 NAG G . -28.99 -16.54 -26.66
H62 NAG G . -28.25 -16.24 -25.29
H81 NAG G . -31.75 -11.59 -25.22
H82 NAG G . -31.52 -10.08 -25.67
H83 NAG G . -32.59 -10.99 -26.43
HN2 NAG G . -29.40 -11.24 -25.54
HO3 NAG G . -27.28 -13.03 -29.77
HO4 NAG G . -30.66 -13.53 -28.29
HO6 NAG G . -26.88 -17.38 -26.48
C1 NAG G . -31.01 -15.49 -27.88
C2 NAG G . -32.41 -15.32 -28.53
C3 NAG G . -33.03 -16.69 -28.79
C4 NAG G . -32.11 -17.51 -29.68
C5 NAG G . -30.81 -17.72 -28.94
C6 NAG G . -29.80 -18.51 -29.74
C7 NAG G . -33.13 -13.80 -26.68
C8 NAG G . -34.31 -13.02 -26.16
N2 NAG G . -33.35 -14.48 -27.80
O3 NAG G . -34.29 -16.49 -29.42
O4 NAG G . -32.71 -18.75 -30.03
O5 NAG G . -30.21 -16.44 -28.67
O6 NAG G . -29.74 -18.01 -31.07
O7 NAG G . -32.05 -13.78 -26.10
H1 NAG G . -31.12 -15.84 -26.97
H2 NAG G . -32.26 -14.91 -29.40
H3 NAG G . -33.17 -17.14 -27.95
H4 NAG G . -31.93 -17.01 -30.50
H5 NAG G . -30.99 -18.19 -28.09
H61 NAG G . -30.06 -19.45 -29.76
H62 NAG G . -28.91 -18.42 -29.33
H81 NAG G . -35.05 -13.64 -25.98
H82 NAG G . -34.07 -12.55 -25.35
H83 NAG G . -34.60 -12.37 -26.83
HN2 NAG G . -34.19 -14.43 -28.15
HO3 NAG G . -34.29 -15.71 -29.86
HO4 NAG G . -33.08 -19.13 -29.32
HO6 NAG G . -29.42 -17.18 -31.06
C1 BMA G . -32.67 -18.95 -31.47
C2 BMA G . -33.79 -18.19 -32.27
C3 BMA G . -33.71 -18.53 -33.79
C4 BMA G . -32.19 -18.41 -34.34
C5 BMA G . -31.25 -19.16 -33.45
C6 BMA G . -29.76 -19.07 -33.96
O2 BMA G . -33.59 -16.66 -32.23
O3 BMA G . -34.65 -17.66 -34.59
O4 BMA G . -32.01 -18.96 -35.68
O5 BMA G . -31.36 -18.57 -32.06
O6 BMA G . -29.37 -20.52 -34.46
H1 BMA G . -32.81 -20.03 -31.66
H2 BMA G . -34.78 -18.46 -31.86
H3 BMA G . -34.05 -19.57 -33.94
H4 BMA G . -31.90 -17.34 -34.30
H5 BMA G . -31.54 -20.22 -33.43
H61 BMA G . -29.69 -18.33 -34.77
H62 BMA G . -29.12 -18.74 -33.13
HO2 BMA G . -34.43 -16.29 -31.89
HO3 BMA G . -35.38 -18.25 -34.85
HO4 BMA G . -32.14 -18.21 -36.28
C1 NAG H . -67.85 -28.69 -34.56
C2 NAG H . -68.11 -28.52 -36.07
C3 NAG H . -68.33 -29.89 -36.77
C4 NAG H . -67.32 -30.95 -36.36
C5 NAG H . -67.28 -31.02 -34.85
C6 NAG H . -66.32 -32.07 -34.33
C7 NAG H . -69.21 -26.35 -36.56
C8 NAG H . -70.50 -25.73 -37.00
N2 NAG H . -69.27 -27.68 -36.36
O3 NAG H . -68.26 -29.67 -38.18
O4 NAG H . -67.81 -32.23 -36.80
O5 NAG H . -66.82 -29.74 -34.35
O6 NAG H . -65.00 -31.52 -34.43
O7 NAG H . -68.19 -25.68 -36.34
H1 NAG H . -68.67 -28.95 -34.11
H2 NAG H . -67.32 -28.11 -36.47
H3 NAG H . -69.22 -30.21 -36.54
H4 NAG H . -66.44 -30.77 -36.73
H5 NAG H . -68.17 -31.21 -34.51
H61 NAG H . -66.38 -32.87 -34.88
H62 NAG H . -66.52 -32.28 -33.41
H81 NAG H . -70.37 -24.77 -37.12
H82 NAG H . -70.78 -26.13 -37.84
H83 NAG H . -71.18 -25.88 -36.32
HN2 NAG H . -70.03 -28.09 -36.59
HO3 NAG H . -68.89 -30.15 -38.58
HO4 NAG H . -68.00 -32.73 -36.09
HO6 NAG H . -64.42 -32.11 -34.10
C1 NAG H . -67.61 -32.89 -38.11
C2 NAG H . -68.27 -34.29 -37.92
C3 NAG H . -68.00 -35.19 -39.13
C4 NAG H . -68.32 -34.49 -40.44
C5 NAG H . -67.65 -33.09 -40.47
C6 NAG H . -67.89 -32.37 -41.79
C7 NAG H . -68.38 -34.91 -35.53
C8 NAG H . -67.63 -35.48 -34.34
N2 NAG H . -67.73 -34.91 -36.71
O3 NAG H . -68.80 -36.37 -38.98
O4 NAG H . -67.75 -35.24 -41.52
O5 NAG H . -68.11 -32.27 -39.37
O6 NAG H . -69.26 -32.44 -42.22
O7 NAG H . -69.55 -34.47 -35.42
H1 NAG H . -66.64 -33.03 -38.23
H2 NAG H . -69.24 -34.18 -37.83
H3 NAG H . -67.06 -35.45 -39.12
H4 NAG H . -69.28 -34.41 -40.57
H5 NAG H . -66.69 -33.22 -40.37
H61 NAG H . -67.65 -31.43 -41.68
H62 NAG H . -67.33 -32.77 -42.48
H81 NAG H . -66.81 -34.96 -34.19
H82 NAG H . -68.18 -35.44 -33.55
H83 NAG H . -67.39 -36.41 -34.51
HN2 NAG H . -66.86 -35.20 -36.72
HO3 NAG H . -68.33 -37.08 -39.20
HO4 NAG H . -68.36 -35.79 -41.86
HO6 NAG H . -69.42 -31.82 -42.83
C1 NAG I . -87.18 -53.68 -98.61
C2 NAG I . -85.96 -54.43 -98.21
C3 NAG I . -85.16 -53.68 -97.15
C4 NAG I . -85.91 -52.56 -96.43
C5 NAG I . -86.97 -51.83 -97.27
C6 NAG I . -86.75 -50.33 -97.33
C7 NAG I . -85.58 -56.86 -97.99
C8 NAG I . -84.35 -56.66 -98.82
N2 NAG I . -86.31 -55.76 -97.74
O3 NAG I . -83.95 -53.18 -97.70
O4 NAG I . -86.48 -53.03 -95.23
O5 NAG I . -86.91 -52.32 -98.60
O6 NAG I . -86.59 -49.87 -98.67
O7 NAG I . -85.90 -57.96 -97.57
H1 NAG I . -87.89 -53.88 -97.99
H2 NAG I . -85.39 -54.53 -99.00
H3 NAG I . -84.92 -54.34 -96.47
H4 NAG I . -85.25 -51.88 -96.19
H5 NAG I . -87.86 -52.01 -96.89
H61 NAG I . -87.52 -49.88 -96.93
H62 NAG I . -85.95 -50.10 -96.82
H81 NAG I . -83.90 -57.52 -98.94
H82 NAG I . -83.75 -56.03 -98.37
H83 NAG I . -84.61 -56.30 -99.70
HN2 NAG I . -87.06 -55.85 -97.23
HO3 NAG I . -84.14 -52.59 -98.34
HO4 NAG I . -87.31 -53.31 -95.38
HO6 NAG I . -86.66 -48.99 -98.68
C1 NAG I . -85.32 -53.16 -94.41
C2 NAG I . -84.82 -51.73 -94.09
C3 NAG I . -85.13 -51.37 -92.64
C4 NAG I . -84.56 -52.40 -91.66
C5 NAG I . -84.50 -53.76 -92.32
C6 NAG I . -84.63 -54.90 -91.34
C7 NAG I . -82.47 -50.73 -94.11
C8 NAG I . -82.89 -49.62 -93.23
N2 NAG I . -83.39 -51.67 -94.41
O3 NAG I . -86.55 -51.37 -92.55
O4 NAG I . -83.27 -52.02 -91.20
O5 NAG I . -85.60 -53.87 -93.22
O6 NAG I . -84.02 -56.10 -91.81
O7 NAG I . -81.32 -50.84 -94.51
H1 NAG I . -84.64 -53.64 -94.91
H2 NAG I . -85.29 -51.11 -94.66
H3 NAG I . -84.78 -50.49 -92.43
H4 NAG I . -85.15 -52.46 -90.89
H5 NAG I . -83.66 -53.85 -92.81
H61 NAG I . -84.21 -54.65 -90.49
H62 NAG I . -85.58 -55.08 -91.18
H81 NAG I . -83.18 -49.97 -92.37
H82 NAG I . -82.14 -49.01 -93.09
H83 NAG I . -83.63 -49.13 -93.64
HN2 NAG I . -83.10 -52.34 -94.97
HO3 NAG I . -86.87 -50.75 -93.09
HO4 NAG I . -83.27 -51.95 -90.32
HO6 NAG I . -83.84 -56.63 -91.12
C1 NAG J . 97.88 37.91 76.24
C2 NAG J . 97.44 37.73 74.75
C3 NAG J . 97.83 36.35 74.24
C4 NAG J . 99.27 36.02 74.56
C5 NAG J . 99.46 35.98 76.05
C6 NAG J . 100.89 35.88 76.46
C7 NAG J . 95.46 38.12 73.38
C8 NAG J . 93.95 38.25 73.26
N2 NAG J . 95.99 37.90 74.60
O3 NAG J . 97.73 36.50 72.82
O4 NAG J . 99.67 34.81 73.95
O5 NAG J . 99.16 37.28 76.50
O6 NAG J . 101.40 37.21 76.38
O7 NAG J . 96.18 38.26 72.42
H1 NAG J . 97.19 37.51 76.83
H2 NAG J . 97.89 38.41 74.22
H3 NAG J . 97.22 35.66 74.56
H4 NAG J . 99.83 36.74 74.21
H5 NAG J . 98.90 35.30 76.48
H61 NAG J . 100.95 35.55 77.38
H62 NAG J . 101.38 35.29 75.86
H81 NAG J . 93.53 37.42 73.57
H82 NAG J . 93.71 38.39 72.33
H83 NAG J . 93.64 38.99 73.80
HN2 NAG J . 95.44 37.79 75.32
HO3 NAG J . 97.55 35.72 72.46
HO4 NAG J . 100.54 34.85 73.75
HO6 NAG J . 101.87 37.39 77.10
C1 NAG K . 59.99 32.77 47.39
C2 NAG K . 60.74 34.11 47.19
C3 NAG K . 62.20 34.06 47.70
C4 NAG K . 62.94 32.77 47.34
C5 NAG K . 61.96 31.66 47.05
C6 NAG K . 62.50 30.26 47.22
C7 NAG K . 61.59 34.52 44.85
C8 NAG K . 61.12 34.85 43.46
N2 NAG K . 60.62 34.48 45.78
O3 NAG K . 62.17 34.20 49.11
O4 NAG K . 63.81 32.97 46.23
O5 NAG K . 60.85 31.82 47.95
O6 NAG K . 61.47 29.29 47.13
O7 NAG K . 62.77 34.33 45.10
H1 NAG K . 59.67 32.44 46.53
H2 NAG K . 60.27 34.79 47.71
H3 NAG K . 62.69 34.81 47.32
H4 NAG K . 63.49 32.51 48.11
H5 NAG K . 61.63 31.77 46.13
H61 NAG K . 63.16 30.10 46.51
H62 NAG K . 62.93 30.20 48.09
H81 NAG K . 61.88 34.86 42.85
H82 NAG K . 60.48 34.18 43.16
H83 NAG K . 60.70 35.73 43.46
HN2 NAG K . 59.77 34.61 45.47
HO3 NAG K . 62.87 34.68 49.37
HO4 NAG K . 64.65 33.08 46.52
HO6 NAG K . 61.83 28.48 47.14
C1 MAN L . 72.21 37.40 95.49
C2 MAN L . 71.06 38.08 96.29
C3 MAN L . 71.20 37.78 97.76
C4 MAN L . 71.70 36.36 97.92
C5 MAN L . 73.16 36.33 97.48
C6 MAN L . 73.72 34.97 97.22
O2 MAN L . 69.78 37.58 95.93
O3 MAN L . 69.97 37.98 98.47
O4 MAN L . 71.61 35.96 99.28
O5 MAN L . 73.34 37.03 96.24
O6 MAN L . 74.35 34.97 95.94
H1 MAN L . 71.85 36.46 95.05
H2 MAN L . 71.12 39.17 96.13
H3 MAN L . 71.93 38.45 98.20
H4 MAN L . 71.11 35.69 97.27
H5 MAN L . 73.77 36.80 98.26
H61 MAN L . 72.90 34.25 97.26
H62 MAN L . 74.42 34.75 98.03
HO2 MAN L . 69.10 38.14 96.32
HO3 MAN L . 69.83 38.94 98.47
HO4 MAN L . 70.69 35.66 99.41
HO6 MAN L . 73.73 34.59 95.32
C1 MAN M . 78.07 37.04 89.53
C2 MAN M . 76.59 36.96 90.12
C3 MAN M . 76.47 35.88 91.17
C4 MAN M . 77.39 34.73 90.83
C5 MAN M . 78.82 35.21 91.04
C6 MAN M . 79.86 34.18 90.71
O2 MAN M . 75.62 36.58 89.10
O3 MAN M . 75.11 35.40 91.32
O4 MAN M . 77.14 33.62 91.67
O5 MAN M . 79.12 36.31 90.18
O6 MAN M . 81.15 34.74 90.98
H1 MAN M . 78.08 36.68 88.50
H2 MAN M . 76.33 37.93 90.56
H3 MAN M . 76.76 36.28 92.14
H4 MAN M . 77.26 34.46 89.76
H5 MAN M . 78.95 35.51 92.09
H61 MAN M . 79.75 33.90 89.65
H62 MAN M . 79.65 33.29 91.32
HO2 MAN M . 75.22 35.74 89.35
HO3 MAN M . 74.58 36.20 91.49
HO4 MAN M . 76.32 33.22 91.34
HO6 MAN M . 81.38 35.31 90.23
C1 MAN N . 82.97 40.30 84.67
C2 MAN N . 81.45 40.67 84.68
C3 MAN N . 80.55 39.56 85.27
C4 MAN N . 81.01 38.19 84.77
C5 MAN N . 82.43 37.98 85.19
C6 MAN N . 82.96 36.60 84.90
O2 MAN N . 80.98 40.85 83.35
O3 MAN N . 79.19 39.78 84.97
O4 MAN N . 80.21 37.15 85.31
O5 MAN N . 83.23 38.92 84.43
O6 MAN N . 84.37 36.61 85.10
H1 MAN N . 83.47 40.80 83.82
H2 MAN N . 81.32 41.59 85.26
H3 MAN N . 80.65 39.57 86.35
H4 MAN N . 80.96 38.18 83.67
H5 MAN N . 82.53 38.19 86.27
H61 MAN N . 82.70 36.34 83.86
H62 MAN N . 82.46 35.90 85.58
HO2 MAN N . 81.35 41.67 83.00
HO3 MAN N . 78.80 38.90 84.87
HO4 MAN N . 79.97 36.58 84.55
HO6 MAN N . 84.66 37.53 85.12
CA CA O . 18.29 2.43 7.22
CA CA P . 17.14 -0.73 9.25
CA CA Q . 19.82 8.07 10.81
CA CA R . 43.81 32.22 37.55
CA CA S . 41.82 35.10 36.35
CA CA T . 48.62 34.17 42.80
CA CA U . 107.56 47.89 85.95
CA CA V . 113.36 46.94 83.17
CA CA W . 62.63 46.52 81.63
CA CA X . 65.81 46.28 79.35
CA CA Y . 107.77 46.84 89.28
C1 EDO Z . 17.85 -34.59 -9.35
O1 EDO Z . 17.76 -33.19 -9.11
C2 EDO Z . 19.14 -34.89 -10.12
O2 EDO Z . 19.20 -34.46 -11.51
H11 EDO Z . 17.86 -35.13 -8.39
H12 EDO Z . 16.98 -34.94 -9.92
HO1 EDO Z . 16.95 -33.00 -8.63
H21 EDO Z . 19.96 -34.44 -9.58
H22 EDO Z . 19.31 -35.97 -10.10
HO2 EDO Z . 20.07 -34.71 -11.88
C1 MAN AA . -104.62 -18.06 -61.54
C2 MAN AA . -105.81 -17.29 -60.85
C3 MAN AA . -106.35 -16.25 -61.76
C4 MAN AA . -105.27 -15.91 -62.77
C5 MAN AA . -105.09 -17.11 -63.72
C6 MAN AA . -104.12 -17.03 -64.94
O2 MAN AA . -105.33 -16.60 -59.69
O3 MAN AA . -106.78 -15.04 -61.13
O4 MAN AA . -105.73 -14.90 -63.49
O5 MAN AA . -104.57 -18.15 -62.96
O6 MAN AA . -104.60 -18.02 -65.86
H1 MAN AA . -103.66 -17.58 -61.27
H2 MAN AA . -106.60 -18.01 -60.59
H3 MAN AA . -107.22 -16.65 -62.31
H4 MAN AA . -104.32 -15.68 -62.26
H5 MAN AA . -106.08 -17.38 -64.10
H61 MAN AA . -103.10 -17.23 -64.60
H62 MAN AA . -104.18 -16.01 -65.35
HO2 MAN AA . -105.40 -15.64 -59.85
HO3 MAN AA . -107.69 -14.90 -61.43
HO4 MAN AA . -106.63 -14.75 -63.17
HO6 MAN AA . -105.40 -17.67 -66.28
C1 MAN BA . -100.54 -24.81 -64.13
C2 MAN BA . -101.13 -23.64 -63.22
C3 MAN BA . -100.95 -22.27 -63.86
C4 MAN BA . -99.86 -22.34 -64.93
C5 MAN BA . -100.38 -23.25 -66.04
C6 MAN BA . -99.47 -23.31 -67.23
O2 MAN BA . -100.45 -23.56 -61.93
O3 MAN BA . -100.63 -21.25 -62.87
O4 MAN BA . -99.59 -21.03 -65.44
O5 MAN BA . -100.45 -24.58 -65.55
O6 MAN BA . -99.31 -24.69 -67.56
H1 MAN BA . -99.50 -25.02 -63.83
H2 MAN BA . -102.20 -23.84 -63.08
H3 MAN BA . -101.87 -21.96 -64.33
H4 MAN BA . -98.96 -22.79 -64.49
H5 MAN BA . -101.37 -22.90 -66.37
H61 MAN BA . -98.51 -22.84 -66.98
H62 MAN BA . -99.94 -22.74 -68.04
HO2 MAN BA . -101.01 -23.06 -61.31
HO3 MAN BA . -101.48 -20.94 -62.53
HO4 MAN BA . -100.45 -20.57 -65.45
HO6 MAN BA . -99.33 -24.77 -68.53
C1 MAN CA . -98.81 -32.37 -64.64
C2 MAN CA . -98.92 -31.55 -63.27
C3 MAN CA . -98.40 -30.14 -63.39
C4 MAN CA . -97.13 -30.13 -64.22
C5 MAN CA . -97.52 -30.51 -65.60
C6 MAN CA . -96.40 -30.38 -66.60
O2 MAN CA . -98.10 -32.15 -62.23
O3 MAN CA . -98.14 -29.54 -62.12
O4 MAN CA . -96.54 -28.85 -64.22
O5 MAN CA . -97.85 -31.90 -65.58
O6 MAN CA . -96.50 -31.52 -67.50
H1 MAN CA . -98.51 -33.41 -64.44
H2 MAN CA . -99.97 -31.53 -62.96
H3 MAN CA . -99.15 -29.52 -63.89
H4 MAN CA . -96.44 -30.89 -63.82
H5 MAN CA . -98.37 -29.90 -65.93
H61 MAN CA . -95.44 -30.38 -66.07
H62 MAN CA . -96.52 -29.43 -67.14
HO2 MAN CA . -97.27 -32.46 -62.62
HO3 MAN CA . -98.93 -29.72 -61.59
HO4 MAN CA . -96.66 -28.52 -63.32
HO6 MAN CA . -96.58 -32.32 -66.95
C1 NAG DA . -91.20 -44.06 -73.71
C2 NAG DA . -90.22 -42.90 -73.53
C3 NAG DA . -88.80 -43.36 -73.90
C4 NAG DA . -88.42 -44.65 -73.17
C5 NAG DA . -89.52 -45.69 -73.30
C6 NAG DA . -89.29 -46.93 -72.46
C7 NAG DA . -91.69 -41.00 -74.08
C8 NAG DA . -91.94 -39.87 -75.01
N2 NAG DA . -90.61 -41.74 -74.33
O3 NAG DA . -87.88 -42.32 -73.58
O4 NAG DA . -87.24 -45.19 -73.75
O5 NAG DA . -90.80 -45.15 -72.89
O6 NAG DA . -88.69 -46.62 -71.20
O7 NAG DA . -92.45 -41.25 -73.13
H1 NAG DA . -91.21 -44.33 -74.65
H2 NAG DA . -90.22 -42.64 -72.59
H3 NAG DA . -88.77 -43.52 -74.86
H4 NAG DA . -88.26 -44.45 -72.23
H5 NAG DA . -89.59 -45.98 -74.23
H61 NAG DA . -88.71 -47.55 -72.94
H62 NAG DA . -90.15 -47.37 -72.29
H81 NAG DA . -92.06 -40.21 -75.93
H82 NAG DA . -92.75 -39.39 -74.75
H83 NAG DA . -91.18 -39.25 -75.00
HN2 NAG DA . -90.09 -41.52 -75.05
HO3 NAG DA . -87.28 -42.24 -74.25
HO4 NAG DA . -86.56 -45.06 -73.21
HO6 NAG DA . -88.76 -47.31 -70.65
CA CA EA . -12.35 -1.88 -18.02
CA CA FA . -17.67 -4.07 -16.04
CA CA GA . -57.62 -21.05 -20.94
CA CA HA . -63.55 -23.38 -24.63
CA CA IA . -106.66 -47.66 -84.78
CA CA JA . -102.49 -55.33 -86.75
CA CA KA . -57.27 -21.76 -16.85
CA CA LA . -101.72 -24.75 -43.97
CA CA MA . -11.59 1.44 -19.80
CA CA NA . -100.02 -27.53 -45.88
CA CA OA . -105.29 -49.87 -82.30
#